data_6WQM
#
_entry.id   6WQM
#
_cell.length_a   68.840
_cell.length_b   228.220
_cell.length_c   71.190
_cell.angle_alpha   90.000
_cell.angle_beta   120.100
_cell.angle_gamma   90.000
#
_symmetry.space_group_name_H-M   'P 1 21 1'
#
loop_
_entity.id
_entity.type
_entity.pdbx_description
1 polymer '2,3,4,5-tetrahydropyridine-2,6-dicarboxylate N-succinyltransferase'
2 non-polymer 'CHLORIDE ION'
3 water water
#
_entity_poly.entity_id   1
_entity_poly.type   'polypeptide(L)'
_entity_poly.pdbx_seq_one_letter_code
;MTDLTQLEMIIEKAFDDRNSINTTTKGEILESVEHALNLLDKGEVRVVKRQKNGKWHVHQWLKKAVLLSFRLNPMQIMTG
GVNGTSWWDKVPSKFSHWQEADFKKADFRSVPGAIVRHSAYIAPNVILMPSFVNLGAFVDEGTMVDTWATVGSCAQIGKH
VHLSGGVGIGGVLEPLQANPTIIEDHCFIGARSEVVEGCIIREGSVLGMGVFIGKSTKIIDRTTGEIFIGEVPPYSVVVP
GSLPGKPLPNGEIGPNLYCAVIVKRVDQKTREKTSINDLLRDGHHHHHH
;
_entity_poly.pdbx_strand_id   A,B,C,D,E,F
#
loop_
_chem_comp.id
_chem_comp.type
_chem_comp.name
_chem_comp.formula
CL non-polymer 'CHLORIDE ION' 'Cl -1'
#
# COMPACT_ATOMS: atom_id res chain seq x y z
N ASP A 3 6.49 8.00 -2.50
CA ASP A 3 6.02 8.63 -1.27
C ASP A 3 4.82 7.96 -0.58
N LEU A 4 3.64 7.90 -1.22
CA LEU A 4 2.49 7.30 -0.55
C LEU A 4 2.70 5.81 -0.35
N THR A 5 3.32 5.14 -1.32
CA THR A 5 3.57 3.71 -1.18
C THR A 5 4.49 3.44 0.00
N GLN A 6 5.60 4.18 0.09
CA GLN A 6 6.54 4.02 1.19
C GLN A 6 5.94 4.46 2.52
N LEU A 7 5.17 5.54 2.52
CA LEU A 7 4.51 5.96 3.75
C LEU A 7 3.58 4.87 4.25
N GLU A 8 2.75 4.31 3.35
CA GLU A 8 1.87 3.23 3.78
C GLU A 8 2.66 2.08 4.38
N MET A 9 3.76 1.70 3.72
CA MET A 9 4.58 0.58 4.20
C MET A 9 5.13 0.83 5.60
N ILE A 10 5.67 2.04 5.84
CA ILE A 10 6.23 2.35 7.14
C ILE A 10 5.17 2.24 8.23
N ILE A 11 3.98 2.81 7.97
CA ILE A 11 2.89 2.78 8.95
C ILE A 11 2.47 1.35 9.23
N GLU A 12 2.23 0.56 8.17
CA GLU A 12 1.68 -0.77 8.36
C GLU A 12 2.67 -1.67 9.08
N LYS A 13 3.95 -1.55 8.74
CA LYS A 13 4.99 -2.28 9.48
C LYS A 13 4.98 -1.86 10.94
N ALA A 14 4.90 -0.55 11.20
CA ALA A 14 4.85 -0.09 12.58
C ALA A 14 3.57 -0.55 13.26
N PHE A 15 2.45 -0.60 12.54
CA PHE A 15 1.20 -1.00 13.19
C PHE A 15 1.26 -2.46 13.66
N ASP A 16 1.89 -3.34 12.87
CA ASP A 16 2.14 -4.72 13.29
C ASP A 16 3.03 -4.79 14.52
N ASP A 17 3.90 -3.80 14.72
CA ASP A 17 4.77 -3.68 15.88
C ASP A 17 4.23 -2.68 16.91
N ARG A 18 2.92 -2.48 16.94
CA ARG A 18 2.34 -1.37 17.69
C ARG A 18 2.56 -1.50 19.19
N ASN A 19 2.72 -2.73 19.68
CA ASN A 19 2.94 -2.94 21.10
C ASN A 19 4.27 -2.37 21.57
N SER A 20 5.27 -2.31 20.69
CA SER A 20 6.55 -1.72 21.06
C SER A 20 6.58 -0.20 20.84
N ILE A 21 5.47 0.40 20.42
CA ILE A 21 5.38 1.84 20.18
C ILE A 21 4.81 2.55 21.40
N ASN A 22 5.43 3.66 21.81
CA ASN A 22 4.91 4.44 22.94
C ASN A 22 5.33 5.89 22.75
N THR A 23 5.29 6.66 23.83
CA THR A 23 5.56 8.09 23.75
C THR A 23 7.04 8.42 23.60
N THR A 24 7.91 7.45 23.80
CA THR A 24 9.34 7.62 23.57
C THR A 24 9.72 7.34 22.11
N THR A 25 8.83 6.71 21.33
CA THR A 25 9.11 6.44 19.92
C THR A 25 9.16 7.73 19.11
N LYS A 26 10.30 7.98 18.47
CA LYS A 26 10.47 9.13 17.58
C LYS A 26 10.82 8.66 16.18
N GLY A 27 11.76 9.32 15.52
CA GLY A 27 12.27 8.83 14.25
C GLY A 27 11.24 8.69 13.14
N GLU A 28 11.51 7.75 12.25
CA GLU A 28 10.76 7.62 11.00
C GLU A 28 9.30 7.26 11.26
N ILE A 29 9.05 6.46 12.29
CA ILE A 29 7.68 6.07 12.64
C ILE A 29 6.89 7.30 13.08
N LEU A 30 7.48 8.13 13.95
CA LEU A 30 6.80 9.34 14.37
C LEU A 30 6.53 10.26 13.19
N GLU A 31 7.56 10.47 12.35
CA GLU A 31 7.41 11.35 11.18
C GLU A 31 6.36 10.82 10.21
N SER A 32 6.34 9.51 9.99
CA SER A 32 5.38 8.96 9.04
C SER A 32 3.96 9.14 9.56
N VAL A 33 3.72 8.88 10.83
CA VAL A 33 2.38 9.06 11.39
C VAL A 33 1.94 10.52 11.29
N GLU A 34 2.82 11.45 11.71
CA GLU A 34 2.48 12.87 11.65
C GLU A 34 2.19 13.31 10.22
N HIS A 35 3.01 12.85 9.28
CA HIS A 35 2.83 13.22 7.88
C HIS A 35 1.47 12.71 7.37
N ALA A 36 1.12 11.47 7.73
CA ALA A 36 -0.15 10.89 7.31
C ALA A 36 -1.33 11.67 7.88
N LEU A 37 -1.23 12.10 9.13
CA LEU A 37 -2.32 12.87 9.72
C LEU A 37 -2.40 14.29 9.16
N ASN A 38 -1.28 14.89 8.78
CA ASN A 38 -1.34 16.18 8.11
C ASN A 38 -2.01 16.05 6.73
N LEU A 39 -1.69 14.98 6.00
CA LEU A 39 -2.36 14.73 4.72
C LEU A 39 -3.87 14.59 4.90
N LEU A 40 -4.28 13.89 5.97
CA LEU A 40 -5.70 13.82 6.33
C LEU A 40 -6.26 15.21 6.63
N ASP A 41 -5.52 16.02 7.40
CA ASP A 41 -6.01 17.34 7.81
C ASP A 41 -6.25 18.28 6.63
N LYS A 42 -5.36 18.28 5.64
CA LYS A 42 -5.58 19.12 4.49
C LYS A 42 -6.45 18.44 3.43
N GLY A 43 -6.96 17.25 3.72
CA GLY A 43 -7.79 16.56 2.75
C GLY A 43 -7.05 16.01 1.55
N GLU A 44 -5.74 15.90 1.62
CA GLU A 44 -5.00 15.36 0.48
C GLU A 44 -5.16 13.85 0.34
N VAL A 45 -5.44 13.15 1.45
CA VAL A 45 -5.92 11.78 1.48
C VAL A 45 -7.16 11.77 2.37
N ARG A 46 -7.95 10.70 2.23
CA ARG A 46 -9.16 10.55 3.02
C ARG A 46 -9.37 9.08 3.34
N VAL A 47 -10.09 8.86 4.44
CA VAL A 47 -10.22 7.52 5.00
C VAL A 47 -10.82 6.54 3.98
N VAL A 48 -11.67 7.04 3.09
CA VAL A 48 -12.38 6.21 2.10
C VAL A 48 -12.14 6.66 0.67
N LYS A 49 -12.29 5.70 -0.23
CA LYS A 49 -12.23 5.95 -1.66
C LYS A 49 -13.52 5.41 -2.27
N ARG A 50 -14.11 6.17 -3.19
CA ARG A 50 -15.31 5.72 -3.87
C ARG A 50 -14.94 4.84 -5.04
N GLN A 51 -15.52 3.65 -5.10
CA GLN A 51 -15.20 2.76 -6.20
C GLN A 51 -16.05 3.06 -7.44
N LYS A 52 -15.70 2.38 -8.53
CA LYS A 52 -16.50 2.46 -9.74
C LYS A 52 -17.90 1.94 -9.50
N ASN A 53 -18.03 0.92 -8.63
CA ASN A 53 -19.33 0.34 -8.32
C ASN A 53 -20.28 1.33 -7.70
N GLY A 54 -19.76 2.41 -7.11
CA GLY A 54 -20.52 3.30 -6.28
C GLY A 54 -20.36 2.99 -4.81
N LYS A 55 -19.63 1.92 -4.49
CA LYS A 55 -19.31 1.50 -3.14
C LYS A 55 -18.05 2.23 -2.64
N TRP A 56 -17.97 2.39 -1.32
CA TRP A 56 -16.84 3.04 -0.66
C TRP A 56 -16.03 2.00 0.10
N HIS A 57 -14.70 2.02 -0.03
CA HIS A 57 -13.88 1.12 0.79
C HIS A 57 -12.84 1.93 1.56
N VAL A 58 -12.49 1.41 2.73
CA VAL A 58 -11.55 2.07 3.63
C VAL A 58 -10.11 1.82 3.17
N HIS A 59 -9.27 2.86 3.33
CA HIS A 59 -7.81 2.81 3.27
C HIS A 59 -7.34 2.52 4.69
N GLN A 60 -7.15 1.24 4.99
CA GLN A 60 -6.92 0.84 6.36
C GLN A 60 -5.65 1.45 6.94
N TRP A 61 -4.63 1.71 6.11
CA TRP A 61 -3.37 2.21 6.66
C TRP A 61 -3.54 3.61 7.27
N LEU A 62 -4.51 4.37 6.80
CA LEU A 62 -4.77 5.69 7.38
C LEU A 62 -5.39 5.58 8.78
N LYS A 63 -6.29 4.60 8.98
CA LYS A 63 -6.81 4.34 10.32
C LYS A 63 -5.70 3.90 11.25
N LYS A 64 -4.77 3.10 10.72
CA LYS A 64 -3.63 2.67 11.51
C LYS A 64 -2.76 3.86 11.92
N ALA A 65 -2.62 4.85 11.03
CA ALA A 65 -1.86 6.04 11.41
C ALA A 65 -2.52 6.73 12.59
N VAL A 66 -3.85 6.90 12.51
CA VAL A 66 -4.60 7.48 13.62
C VAL A 66 -4.39 6.67 14.89
N LEU A 67 -4.52 5.34 14.79
CA LEU A 67 -4.36 4.52 15.99
C LEU A 67 -2.95 4.65 16.58
N LEU A 68 -1.94 4.76 15.73
CA LEU A 68 -0.58 4.87 16.26
C LEU A 68 -0.37 6.20 16.94
N SER A 69 -1.03 7.25 16.46
CA SER A 69 -0.86 8.57 17.07
C SER A 69 -1.35 8.57 18.51
N PHE A 70 -2.31 7.71 18.85
CA PHE A 70 -2.72 7.59 20.26
C PHE A 70 -1.55 7.06 21.10
N ARG A 71 -0.79 6.11 20.55
CA ARG A 71 0.34 5.57 21.28
C ARG A 71 1.51 6.52 21.30
N LEU A 72 1.68 7.30 20.24
CA LEU A 72 2.82 8.19 20.14
C LEU A 72 2.65 9.44 21.00
N ASN A 73 1.42 9.95 21.14
CA ASN A 73 1.42 11.26 21.81
C ASN A 73 1.13 11.15 23.31
N PRO A 74 1.81 11.89 24.17
CA PRO A 74 1.50 11.80 25.61
C PRO A 74 0.25 12.56 25.98
N MET A 75 -0.38 12.10 27.06
CA MET A 75 -1.40 12.90 27.72
C MET A 75 -0.74 14.17 28.26
N GLN A 76 -1.37 15.33 28.02
CA GLN A 76 -0.72 16.58 28.42
C GLN A 76 -1.76 17.64 28.77
N ILE A 77 -1.28 18.63 29.50
CA ILE A 77 -2.07 19.80 29.82
C ILE A 77 -2.37 20.56 28.53
N MET A 78 -3.63 20.88 28.31
CA MET A 78 -4.03 21.75 27.22
C MET A 78 -4.80 22.90 27.86
N THR A 79 -4.33 24.13 27.65
CA THR A 79 -4.88 25.32 28.32
C THR A 79 -6.16 25.82 27.62
N GLY A 80 -6.78 26.82 28.27
CA GLY A 80 -7.89 27.56 27.69
C GLY A 80 -9.26 27.38 28.34
N GLY A 81 -9.34 26.68 29.47
CA GLY A 81 -10.61 26.49 30.15
C GLY A 81 -10.98 27.69 30.99
N VAL A 82 -12.14 27.58 31.63
CA VAL A 82 -12.65 28.69 32.44
C VAL A 82 -11.66 29.04 33.54
N ASN A 83 -11.45 30.34 33.76
CA ASN A 83 -10.60 30.85 34.82
C ASN A 83 -9.17 30.31 34.70
N GLY A 84 -8.76 30.00 33.47
CA GLY A 84 -7.42 29.50 33.21
C GLY A 84 -7.22 28.04 33.52
N THR A 85 -8.27 27.28 33.76
CA THR A 85 -8.14 25.84 33.97
C THR A 85 -7.75 25.16 32.66
N SER A 86 -7.43 23.86 32.77
CA SER A 86 -6.84 23.10 31.67
C SER A 86 -7.69 21.89 31.34
N TRP A 87 -7.37 21.29 30.19
CA TRP A 87 -7.81 19.96 29.81
C TRP A 87 -6.61 19.02 29.80
N TRP A 88 -6.92 17.74 29.63
CA TRP A 88 -5.95 16.66 29.77
C TRP A 88 -6.29 15.63 28.70
N ASP A 89 -5.57 15.69 27.58
CA ASP A 89 -5.86 14.91 26.39
C ASP A 89 -4.54 14.74 25.62
N LYS A 90 -4.58 13.98 24.54
CA LYS A 90 -3.38 13.76 23.74
C LYS A 90 -3.64 13.95 22.24
N VAL A 91 -4.76 14.56 21.88
CA VAL A 91 -5.05 14.87 20.49
C VAL A 91 -5.01 16.38 20.35
N PRO A 92 -4.15 16.92 19.49
CA PRO A 92 -4.07 18.37 19.32
C PRO A 92 -5.26 18.90 18.53
N SER A 93 -5.55 20.19 18.73
CA SER A 93 -6.55 20.84 17.91
C SER A 93 -6.07 20.92 16.45
N LYS A 94 -7.03 20.89 15.52
CA LYS A 94 -6.71 21.22 14.13
C LYS A 94 -6.11 22.63 14.01
N PHE A 95 -6.57 23.55 14.84
CA PHE A 95 -6.20 24.96 14.70
C PHE A 95 -4.91 25.31 15.42
N SER A 96 -4.18 24.32 15.90
CA SER A 96 -2.89 24.58 16.53
C SER A 96 -2.00 25.38 15.59
N HIS A 97 -1.57 26.54 16.07
CA HIS A 97 -0.69 27.50 15.42
C HIS A 97 -1.31 28.17 14.22
N TRP A 98 -2.62 28.03 14.01
CA TRP A 98 -3.25 28.69 12.89
C TRP A 98 -3.31 30.19 13.16
N GLN A 99 -2.95 31.00 12.17
CA GLN A 99 -3.14 32.43 12.27
C GLN A 99 -4.10 32.90 11.19
N GLU A 100 -4.30 34.21 11.12
CA GLU A 100 -5.23 34.79 10.15
C GLU A 100 -5.00 34.20 8.75
N ALA A 101 -3.73 34.11 8.36
CA ALA A 101 -3.36 33.61 7.04
C ALA A 101 -3.77 32.17 6.85
N ASP A 102 -3.67 31.36 7.91
CA ASP A 102 -4.11 29.97 7.80
C ASP A 102 -5.62 29.89 7.61
N PHE A 103 -6.37 30.70 8.36
CA PHE A 103 -7.83 30.71 8.22
C PHE A 103 -8.28 31.24 6.87
N LYS A 104 -7.60 32.27 6.35
CA LYS A 104 -7.93 32.81 5.04
C LYS A 104 -7.64 31.80 3.93
N LYS A 105 -6.51 31.09 4.01
CA LYS A 105 -6.22 30.07 3.01
C LYS A 105 -7.22 28.92 3.08
N ALA A 106 -7.54 28.45 4.29
CA ALA A 106 -8.50 27.36 4.42
C ALA A 106 -9.92 27.75 3.97
N ASP A 107 -10.29 29.03 4.14
CA ASP A 107 -11.51 29.59 3.54
C ASP A 107 -12.79 28.96 4.07
N PHE A 108 -12.80 28.51 5.33
CA PHE A 108 -14.05 28.13 5.96
C PHE A 108 -14.27 29.00 7.19
N ARG A 109 -15.49 28.95 7.69
CA ARG A 109 -15.93 29.79 8.80
C ARG A 109 -15.99 28.95 10.06
N SER A 110 -15.33 29.42 11.11
CA SER A 110 -15.26 28.65 12.35
C SER A 110 -15.82 29.50 13.48
N VAL A 111 -17.06 29.22 13.87
CA VAL A 111 -17.73 30.04 14.89
C VAL A 111 -17.24 29.69 16.29
N PRO A 112 -16.96 30.68 17.14
CA PRO A 112 -16.51 30.37 18.50
C PRO A 112 -17.41 29.36 19.20
N GLY A 113 -16.78 28.30 19.70
CA GLY A 113 -17.46 27.12 20.15
C GLY A 113 -17.19 25.91 19.28
N ALA A 114 -16.71 26.14 18.05
CA ALA A 114 -16.37 25.04 17.16
C ALA A 114 -15.11 24.35 17.65
N ILE A 115 -15.14 23.02 17.60
CA ILE A 115 -14.03 22.20 18.09
C ILE A 115 -13.69 21.21 16.99
N VAL A 116 -12.43 21.21 16.55
CA VAL A 116 -12.00 20.28 15.52
C VAL A 116 -10.62 19.77 15.91
N ARG A 117 -10.50 18.46 16.01
CA ARG A 117 -9.24 17.82 16.28
C ARG A 117 -8.43 17.70 15.00
N HIS A 118 -7.12 17.75 15.15
CA HIS A 118 -6.23 17.58 14.01
C HIS A 118 -6.42 16.20 13.31
N SER A 119 -6.30 16.22 11.97
CA SER A 119 -6.45 15.15 10.97
C SER A 119 -7.85 15.21 10.36
N ALA A 120 -8.71 16.05 10.89
CA ALA A 120 -10.00 16.25 10.24
C ALA A 120 -9.85 17.27 9.14
N TYR A 121 -10.37 16.96 7.97
CA TYR A 121 -10.37 17.89 6.85
C TYR A 121 -11.65 18.69 6.87
N ILE A 122 -11.52 20.01 6.76
CA ILE A 122 -12.63 20.95 6.66
C ILE A 122 -12.45 21.73 5.36
N ALA A 123 -13.41 21.62 4.44
CA ALA A 123 -13.27 22.19 3.11
C ALA A 123 -13.62 23.67 3.07
N PRO A 124 -13.28 24.37 1.98
CA PRO A 124 -13.74 25.74 1.80
C PRO A 124 -15.26 25.85 1.90
N ASN A 125 -15.69 27.01 2.39
CA ASN A 125 -17.09 27.41 2.48
C ASN A 125 -17.89 26.55 3.42
N VAL A 126 -17.23 25.81 4.26
CA VAL A 126 -17.94 25.13 5.34
C VAL A 126 -18.24 26.16 6.44
N ILE A 127 -19.34 25.97 7.15
CA ILE A 127 -19.63 26.74 8.35
C ILE A 127 -19.67 25.77 9.52
N LEU A 128 -18.76 25.94 10.44
CA LEU A 128 -18.78 25.20 11.68
C LEU A 128 -19.43 26.13 12.72
N MET A 129 -20.68 25.87 13.06
CA MET A 129 -21.30 26.45 14.24
C MET A 129 -20.66 25.79 15.46
N PRO A 130 -21.00 26.16 16.70
CA PRO A 130 -20.51 25.37 17.85
C PRO A 130 -20.85 23.91 17.67
N SER A 131 -19.85 23.06 17.65
CA SER A 131 -19.97 21.67 17.20
C SER A 131 -18.63 20.97 17.42
N PHE A 132 -18.60 19.68 17.09
CA PHE A 132 -17.38 18.91 17.29
C PHE A 132 -17.12 18.03 16.07
N VAL A 133 -15.91 18.11 15.54
CA VAL A 133 -15.46 17.26 14.44
C VAL A 133 -14.25 16.46 14.91
N ASN A 134 -14.37 15.13 14.84
CA ASN A 134 -13.40 14.24 15.44
C ASN A 134 -12.34 13.82 14.42
N LEU A 135 -11.40 13.00 14.89
CA LEU A 135 -10.23 12.60 14.12
C LEU A 135 -10.61 11.95 12.80
N GLY A 136 -9.84 12.26 11.75
CA GLY A 136 -10.00 11.59 10.45
C GLY A 136 -11.27 11.93 9.68
N ALA A 137 -12.03 12.93 10.14
CA ALA A 137 -13.26 13.27 9.45
C ALA A 137 -12.99 14.12 8.21
N PHE A 138 -13.96 14.13 7.32
CA PHE A 138 -13.87 14.81 6.04
C PHE A 138 -15.17 15.56 5.85
N VAL A 139 -15.09 16.89 5.78
CA VAL A 139 -16.26 17.73 5.66
C VAL A 139 -16.07 18.56 4.40
N ASP A 140 -16.81 18.20 3.36
CA ASP A 140 -16.56 18.73 2.03
C ASP A 140 -17.23 20.09 1.83
N GLU A 141 -17.04 20.62 0.63
CA GLU A 141 -17.26 22.03 0.35
C GLU A 141 -18.67 22.51 0.65
N GLY A 142 -18.75 23.69 1.28
CA GLY A 142 -20.00 24.39 1.46
C GLY A 142 -20.96 23.77 2.43
N THR A 143 -20.49 22.87 3.27
CA THR A 143 -21.38 22.13 4.15
C THR A 143 -21.60 22.94 5.42
N MET A 144 -22.81 22.86 5.96
CA MET A 144 -23.18 23.52 7.21
C MET A 144 -23.09 22.51 8.33
N VAL A 145 -22.29 22.82 9.36
CA VAL A 145 -22.28 22.01 10.58
C VAL A 145 -22.90 22.88 11.67
N ASP A 146 -24.18 22.63 11.97
CA ASP A 146 -24.97 23.50 12.83
C ASP A 146 -24.71 23.20 14.30
N THR A 147 -25.33 24.03 15.15
CA THR A 147 -24.95 24.09 16.55
C THR A 147 -25.19 22.76 17.25
N TRP A 148 -24.15 22.32 17.99
CA TRP A 148 -24.09 21.07 18.74
C TRP A 148 -24.26 19.84 17.86
N ALA A 149 -23.92 19.93 16.58
CA ALA A 149 -23.76 18.74 15.78
C ALA A 149 -22.41 18.07 16.10
N THR A 150 -22.29 16.79 15.73
CA THR A 150 -21.07 16.05 15.91
C THR A 150 -20.74 15.30 14.63
N VAL A 151 -19.55 15.52 14.10
CA VAL A 151 -19.01 14.71 13.01
C VAL A 151 -18.01 13.77 13.65
N GLY A 152 -18.41 12.49 13.76
CA GLY A 152 -17.65 11.48 14.47
C GLY A 152 -16.41 11.05 13.71
N SER A 153 -15.59 10.25 14.38
CA SER A 153 -14.28 9.92 13.83
C SER A 153 -14.42 9.22 12.48
N CYS A 154 -13.67 9.71 11.50
CA CYS A 154 -13.62 9.21 10.13
C CYS A 154 -14.88 9.48 9.31
N ALA A 155 -15.91 10.15 9.85
CA ALA A 155 -17.12 10.32 9.05
C ALA A 155 -16.81 11.12 7.78
N GLN A 156 -17.48 10.78 6.71
CA GLN A 156 -17.33 11.48 5.44
C GLN A 156 -18.62 12.22 5.15
N ILE A 157 -18.52 13.54 5.06
CA ILE A 157 -19.64 14.44 4.79
C ILE A 157 -19.39 15.10 3.44
N GLY A 158 -20.34 14.93 2.52
CA GLY A 158 -20.17 15.42 1.17
C GLY A 158 -20.34 16.94 1.07
N LYS A 159 -20.31 17.40 -0.18
CA LYS A 159 -20.43 18.82 -0.45
C LYS A 159 -21.87 19.29 -0.23
N HIS A 160 -22.02 20.52 0.25
CA HIS A 160 -23.33 21.20 0.35
C HIS A 160 -24.33 20.37 1.15
N VAL A 161 -23.85 19.76 2.20
CA VAL A 161 -24.66 19.04 3.16
C VAL A 161 -25.10 20.01 4.26
N HIS A 162 -26.31 19.85 4.72
CA HIS A 162 -26.79 20.62 5.85
C HIS A 162 -26.96 19.64 7.01
N LEU A 163 -26.05 19.73 7.99
CA LEU A 163 -26.19 19.01 9.24
C LEU A 163 -26.84 19.96 10.25
N SER A 164 -28.11 19.73 10.53
CA SER A 164 -28.88 20.64 11.38
C SER A 164 -28.46 20.51 12.84
N GLY A 165 -29.14 21.29 13.69
CA GLY A 165 -28.71 21.37 15.08
C GLY A 165 -28.80 20.02 15.77
N GLY A 166 -27.75 19.70 16.54
CA GLY A 166 -27.77 18.48 17.31
C GLY A 166 -27.75 17.21 16.49
N VAL A 167 -27.37 17.29 15.21
CA VAL A 167 -27.29 16.10 14.39
C VAL A 167 -26.01 15.36 14.75
N GLY A 168 -26.10 14.05 14.93
CA GLY A 168 -24.90 13.29 15.16
C GLY A 168 -24.58 12.33 14.04
N ILE A 169 -23.38 12.43 13.49
CA ILE A 169 -22.87 11.48 12.51
C ILE A 169 -21.86 10.61 13.26
N GLY A 170 -22.20 9.34 13.46
CA GLY A 170 -21.45 8.52 14.38
C GLY A 170 -20.08 8.13 13.88
N GLY A 171 -19.13 8.02 14.82
CA GLY A 171 -17.76 7.72 14.46
C GLY A 171 -17.52 6.23 14.27
N VAL A 172 -16.56 5.91 13.42
CA VAL A 172 -16.19 4.55 13.07
C VAL A 172 -14.68 4.48 12.90
N LEU A 173 -13.96 3.93 13.88
CA LEU A 173 -12.53 3.68 13.70
C LEU A 173 -12.28 2.18 13.61
N GLU A 174 -12.31 1.47 14.73
CA GLU A 174 -12.22 0.03 14.56
C GLU A 174 -13.61 -0.58 14.50
N PRO A 175 -13.75 -1.76 13.87
CA PRO A 175 -12.73 -2.56 13.17
C PRO A 175 -12.15 -1.86 11.93
N LEU A 176 -10.90 -2.18 11.60
CA LEU A 176 -10.20 -1.46 10.53
C LEU A 176 -10.95 -1.46 9.21
N GLN A 177 -11.59 -2.59 8.86
CA GLN A 177 -12.26 -2.72 7.59
C GLN A 177 -13.64 -2.04 7.52
N ALA A 178 -14.24 -1.63 8.64
CA ALA A 178 -15.59 -1.10 8.59
C ALA A 178 -15.61 0.31 7.98
N ASN A 179 -16.50 0.53 7.04
CA ASN A 179 -16.68 1.88 6.49
C ASN A 179 -17.15 2.84 7.56
N PRO A 180 -16.68 4.08 7.53
CA PRO A 180 -17.24 5.10 8.41
C PRO A 180 -18.65 5.45 7.97
N THR A 181 -19.32 6.21 8.81
CA THR A 181 -20.58 6.80 8.40
C THR A 181 -20.31 7.75 7.24
N ILE A 182 -21.15 7.70 6.21
CA ILE A 182 -20.96 8.54 5.04
C ILE A 182 -22.26 9.27 4.73
N ILE A 183 -22.15 10.57 4.52
CA ILE A 183 -23.24 11.42 4.06
C ILE A 183 -22.77 12.00 2.73
N GLU A 184 -23.42 11.60 1.64
CA GLU A 184 -23.03 12.02 0.30
C GLU A 184 -23.52 13.43 -0.01
N ASP A 185 -23.14 13.92 -1.20
CA ASP A 185 -23.39 15.31 -1.60
C ASP A 185 -24.87 15.67 -1.52
N HIS A 186 -25.13 16.92 -1.14
CA HIS A 186 -26.43 17.58 -1.15
C HIS A 186 -27.46 16.94 -0.25
N CYS A 187 -27.03 16.24 0.78
CA CYS A 187 -27.97 15.72 1.75
C CYS A 187 -28.34 16.79 2.77
N PHE A 188 -29.60 16.80 3.18
CA PHE A 188 -30.08 17.58 4.30
C PHE A 188 -30.42 16.65 5.45
N ILE A 189 -29.84 16.90 6.62
CA ILE A 189 -30.09 16.08 7.80
C ILE A 189 -30.77 16.97 8.84
N GLY A 190 -32.06 16.72 9.09
CA GLY A 190 -32.83 17.58 9.97
C GLY A 190 -32.42 17.43 11.42
N ALA A 191 -32.82 18.43 12.21
CA ALA A 191 -32.38 18.57 13.59
C ALA A 191 -32.62 17.30 14.40
N ARG A 192 -31.71 17.03 15.33
CA ARG A 192 -31.75 15.89 16.24
C ARG A 192 -31.65 14.53 15.55
N SER A 193 -31.46 14.50 14.22
CA SER A 193 -31.28 13.22 13.57
C SER A 193 -29.93 12.61 13.95
N GLU A 194 -29.81 11.32 13.71
CA GLU A 194 -28.61 10.56 14.06
C GLU A 194 -28.35 9.51 12.99
N VAL A 195 -27.12 9.44 12.51
CA VAL A 195 -26.71 8.43 11.53
C VAL A 195 -25.38 7.84 11.99
N VAL A 196 -25.35 6.56 12.30
CA VAL A 196 -24.24 5.99 13.04
C VAL A 196 -23.75 4.72 12.35
N GLU A 197 -22.69 4.15 12.95
CA GLU A 197 -22.24 2.78 12.72
C GLU A 197 -22.02 2.45 11.25
N GLY A 198 -21.52 3.44 10.49
CA GLY A 198 -21.16 3.17 9.11
C GLY A 198 -22.29 3.08 8.12
N CYS A 199 -23.48 3.57 8.46
CA CYS A 199 -24.55 3.65 7.48
C CYS A 199 -24.22 4.75 6.46
N ILE A 200 -24.82 4.65 5.29
CA ILE A 200 -24.57 5.64 4.26
C ILE A 200 -25.91 6.24 3.81
N ILE A 201 -25.96 7.57 3.75
CA ILE A 201 -27.08 8.31 3.19
C ILE A 201 -26.63 8.83 1.83
N ARG A 202 -27.20 8.26 0.78
CA ARG A 202 -26.81 8.59 -0.59
C ARG A 202 -27.25 10.00 -0.95
N GLU A 203 -26.77 10.47 -2.10
CA GLU A 203 -26.72 11.90 -2.40
C GLU A 203 -28.10 12.49 -2.63
N GLY A 204 -28.27 13.75 -2.17
CA GLY A 204 -29.51 14.47 -2.38
C GLY A 204 -30.66 14.07 -1.49
N SER A 205 -30.43 13.20 -0.50
CA SER A 205 -31.52 12.72 0.33
C SER A 205 -31.82 13.74 1.42
N VAL A 206 -33.05 13.71 1.92
CA VAL A 206 -33.52 14.67 2.91
C VAL A 206 -34.06 13.90 4.09
N LEU A 207 -33.46 14.10 5.27
CA LEU A 207 -33.93 13.50 6.50
C LEU A 207 -34.67 14.54 7.32
N GLY A 208 -35.90 14.22 7.72
CA GLY A 208 -36.66 15.07 8.61
C GLY A 208 -36.05 15.09 10.01
N MET A 209 -36.72 15.81 10.91
CA MET A 209 -36.21 15.89 12.27
C MET A 209 -36.38 14.57 13.00
N GLY A 210 -35.40 14.22 13.83
CA GLY A 210 -35.54 13.07 14.70
C GLY A 210 -35.45 11.75 13.99
N VAL A 211 -34.84 11.70 12.82
CA VAL A 211 -34.63 10.44 12.12
C VAL A 211 -33.38 9.77 12.65
N PHE A 212 -33.52 8.52 13.07
CA PHE A 212 -32.39 7.70 13.52
C PHE A 212 -32.11 6.62 12.49
N ILE A 213 -30.85 6.52 12.06
CA ILE A 213 -30.44 5.50 11.11
C ILE A 213 -29.25 4.77 11.74
N GLY A 214 -29.49 3.53 12.18
CA GLY A 214 -28.45 2.66 12.68
C GLY A 214 -28.28 1.40 11.83
N LYS A 215 -27.31 0.58 12.23
CA LYS A 215 -27.00 -0.63 11.45
C LYS A 215 -28.19 -1.56 11.30
N SER A 216 -28.98 -1.72 12.36
CA SER A 216 -30.13 -2.61 12.27
C SER A 216 -31.44 -1.83 12.35
N THR A 217 -31.56 -0.76 11.57
CA THR A 217 -32.79 0.02 11.52
C THR A 217 -33.51 -0.37 10.24
N LYS A 218 -34.79 -0.70 10.35
CA LYS A 218 -35.59 -0.97 9.17
C LYS A 218 -35.88 0.36 8.48
N ILE A 219 -35.51 0.47 7.21
CA ILE A 219 -35.81 1.64 6.40
C ILE A 219 -36.71 1.17 5.28
N ILE A 220 -37.95 1.64 5.25
CA ILE A 220 -38.95 1.11 4.34
C ILE A 220 -39.49 2.21 3.44
N ASP A 221 -39.55 1.92 2.14
CA ASP A 221 -40.27 2.80 1.21
C ASP A 221 -41.77 2.51 1.34
N ARG A 222 -42.52 3.52 1.82
CA ARG A 222 -43.94 3.31 2.09
C ARG A 222 -44.72 2.97 0.83
N THR A 223 -44.29 3.46 -0.32
CA THR A 223 -45.01 3.21 -1.56
C THR A 223 -44.55 1.91 -2.22
N THR A 224 -43.24 1.62 -2.13
CA THR A 224 -42.65 0.46 -2.77
C THR A 224 -42.70 -0.77 -1.90
N GLY A 225 -42.64 -0.61 -0.59
CA GLY A 225 -42.53 -1.74 0.30
C GLY A 225 -41.12 -2.23 0.45
N GLU A 226 -40.18 -1.65 -0.28
CA GLU A 226 -38.79 -2.07 -0.25
C GLU A 226 -38.17 -1.73 1.11
N ILE A 227 -37.40 -2.67 1.66
CA ILE A 227 -36.72 -2.49 2.93
C ILE A 227 -35.23 -2.35 2.66
N PHE A 228 -34.63 -1.30 3.21
CA PHE A 228 -33.20 -1.06 3.14
C PHE A 228 -32.62 -1.23 4.53
N ILE A 229 -31.37 -1.68 4.58
CA ILE A 229 -30.65 -1.85 5.83
C ILE A 229 -29.32 -1.14 5.69
N GLY A 230 -29.09 -0.14 6.55
CA GLY A 230 -27.83 0.57 6.61
C GLY A 230 -27.60 1.56 5.50
N GLU A 231 -28.60 1.79 4.66
CA GLU A 231 -28.39 2.66 3.52
C GLU A 231 -29.71 3.33 3.15
N VAL A 232 -29.65 4.61 2.85
CA VAL A 232 -30.80 5.35 2.33
C VAL A 232 -30.52 5.62 0.87
N PRO A 233 -31.37 5.15 -0.04
CA PRO A 233 -31.07 5.29 -1.47
C PRO A 233 -31.07 6.75 -1.90
N PRO A 234 -30.50 7.06 -3.07
CA PRO A 234 -30.39 8.46 -3.48
C PRO A 234 -31.74 9.17 -3.59
N TYR A 235 -31.72 10.45 -3.19
CA TYR A 235 -32.85 11.37 -3.31
C TYR A 235 -34.08 10.89 -2.56
N SER A 236 -33.86 10.28 -1.41
CA SER A 236 -34.95 9.85 -0.54
C SER A 236 -35.34 10.95 0.43
N VAL A 237 -36.63 11.05 0.68
CA VAL A 237 -37.20 11.87 1.74
C VAL A 237 -37.55 10.93 2.87
N VAL A 238 -36.96 11.14 4.05
CA VAL A 238 -37.06 10.18 5.14
C VAL A 238 -37.61 10.89 6.36
N VAL A 239 -38.59 10.26 7.01
CA VAL A 239 -39.17 10.76 8.25
C VAL A 239 -39.20 9.62 9.25
N PRO A 240 -39.33 9.94 10.55
CA PRO A 240 -39.47 8.87 11.54
C PRO A 240 -40.85 8.23 11.49
N GLY A 241 -40.91 6.92 11.71
CA GLY A 241 -42.15 6.17 11.71
C GLY A 241 -42.11 4.95 12.59
N SER A 242 -43.04 4.02 12.41
CA SER A 242 -43.09 2.80 13.22
C SER A 242 -43.78 1.68 12.45
N LEU A 243 -43.39 0.46 12.79
CA LEU A 243 -43.96 -0.75 12.22
C LEU A 243 -44.64 -1.56 13.31
N PRO A 244 -45.68 -2.33 12.97
CA PRO A 244 -46.38 -3.12 13.99
C PRO A 244 -45.50 -4.21 14.60
N GLY A 245 -45.80 -4.56 15.84
CA GLY A 245 -45.13 -5.64 16.55
C GLY A 245 -46.02 -6.84 16.82
N LYS A 246 -45.39 -7.87 17.45
CA LYS A 246 -46.10 -9.10 17.81
C LYS A 246 -46.99 -8.86 19.04
N PRO A 247 -48.15 -9.52 19.10
CA PRO A 247 -49.06 -9.33 20.24
C PRO A 247 -48.53 -9.89 21.55
N LEU A 248 -48.98 -9.27 22.67
CA LEU A 248 -48.63 -9.83 23.96
C LEU A 248 -49.49 -11.04 24.26
N PRO A 249 -48.97 -12.01 25.03
CA PRO A 249 -49.73 -13.23 25.33
C PRO A 249 -51.05 -13.01 26.06
N ASN A 250 -51.19 -11.90 26.81
CA ASN A 250 -52.41 -11.62 27.54
C ASN A 250 -53.59 -11.29 26.64
N GLY A 251 -53.37 -11.23 25.33
CA GLY A 251 -54.40 -10.89 24.39
C GLY A 251 -54.36 -9.46 23.90
N GLU A 252 -53.44 -8.65 24.41
CA GLU A 252 -53.33 -7.29 23.91
C GLU A 252 -52.38 -7.26 22.71
N ILE A 253 -52.65 -6.32 21.80
CA ILE A 253 -51.80 -6.12 20.63
C ILE A 253 -50.47 -5.57 21.11
N GLY A 254 -49.38 -5.98 20.46
CA GLY A 254 -48.08 -5.53 20.89
C GLY A 254 -47.79 -4.12 20.46
N PRO A 255 -46.70 -3.56 21.00
CA PRO A 255 -46.32 -2.18 20.65
C PRO A 255 -45.73 -2.09 19.26
N ASN A 256 -45.95 -0.94 18.63
CA ASN A 256 -45.20 -0.67 17.42
C ASN A 256 -43.76 -0.33 17.79
N LEU A 257 -42.84 -0.56 16.85
CA LEU A 257 -41.44 -0.29 17.05
C LEU A 257 -40.96 0.73 16.04
N TYR A 258 -40.03 1.59 16.48
CA TYR A 258 -39.55 2.67 15.62
C TYR A 258 -38.94 2.12 14.34
N CYS A 259 -39.14 2.86 13.25
CA CYS A 259 -38.44 2.58 12.00
C CYS A 259 -38.31 3.89 11.24
N ALA A 260 -37.46 3.86 10.20
CA ALA A 260 -37.33 4.97 9.27
C ALA A 260 -38.18 4.70 8.02
N VAL A 261 -38.86 5.73 7.53
CA VAL A 261 -39.82 5.60 6.45
C VAL A 261 -39.40 6.49 5.29
N ILE A 262 -39.18 5.90 4.12
CA ILE A 262 -38.99 6.66 2.89
C ILE A 262 -40.37 7.00 2.34
N VAL A 263 -40.71 8.29 2.36
CA VAL A 263 -42.00 8.74 1.87
C VAL A 263 -41.93 9.20 0.42
N LYS A 264 -40.75 9.59 -0.07
CA LYS A 264 -40.59 9.99 -1.45
C LYS A 264 -39.20 9.64 -1.91
N ARG A 265 -39.09 9.33 -3.20
CA ARG A 265 -37.80 9.22 -3.89
C ARG A 265 -37.87 10.13 -5.11
N VAL A 266 -37.00 11.15 -5.12
CA VAL A 266 -37.07 12.19 -6.13
C VAL A 266 -35.83 12.11 -7.01
N ASP A 267 -35.50 13.21 -7.70
CA ASP A 267 -34.31 13.28 -8.55
C ASP A 267 -33.69 14.66 -8.42
N GLN A 268 -32.57 14.85 -9.15
CA GLN A 268 -31.80 16.08 -9.00
C GLN A 268 -32.63 17.31 -9.35
N LYS A 269 -33.42 17.22 -10.43
CA LYS A 269 -34.25 18.36 -10.81
C LYS A 269 -35.34 18.61 -9.77
N THR A 270 -35.99 17.55 -9.29
CA THR A 270 -37.01 17.72 -8.26
C THR A 270 -36.40 18.34 -7.01
N ARG A 271 -35.22 17.86 -6.65
CA ARG A 271 -34.56 18.30 -5.44
C ARG A 271 -34.15 19.76 -5.51
N GLU A 272 -33.57 20.19 -6.63
CA GLU A 272 -33.08 21.57 -6.76
C GLU A 272 -34.20 22.59 -6.78
N LYS A 273 -35.36 22.23 -7.32
CA LYS A 273 -36.45 23.20 -7.44
C LYS A 273 -37.32 23.30 -6.20
N THR A 274 -37.42 22.23 -5.42
CA THR A 274 -38.41 22.12 -4.35
C THR A 274 -37.77 22.35 -2.99
N SER A 275 -38.50 23.03 -2.12
CA SER A 275 -38.05 23.34 -0.77
C SER A 275 -37.99 22.10 0.11
N ILE A 276 -37.18 22.19 1.16
CA ILE A 276 -37.08 21.09 2.11
C ILE A 276 -38.43 20.82 2.74
N ASN A 277 -39.13 21.88 3.16
CA ASN A 277 -40.40 21.72 3.84
C ASN A 277 -41.45 21.10 2.93
N ASP A 278 -41.48 21.50 1.64
CA ASP A 278 -42.41 20.86 0.71
C ASP A 278 -42.07 19.40 0.53
N LEU A 279 -40.78 19.06 0.44
CA LEU A 279 -40.40 17.66 0.27
C LEU A 279 -40.85 16.82 1.47
N LEU A 280 -40.86 17.40 2.66
CA LEU A 280 -41.26 16.71 3.89
C LEU A 280 -42.75 16.82 4.18
N ARG A 281 -43.51 17.60 3.42
CA ARG A 281 -44.91 17.87 3.77
C ARG A 281 -45.84 16.72 3.39
N ASP A 282 -45.86 16.33 2.11
CA ASP A 282 -46.84 15.36 1.60
C ASP A 282 -48.28 15.80 1.88
N ASP B 3 -15.15 12.37 60.18
CA ASP B 3 -16.40 11.90 60.76
C ASP B 3 -17.60 12.53 60.07
N LEU B 4 -18.27 11.72 59.24
CA LEU B 4 -19.40 12.18 58.46
C LEU B 4 -20.59 12.53 59.35
N THR B 5 -20.70 11.85 60.50
CA THR B 5 -21.86 12.04 61.38
C THR B 5 -21.98 13.49 61.83
N GLN B 6 -20.87 14.11 62.26
CA GLN B 6 -20.93 15.50 62.69
C GLN B 6 -21.26 16.43 61.53
N LEU B 7 -20.65 16.16 60.37
CA LEU B 7 -20.86 17.00 59.20
C LEU B 7 -22.33 17.00 58.78
N GLU B 8 -22.95 15.82 58.77
CA GLU B 8 -24.37 15.74 58.42
C GLU B 8 -25.22 16.57 59.39
N MET B 9 -24.91 16.46 60.69
CA MET B 9 -25.69 17.17 61.71
C MET B 9 -25.74 18.66 61.44
N ILE B 10 -24.58 19.24 61.14
CA ILE B 10 -24.52 20.67 60.88
C ILE B 10 -25.34 21.03 59.64
N ILE B 11 -25.16 20.26 58.55
CA ILE B 11 -25.84 20.56 57.29
C ILE B 11 -27.35 20.48 57.46
N GLU B 12 -27.83 19.47 58.21
CA GLU B 12 -29.25 19.34 58.48
C GLU B 12 -29.78 20.60 59.16
N LYS B 13 -29.12 21.03 60.24
CA LYS B 13 -29.60 22.17 61.02
C LYS B 13 -29.40 23.47 60.27
N ALA B 14 -28.26 23.63 59.59
CA ALA B 14 -28.01 24.86 58.85
C ALA B 14 -29.00 25.02 57.70
N PHE B 15 -29.35 23.91 57.04
CA PHE B 15 -30.36 23.95 56.00
C PHE B 15 -31.74 24.37 56.53
N ASP B 16 -32.05 24.00 57.77
CA ASP B 16 -33.30 24.45 58.38
C ASP B 16 -33.34 25.98 58.54
N ASP B 17 -32.18 26.61 58.77
CA ASP B 17 -32.09 28.06 58.84
C ASP B 17 -31.55 28.65 57.54
N ARG B 18 -31.84 28.01 56.40
CA ARG B 18 -31.16 28.33 55.17
C ARG B 18 -31.44 29.76 54.69
N ASN B 19 -32.59 30.32 55.05
CA ASN B 19 -32.88 31.68 54.62
C ASN B 19 -31.93 32.70 55.25
N SER B 20 -31.34 32.39 56.39
CA SER B 20 -30.36 33.28 57.01
C SER B 20 -28.96 33.11 56.41
N ILE B 21 -28.78 32.15 55.52
CA ILE B 21 -27.48 31.85 54.92
C ILE B 21 -27.33 32.70 53.66
N ASN B 22 -26.16 33.32 53.49
CA ASN B 22 -25.90 34.21 52.36
C ASN B 22 -24.39 34.25 52.10
N THR B 23 -23.96 35.24 51.32
CA THR B 23 -22.55 35.33 50.94
C THR B 23 -21.67 35.82 52.08
N THR B 24 -22.26 36.39 53.13
CA THR B 24 -21.52 36.82 54.30
C THR B 24 -21.35 35.73 55.35
N THR B 25 -22.12 34.64 55.26
CA THR B 25 -21.99 33.54 56.20
C THR B 25 -20.61 32.90 56.07
N LYS B 26 -19.88 32.82 57.19
CA LYS B 26 -18.60 32.12 57.18
C LYS B 26 -18.63 31.02 58.23
N GLY B 27 -17.54 30.87 58.99
CA GLY B 27 -17.52 29.97 60.12
C GLY B 27 -17.77 28.52 59.77
N GLU B 28 -18.38 27.82 60.73
CA GLU B 28 -18.55 26.38 60.65
C GLU B 28 -19.46 25.99 59.50
N ILE B 29 -20.49 26.79 59.23
CA ILE B 29 -21.43 26.47 58.16
C ILE B 29 -20.72 26.53 56.81
N LEU B 30 -19.98 27.61 56.56
CA LEU B 30 -19.26 27.72 55.31
C LEU B 30 -18.27 26.58 55.13
N GLU B 31 -17.50 26.28 56.18
CA GLU B 31 -16.51 25.22 56.10
C GLU B 31 -17.15 23.85 55.88
N SER B 32 -18.27 23.58 56.55
CA SER B 32 -18.90 22.26 56.44
C SER B 32 -19.42 22.00 55.02
N VAL B 33 -20.07 23.01 54.44
CA VAL B 33 -20.59 22.88 53.08
C VAL B 33 -19.45 22.65 52.10
N GLU B 34 -18.44 23.53 52.14
CA GLU B 34 -17.28 23.39 51.29
C GLU B 34 -16.66 22.00 51.40
N HIS B 35 -16.36 21.58 52.64
CA HIS B 35 -15.77 20.28 52.88
C HIS B 35 -16.61 19.16 52.31
N ALA B 36 -17.93 19.24 52.46
CA ALA B 36 -18.82 18.21 51.91
C ALA B 36 -18.73 18.17 50.39
N LEU B 37 -18.63 19.34 49.74
CA LEU B 37 -18.52 19.36 48.30
C LEU B 37 -17.18 18.79 47.85
N ASN B 38 -16.13 18.93 48.67
CA ASN B 38 -14.86 18.28 48.33
C ASN B 38 -14.96 16.77 48.48
N LEU B 39 -15.64 16.31 49.53
CA LEU B 39 -15.86 14.88 49.68
C LEU B 39 -16.64 14.33 48.49
N LEU B 40 -17.66 15.06 48.04
CA LEU B 40 -18.37 14.67 46.83
C LEU B 40 -17.46 14.68 45.60
N ASP B 41 -16.69 15.76 45.43
CA ASP B 41 -15.82 15.91 44.25
C ASP B 41 -14.85 14.75 44.14
N LYS B 42 -14.40 14.23 45.27
CA LYS B 42 -13.48 13.12 45.34
C LYS B 42 -14.20 11.78 45.29
N GLY B 43 -15.53 11.76 45.30
CA GLY B 43 -16.20 10.48 45.37
C GLY B 43 -16.10 9.79 46.72
N GLU B 44 -15.70 10.51 47.77
CA GLU B 44 -15.65 9.90 49.10
C GLU B 44 -17.04 9.74 49.68
N VAL B 45 -17.97 10.60 49.31
CA VAL B 45 -19.37 10.43 49.61
C VAL B 45 -20.13 10.58 48.30
N ARG B 46 -21.38 10.11 48.30
CA ARG B 46 -22.22 10.22 47.11
C ARG B 46 -23.66 10.46 47.55
N VAL B 47 -24.40 11.18 46.70
CA VAL B 47 -25.74 11.65 47.02
C VAL B 47 -26.69 10.50 47.32
N VAL B 48 -26.52 9.37 46.64
CA VAL B 48 -27.32 8.17 46.88
C VAL B 48 -26.35 6.99 46.93
N LYS B 49 -26.67 6.01 47.80
CA LYS B 49 -25.85 4.81 47.94
C LYS B 49 -26.72 3.57 47.77
N ARG B 50 -26.21 2.58 47.03
CA ARG B 50 -26.94 1.33 46.80
C ARG B 50 -26.78 0.39 47.98
N GLN B 51 -27.92 -0.10 48.51
CA GLN B 51 -27.94 -1.01 49.65
C GLN B 51 -27.70 -2.45 49.19
N LYS B 52 -27.60 -3.35 50.18
CA LYS B 52 -27.36 -4.76 49.91
C LYS B 52 -28.48 -5.35 49.06
N ASN B 53 -29.73 -4.96 49.34
CA ASN B 53 -30.88 -5.47 48.61
C ASN B 53 -30.85 -5.07 47.14
N GLY B 54 -30.04 -4.08 46.79
CA GLY B 54 -30.06 -3.50 45.46
C GLY B 54 -30.85 -2.22 45.40
N LYS B 55 -31.46 -1.81 46.50
CA LYS B 55 -32.17 -0.55 46.55
C LYS B 55 -31.21 0.60 46.82
N TRP B 56 -31.56 1.77 46.31
CA TRP B 56 -30.75 2.98 46.46
C TRP B 56 -31.42 3.93 47.46
N HIS B 57 -30.63 4.42 48.40
CA HIS B 57 -31.10 5.31 49.45
C HIS B 57 -30.37 6.64 49.42
N VAL B 58 -31.14 7.74 49.53
CA VAL B 58 -30.58 9.07 49.42
C VAL B 58 -30.06 9.51 50.79
N HIS B 59 -28.86 10.11 50.79
CA HIS B 59 -28.34 10.82 51.95
C HIS B 59 -28.65 12.29 51.74
N GLN B 60 -29.78 12.75 52.30
CA GLN B 60 -30.32 14.07 51.95
C GLN B 60 -29.36 15.21 52.29
N TRP B 61 -28.52 15.05 53.30
CA TRP B 61 -27.64 16.15 53.71
C TRP B 61 -26.66 16.55 52.62
N LEU B 62 -26.35 15.65 51.69
CA LEU B 62 -25.48 16.02 50.56
C LEU B 62 -26.21 16.91 49.57
N LYS B 63 -27.49 16.63 49.29
CA LYS B 63 -28.29 17.54 48.47
C LYS B 63 -28.42 18.89 49.14
N LYS B 64 -28.61 18.89 50.46
CA LYS B 64 -28.72 20.15 51.20
C LYS B 64 -27.43 20.96 51.13
N ALA B 65 -26.28 20.28 51.19
CA ALA B 65 -25.01 20.98 51.06
C ALA B 65 -24.87 21.67 49.70
N VAL B 66 -25.25 20.98 48.62
CA VAL B 66 -25.23 21.59 47.28
C VAL B 66 -26.14 22.81 47.25
N LEU B 67 -27.37 22.67 47.76
CA LEU B 67 -28.31 23.79 47.75
C LEU B 67 -27.78 24.95 48.57
N LEU B 68 -27.11 24.65 49.67
CA LEU B 68 -26.57 25.71 50.52
C LEU B 68 -25.41 26.43 49.84
N SER B 69 -24.67 25.73 48.98
CA SER B 69 -23.54 26.37 48.28
C SER B 69 -24.00 27.49 47.36
N PHE B 70 -25.23 27.41 46.83
CA PHE B 70 -25.79 28.49 46.04
C PHE B 70 -25.95 29.78 46.84
N ARG B 71 -26.30 29.68 48.12
CA ARG B 71 -26.43 30.88 48.94
C ARG B 71 -25.08 31.40 49.39
N LEU B 72 -24.11 30.51 49.60
CA LEU B 72 -22.82 30.90 50.12
C LEU B 72 -21.95 31.57 49.06
N ASN B 73 -21.98 31.06 47.84
CA ASN B 73 -20.97 31.62 46.98
C ASN B 73 -21.52 32.80 46.19
N PRO B 74 -20.74 33.85 46.01
CA PRO B 74 -21.20 34.99 45.22
C PRO B 74 -21.09 34.75 43.72
N MET B 75 -21.97 35.44 42.98
CA MET B 75 -21.82 35.57 41.54
C MET B 75 -20.50 36.25 41.22
N GLN B 76 -19.78 35.73 40.22
CA GLN B 76 -18.44 36.24 39.98
C GLN B 76 -18.05 36.21 38.51
N ILE B 77 -17.11 37.09 38.16
CA ILE B 77 -16.51 37.03 36.86
C ILE B 77 -15.69 35.75 36.77
N MET B 78 -15.91 34.99 35.71
CA MET B 78 -15.13 33.80 35.40
C MET B 78 -14.58 33.99 33.99
N THR B 79 -13.26 33.98 33.87
CA THR B 79 -12.59 34.31 32.62
C THR B 79 -12.58 33.09 31.70
N GLY B 80 -12.09 33.29 30.48
CA GLY B 80 -11.86 32.18 29.57
C GLY B 80 -12.74 32.14 28.36
N GLY B 81 -13.60 33.15 28.15
CA GLY B 81 -14.49 33.20 27.02
C GLY B 81 -13.84 33.77 25.78
N VAL B 82 -14.63 33.78 24.70
CA VAL B 82 -14.11 34.17 23.40
C VAL B 82 -13.60 35.61 23.47
N ASN B 83 -12.42 35.85 22.89
CA ASN B 83 -11.81 37.19 22.83
C ASN B 83 -11.56 37.78 24.22
N GLY B 84 -11.36 36.91 25.20
CA GLY B 84 -11.13 37.37 26.55
C GLY B 84 -12.36 37.82 27.30
N THR B 85 -13.56 37.56 26.78
CA THR B 85 -14.77 37.85 27.53
C THR B 85 -14.89 36.89 28.70
N SER B 86 -15.90 37.10 29.53
CA SER B 86 -16.07 36.44 30.81
C SER B 86 -17.42 35.72 30.88
N TRP B 87 -17.54 34.88 31.90
CA TRP B 87 -18.82 34.35 32.33
C TRP B 87 -19.18 34.89 33.70
N TRP B 88 -20.40 34.59 34.14
CA TRP B 88 -20.96 35.20 35.36
C TRP B 88 -21.78 34.13 36.08
N ASP B 89 -21.19 33.51 37.09
CA ASP B 89 -21.75 32.34 37.76
C ASP B 89 -21.11 32.25 39.14
N LYS B 90 -21.62 31.30 39.94
CA LYS B 90 -21.11 31.09 41.29
C LYS B 90 -20.73 29.64 41.59
N VAL B 91 -20.55 28.80 40.57
CA VAL B 91 -20.13 27.43 40.77
C VAL B 91 -18.79 27.24 40.07
N PRO B 92 -17.72 26.91 40.80
CA PRO B 92 -16.41 26.73 40.18
C PRO B 92 -16.31 25.41 39.41
N SER B 93 -15.38 25.40 38.46
CA SER B 93 -15.07 24.15 37.77
C SER B 93 -14.42 23.17 38.73
N LYS B 94 -14.61 21.88 38.44
CA LYS B 94 -13.85 20.86 39.16
C LYS B 94 -12.36 21.06 39.00
N PHE B 95 -11.90 21.55 37.83
CA PHE B 95 -10.48 21.59 37.53
C PHE B 95 -9.80 22.87 38.03
N SER B 96 -10.48 23.68 38.82
CA SER B 96 -9.87 24.86 39.44
C SER B 96 -8.61 24.48 40.19
N HIS B 97 -7.49 25.09 39.78
CA HIS B 97 -6.15 24.88 40.33
C HIS B 97 -5.56 23.51 40.01
N TRP B 98 -6.20 22.74 39.12
CA TRP B 98 -5.64 21.44 38.78
C TRP B 98 -4.42 21.59 37.91
N GLN B 99 -3.36 20.88 38.26
CA GLN B 99 -2.10 20.87 37.56
C GLN B 99 -1.94 19.50 36.91
N GLU B 100 -0.86 19.33 36.15
CA GLU B 100 -0.56 18.01 35.57
C GLU B 100 -0.58 16.92 36.65
N ALA B 101 0.02 17.19 37.82
CA ALA B 101 0.05 16.19 38.89
C ALA B 101 -1.36 15.81 39.33
N ASP B 102 -2.28 16.80 39.37
CA ASP B 102 -3.67 16.51 39.74
C ASP B 102 -4.34 15.62 38.71
N PHE B 103 -4.13 15.91 37.42
CA PHE B 103 -4.71 15.10 36.34
C PHE B 103 -4.13 13.69 36.33
N LYS B 104 -2.82 13.56 36.61
CA LYS B 104 -2.20 12.23 36.69
C LYS B 104 -2.84 11.40 37.80
N LYS B 105 -3.09 12.03 38.96
CA LYS B 105 -3.71 11.31 40.07
C LYS B 105 -5.13 10.89 39.73
N ALA B 106 -5.92 11.81 39.18
CA ALA B 106 -7.32 11.48 38.87
C ALA B 106 -7.42 10.40 37.80
N ASP B 107 -6.47 10.36 36.86
CA ASP B 107 -6.34 9.23 35.93
C ASP B 107 -7.56 9.11 35.00
N PHE B 108 -8.25 10.22 34.71
CA PHE B 108 -9.24 10.22 33.64
C PHE B 108 -8.83 11.19 32.55
N ARG B 109 -9.52 11.08 31.42
CA ARG B 109 -9.22 11.86 30.22
C ARG B 109 -10.31 12.91 30.03
N SER B 110 -9.90 14.16 29.88
CA SER B 110 -10.81 15.30 29.74
C SER B 110 -10.46 16.02 28.44
N VAL B 111 -11.30 15.80 27.43
CA VAL B 111 -11.08 16.32 26.08
C VAL B 111 -11.45 17.80 26.07
N PRO B 112 -10.66 18.67 25.43
CA PRO B 112 -11.03 20.09 25.33
C PRO B 112 -12.47 20.25 24.87
N GLY B 113 -13.23 21.00 25.68
CA GLY B 113 -14.66 21.09 25.56
C GLY B 113 -15.41 20.46 26.73
N ALA B 114 -14.77 19.55 27.46
CA ALA B 114 -15.42 18.94 28.62
C ALA B 114 -15.61 20.00 29.70
N ILE B 115 -16.78 19.98 30.34
CA ILE B 115 -17.15 20.95 31.38
C ILE B 115 -17.66 20.20 32.59
N VAL B 116 -17.01 20.40 33.75
CA VAL B 116 -17.40 19.68 34.97
C VAL B 116 -17.42 20.65 36.16
N ARG B 117 -18.55 20.72 36.84
CA ARG B 117 -18.63 21.57 38.02
C ARG B 117 -18.08 20.86 39.23
N HIS B 118 -17.53 21.65 40.16
CA HIS B 118 -17.04 21.11 41.42
C HIS B 118 -18.15 20.42 42.20
N SER B 119 -17.79 19.29 42.82
CA SER B 119 -18.59 18.37 43.63
C SER B 119 -19.01 17.18 42.78
N ALA B 120 -18.78 17.24 41.48
CA ALA B 120 -19.01 16.08 40.65
C ALA B 120 -17.78 15.17 40.73
N TYR B 121 -18.01 13.88 40.99
CA TYR B 121 -16.95 12.89 41.03
C TYR B 121 -16.75 12.25 39.65
N ILE B 122 -15.50 12.21 39.21
CA ILE B 122 -15.13 11.53 37.96
C ILE B 122 -14.09 10.47 38.30
N ALA B 123 -14.42 9.22 38.02
CA ALA B 123 -13.59 8.10 38.43
C ALA B 123 -12.44 7.89 37.45
N PRO B 124 -11.43 7.10 37.85
CA PRO B 124 -10.35 6.76 36.92
C PRO B 124 -10.85 6.09 35.65
N ASN B 125 -10.10 6.33 34.58
CA ASN B 125 -10.31 5.72 33.27
C ASN B 125 -11.64 6.15 32.61
N VAL B 126 -12.24 7.22 33.09
CA VAL B 126 -13.37 7.84 32.40
C VAL B 126 -12.88 8.67 31.22
N ILE B 127 -13.70 8.76 30.18
CA ILE B 127 -13.41 9.67 29.06
C ILE B 127 -14.52 10.71 28.98
N LEU B 128 -14.14 11.97 29.21
CA LEU B 128 -15.04 13.10 29.05
C LEU B 128 -14.78 13.72 27.68
N MET B 129 -15.68 13.45 26.74
CA MET B 129 -15.77 14.19 25.48
C MET B 129 -16.32 15.58 25.80
N PRO B 130 -16.40 16.49 24.82
CA PRO B 130 -17.08 17.75 25.12
C PRO B 130 -18.47 17.45 25.64
N SER B 131 -18.77 17.91 26.86
CA SER B 131 -19.94 17.46 27.60
C SER B 131 -20.04 18.31 28.86
N PHE B 132 -21.10 18.06 29.63
CA PHE B 132 -21.36 18.81 30.84
C PHE B 132 -21.72 17.85 31.97
N VAL B 133 -21.03 17.97 33.10
CA VAL B 133 -21.34 17.20 34.29
C VAL B 133 -21.63 18.18 35.42
N ASN B 134 -22.84 18.08 35.98
CA ASN B 134 -23.36 19.07 36.91
C ASN B 134 -23.05 18.67 38.35
N LEU B 135 -23.47 19.53 39.28
CA LEU B 135 -23.13 19.38 40.70
C LEU B 135 -23.60 18.04 41.24
N GLY B 136 -22.79 17.45 42.12
CA GLY B 136 -23.13 16.25 42.85
C GLY B 136 -23.20 14.96 42.05
N ALA B 137 -22.79 14.98 40.78
CA ALA B 137 -22.88 13.76 39.99
C ALA B 137 -21.73 12.82 40.34
N PHE B 138 -21.92 11.55 39.98
CA PHE B 138 -20.95 10.51 40.28
C PHE B 138 -20.79 9.65 39.03
N VAL B 139 -19.61 9.66 38.43
CA VAL B 139 -19.33 8.94 37.19
C VAL B 139 -18.21 7.94 37.45
N ASP B 140 -18.56 6.66 37.51
CA ASP B 140 -17.65 5.63 38.00
C ASP B 140 -16.69 5.11 36.92
N GLU B 141 -15.74 4.27 37.38
CA GLU B 141 -14.64 3.61 36.66
C GLU B 141 -14.91 3.32 35.19
N GLY B 142 -14.08 3.84 34.29
CA GLY B 142 -14.10 3.40 32.89
C GLY B 142 -15.29 3.82 32.05
N THR B 143 -16.06 4.81 32.48
CA THR B 143 -17.26 5.18 31.75
C THR B 143 -16.94 6.17 30.65
N MET B 144 -17.64 6.06 29.53
CA MET B 144 -17.50 7.03 28.45
C MET B 144 -18.64 8.03 28.50
N VAL B 145 -18.31 9.31 28.56
CA VAL B 145 -19.27 10.40 28.44
C VAL B 145 -19.02 11.07 27.09
N ASP B 146 -19.82 10.72 26.08
CA ASP B 146 -19.55 11.11 24.69
C ASP B 146 -20.05 12.53 24.36
N THR B 147 -19.78 12.97 23.14
CA THR B 147 -19.86 14.40 22.80
C THR B 147 -21.28 14.97 22.95
N TRP B 148 -21.34 16.12 23.62
CA TRP B 148 -22.59 16.82 23.98
C TRP B 148 -23.51 15.95 24.84
N ALA B 149 -22.96 15.00 25.61
CA ALA B 149 -23.75 14.36 26.65
C ALA B 149 -23.84 15.28 27.88
N THR B 150 -24.85 15.02 28.72
CA THR B 150 -25.09 15.78 29.94
C THR B 150 -25.36 14.80 31.07
N VAL B 151 -24.59 14.89 32.14
CA VAL B 151 -24.87 14.17 33.37
C VAL B 151 -25.38 15.22 34.35
N GLY B 152 -26.68 15.21 34.61
CA GLY B 152 -27.30 16.23 35.42
C GLY B 152 -26.99 16.06 36.92
N SER B 153 -27.48 17.02 37.69
CA SER B 153 -27.12 17.10 39.10
C SER B 153 -27.46 15.83 39.84
N CYS B 154 -26.52 15.38 40.67
CA CYS B 154 -26.61 14.25 41.57
C CYS B 154 -26.72 12.91 40.86
N ALA B 155 -26.72 12.90 39.53
CA ALA B 155 -26.90 11.65 38.81
C ALA B 155 -25.78 10.66 39.11
N GLN B 156 -26.12 9.38 39.10
CA GLN B 156 -25.16 8.30 39.32
C GLN B 156 -24.97 7.51 38.04
N ILE B 157 -23.73 7.47 37.56
CA ILE B 157 -23.37 6.68 36.39
C ILE B 157 -22.40 5.59 36.85
N GLY B 158 -22.79 4.34 36.63
CA GLY B 158 -22.01 3.21 37.12
C GLY B 158 -20.75 2.97 36.31
N LYS B 159 -20.06 1.89 36.66
CA LYS B 159 -18.81 1.55 36.00
C LYS B 159 -19.03 1.03 34.58
N HIS B 160 -18.10 1.39 33.70
CA HIS B 160 -18.08 0.88 32.33
C HIS B 160 -19.42 1.12 31.62
N VAL B 161 -19.95 2.31 31.82
CA VAL B 161 -21.15 2.76 31.16
C VAL B 161 -20.76 3.48 29.89
N HIS B 162 -21.55 3.32 28.83
CA HIS B 162 -21.34 4.11 27.63
C HIS B 162 -22.52 5.07 27.50
N LEU B 163 -22.27 6.35 27.74
CA LEU B 163 -23.23 7.41 27.45
C LEU B 163 -22.92 7.98 26.05
N SER B 164 -23.74 7.63 25.06
CA SER B 164 -23.46 8.00 23.67
C SER B 164 -23.69 9.49 23.43
N GLY B 165 -23.46 9.92 22.19
CA GLY B 165 -23.51 11.34 21.89
C GLY B 165 -24.91 11.90 22.12
N GLY B 166 -24.95 13.09 22.70
CA GLY B 166 -26.22 13.75 22.90
C GLY B 166 -27.12 13.11 23.90
N VAL B 167 -26.59 12.23 24.76
CA VAL B 167 -27.39 11.59 25.79
C VAL B 167 -27.62 12.54 26.95
N GLY B 168 -28.85 12.62 27.41
CA GLY B 168 -29.15 13.39 28.60
C GLY B 168 -29.55 12.50 29.75
N ILE B 169 -28.84 12.63 30.87
CA ILE B 169 -29.20 12.00 32.14
C ILE B 169 -29.72 13.13 33.01
N GLY B 170 -31.01 13.11 33.30
CA GLY B 170 -31.65 14.28 33.88
C GLY B 170 -31.24 14.52 35.32
N GLY B 171 -31.16 15.80 35.68
CA GLY B 171 -30.75 16.15 37.01
C GLY B 171 -31.89 16.07 38.00
N VAL B 172 -31.54 15.76 39.24
CA VAL B 172 -32.48 15.60 40.35
C VAL B 172 -31.82 16.18 41.58
N LEU B 173 -32.28 17.35 42.01
CA LEU B 173 -31.91 17.92 43.31
C LEU B 173 -33.14 17.92 44.21
N GLU B 174 -34.10 18.80 43.97
CA GLU B 174 -35.34 18.68 44.71
C GLU B 174 -36.35 17.85 43.94
N PRO B 175 -37.32 17.20 44.62
CA PRO B 175 -37.49 17.11 46.08
C PRO B 175 -36.36 16.32 46.75
N LEU B 176 -36.06 16.70 48.00
CA LEU B 176 -34.92 16.12 48.71
C LEU B 176 -35.01 14.59 48.84
N GLN B 177 -36.22 14.05 49.03
CA GLN B 177 -36.34 12.60 49.21
C GLN B 177 -36.17 11.83 47.90
N ALA B 178 -36.17 12.51 46.77
CA ALA B 178 -36.14 11.86 45.47
C ALA B 178 -34.78 11.25 45.16
N ASN B 179 -34.79 10.00 44.72
CA ASN B 179 -33.58 9.41 44.17
C ASN B 179 -33.18 10.18 42.91
N PRO B 180 -31.90 10.47 42.72
CA PRO B 180 -31.48 11.05 41.45
C PRO B 180 -31.60 9.99 40.37
N THR B 181 -31.44 10.42 39.11
CA THR B 181 -31.39 9.49 38.01
C THR B 181 -30.17 8.58 38.16
N ILE B 182 -30.37 7.30 37.91
CA ILE B 182 -29.32 6.30 38.11
C ILE B 182 -29.18 5.45 36.86
N ILE B 183 -27.94 5.32 36.38
CA ILE B 183 -27.54 4.39 35.33
C ILE B 183 -26.58 3.42 35.98
N GLU B 184 -27.00 2.16 36.14
CA GLU B 184 -26.16 1.19 36.82
C GLU B 184 -25.05 0.68 35.89
N ASP B 185 -24.20 -0.19 36.44
CA ASP B 185 -22.99 -0.65 35.76
C ASP B 185 -23.29 -1.30 34.42
N HIS B 186 -22.36 -1.09 33.48
CA HIS B 186 -22.32 -1.80 32.20
C HIS B 186 -23.54 -1.53 31.32
N CYS B 187 -24.18 -0.38 31.50
CA CYS B 187 -25.28 0.00 30.61
C CYS B 187 -24.76 0.70 29.37
N PHE B 188 -25.39 0.41 28.23
CA PHE B 188 -25.15 1.14 27.01
C PHE B 188 -26.36 2.05 26.77
N ILE B 189 -26.11 3.34 26.67
CA ILE B 189 -27.16 4.33 26.44
C ILE B 189 -26.94 4.91 25.05
N GLY B 190 -27.84 4.58 24.12
CA GLY B 190 -27.67 4.96 22.73
C GLY B 190 -27.82 6.45 22.51
N ALA B 191 -27.32 6.91 21.37
CA ALA B 191 -27.30 8.36 21.11
C ALA B 191 -28.69 8.96 21.17
N ARG B 192 -28.75 10.22 21.60
CA ARG B 192 -29.96 11.03 21.72
C ARG B 192 -30.95 10.50 22.75
N SER B 193 -30.62 9.43 23.46
CA SER B 193 -31.53 8.95 24.50
C SER B 193 -31.54 9.91 25.68
N GLU B 194 -32.58 9.80 26.49
CA GLU B 194 -32.75 10.69 27.63
C GLU B 194 -33.37 9.90 28.78
N VAL B 195 -32.74 9.96 29.95
CA VAL B 195 -33.23 9.33 31.16
C VAL B 195 -33.21 10.39 32.24
N VAL B 196 -34.39 10.75 32.76
CA VAL B 196 -34.54 11.93 33.58
C VAL B 196 -35.35 11.59 34.84
N GLU B 197 -35.51 12.61 35.68
CA GLU B 197 -36.52 12.62 36.74
C GLU B 197 -36.41 11.41 37.67
N GLY B 198 -35.19 10.98 37.95
CA GLY B 198 -34.94 9.96 38.94
C GLY B 198 -35.26 8.54 38.52
N CYS B 199 -35.43 8.28 37.23
CA CYS B 199 -35.59 6.91 36.79
C CYS B 199 -34.27 6.17 36.91
N ILE B 200 -34.36 4.84 36.98
CA ILE B 200 -33.17 3.99 37.12
C ILE B 200 -33.15 2.99 35.97
N ILE B 201 -31.98 2.84 35.36
CA ILE B 201 -31.71 1.82 34.36
C ILE B 201 -30.85 0.78 35.04
N ARG B 202 -31.44 -0.39 35.31
CA ARG B 202 -30.73 -1.42 36.06
C ARG B 202 -29.61 -2.02 35.21
N GLU B 203 -28.66 -2.66 35.90
CA GLU B 203 -27.34 -2.86 35.35
C GLU B 203 -27.37 -3.80 34.13
N GLY B 204 -26.38 -3.62 33.26
CA GLY B 204 -26.28 -4.42 32.06
C GLY B 204 -27.27 -4.09 30.96
N SER B 205 -28.07 -3.04 31.12
CA SER B 205 -29.09 -2.77 30.12
C SER B 205 -28.50 -2.05 28.90
N VAL B 206 -29.19 -2.18 27.77
CA VAL B 206 -28.78 -1.59 26.51
C VAL B 206 -29.97 -0.82 25.96
N LEU B 207 -29.82 0.49 25.87
CA LEU B 207 -30.85 1.34 25.28
C LEU B 207 -30.38 1.73 23.88
N GLY B 208 -31.25 1.51 22.89
CA GLY B 208 -30.97 1.95 21.54
C GLY B 208 -31.03 3.47 21.43
N MET B 209 -30.89 3.95 20.21
CA MET B 209 -30.95 5.38 19.97
C MET B 209 -32.38 5.90 20.15
N GLY B 210 -32.50 7.11 20.70
CA GLY B 210 -33.79 7.77 20.79
C GLY B 210 -34.72 7.22 21.84
N VAL B 211 -34.20 6.55 22.86
CA VAL B 211 -35.03 6.07 23.96
C VAL B 211 -35.22 7.22 24.94
N PHE B 212 -36.47 7.57 25.21
CA PHE B 212 -36.79 8.56 26.22
C PHE B 212 -37.46 7.83 27.37
N ILE B 213 -36.91 7.99 28.58
CA ILE B 213 -37.46 7.36 29.79
C ILE B 213 -37.59 8.44 30.86
N GLY B 214 -38.83 8.83 31.15
CA GLY B 214 -39.14 9.74 32.23
C GLY B 214 -39.98 9.04 33.29
N LYS B 215 -40.32 9.81 34.33
CA LYS B 215 -41.06 9.26 35.46
C LYS B 215 -42.41 8.69 35.04
N SER B 216 -43.08 9.34 34.08
CA SER B 216 -44.37 8.86 33.62
C SER B 216 -44.28 8.30 32.21
N THR B 217 -43.30 7.44 31.96
CA THR B 217 -43.15 6.76 30.67
C THR B 217 -43.49 5.29 30.83
N LYS B 218 -44.41 4.80 29.99
CA LYS B 218 -44.76 3.40 29.98
C LYS B 218 -43.65 2.59 29.31
N ILE B 219 -43.12 1.60 30.02
CA ILE B 219 -42.10 0.70 29.50
C ILE B 219 -42.71 -0.69 29.45
N ILE B 220 -42.81 -1.27 28.27
CA ILE B 220 -43.55 -2.52 28.07
C ILE B 220 -42.59 -3.60 27.59
N ASP B 221 -42.65 -4.76 28.24
CA ASP B 221 -41.93 -5.95 27.78
C ASP B 221 -42.72 -6.56 26.63
N ARG B 222 -42.12 -6.59 25.44
CA ARG B 222 -42.87 -6.98 24.24
C ARG B 222 -43.39 -8.40 24.35
N THR B 223 -42.67 -9.27 25.04
CA THR B 223 -43.08 -10.66 25.20
C THR B 223 -43.92 -10.88 26.46
N THR B 224 -43.65 -10.14 27.54
CA THR B 224 -44.34 -10.37 28.81
C THR B 224 -45.63 -9.56 28.96
N GLY B 225 -45.70 -8.36 28.41
CA GLY B 225 -46.83 -7.49 28.69
C GLY B 225 -46.67 -6.67 29.95
N GLU B 226 -45.58 -6.84 30.69
CA GLU B 226 -45.36 -6.11 31.92
C GLU B 226 -45.12 -4.63 31.64
N ILE B 227 -45.67 -3.77 32.48
CA ILE B 227 -45.47 -2.33 32.40
C ILE B 227 -44.62 -1.90 33.58
N PHE B 228 -43.52 -1.20 33.30
CA PHE B 228 -42.64 -0.62 34.30
C PHE B 228 -42.73 0.90 34.26
N ILE B 229 -42.54 1.52 35.41
CA ILE B 229 -42.57 2.97 35.54
C ILE B 229 -41.30 3.40 36.27
N GLY B 230 -40.47 4.19 35.60
CA GLY B 230 -39.29 4.74 36.23
C GLY B 230 -38.16 3.76 36.45
N GLU B 231 -38.26 2.54 35.91
CA GLU B 231 -37.24 1.55 36.12
C GLU B 231 -37.21 0.63 34.92
N VAL B 232 -36.00 0.32 34.45
CA VAL B 232 -35.76 -0.67 33.43
C VAL B 232 -35.07 -1.85 34.12
N PRO B 233 -35.62 -3.05 34.08
CA PRO B 233 -35.05 -4.17 34.84
C PRO B 233 -33.66 -4.54 34.34
N PRO B 234 -32.90 -5.32 35.11
CA PRO B 234 -31.52 -5.65 34.71
C PRO B 234 -31.44 -6.36 33.37
N TYR B 235 -30.38 -6.01 32.62
CA TYR B 235 -30.03 -6.68 31.36
C TYR B 235 -31.15 -6.58 30.33
N SER B 236 -31.82 -5.44 30.30
CA SER B 236 -32.87 -5.19 29.32
C SER B 236 -32.30 -4.57 28.05
N VAL B 237 -32.83 -4.99 26.91
CA VAL B 237 -32.59 -4.33 25.64
C VAL B 237 -33.84 -3.52 25.33
N VAL B 238 -33.68 -2.20 25.21
CA VAL B 238 -34.81 -1.28 25.17
C VAL B 238 -34.72 -0.41 23.91
N VAL B 239 -35.84 -0.29 23.21
CA VAL B 239 -35.90 0.54 22.00
C VAL B 239 -37.20 1.37 22.04
N PRO B 240 -37.24 2.44 21.22
CA PRO B 240 -38.45 3.27 21.20
C PRO B 240 -39.61 2.62 20.45
N GLY B 241 -40.82 2.84 20.94
CA GLY B 241 -42.00 2.32 20.29
C GLY B 241 -43.26 3.14 20.53
N SER B 242 -44.42 2.55 20.25
CA SER B 242 -45.68 3.24 20.47
C SER B 242 -46.79 2.22 20.71
N LEU B 243 -47.77 2.64 21.50
CA LEU B 243 -48.98 1.91 21.87
C LEU B 243 -50.22 2.63 21.33
N PRO B 244 -51.30 1.88 21.10
CA PRO B 244 -52.52 2.51 20.59
C PRO B 244 -53.12 3.51 21.58
N GLY B 245 -53.80 4.51 21.03
CA GLY B 245 -54.52 5.50 21.81
C GLY B 245 -56.02 5.38 21.68
N LYS B 246 -56.72 6.30 22.36
CA LYS B 246 -58.18 6.33 22.33
C LYS B 246 -58.68 6.89 20.99
N PRO B 247 -59.86 6.45 20.53
CA PRO B 247 -60.39 6.97 19.26
C PRO B 247 -60.69 8.47 19.35
N LEU B 248 -60.63 9.12 18.19
CA LEU B 248 -60.92 10.55 18.10
C LEU B 248 -62.41 10.81 18.27
N PRO B 249 -62.78 12.04 18.67
CA PRO B 249 -64.21 12.30 18.93
C PRO B 249 -65.14 11.97 17.77
N ASN B 250 -64.66 12.04 16.52
CA ASN B 250 -65.47 11.65 15.37
C ASN B 250 -65.52 10.14 15.15
N GLY B 251 -64.78 9.34 15.92
CA GLY B 251 -64.77 7.90 15.75
C GLY B 251 -63.62 7.36 14.93
N GLU B 252 -62.76 8.23 14.42
CA GLU B 252 -61.64 7.80 13.59
C GLU B 252 -60.52 7.28 14.49
N ILE B 253 -59.65 6.44 13.91
CA ILE B 253 -58.61 5.80 14.70
C ILE B 253 -57.75 6.87 15.34
N GLY B 254 -57.46 6.67 16.62
CA GLY B 254 -56.71 7.67 17.34
C GLY B 254 -55.23 7.58 17.06
N PRO B 255 -54.51 8.60 17.50
CA PRO B 255 -53.06 8.59 17.33
C PRO B 255 -52.40 7.59 18.28
N ASN B 256 -51.27 7.05 17.85
CA ASN B 256 -50.42 6.30 18.77
C ASN B 256 -49.69 7.26 19.72
N LEU B 257 -49.31 6.73 20.88
CA LEU B 257 -48.55 7.49 21.88
C LEU B 257 -47.21 6.80 22.14
N TYR B 258 -46.15 7.60 22.31
CA TYR B 258 -44.81 7.05 22.47
C TYR B 258 -44.69 6.19 23.73
N CYS B 259 -43.89 5.13 23.63
CA CYS B 259 -43.51 4.35 24.80
C CYS B 259 -42.15 3.71 24.54
N ALA B 260 -41.54 3.22 25.62
CA ALA B 260 -40.30 2.44 25.55
C ALA B 260 -40.65 0.96 25.54
N VAL B 261 -39.94 0.18 24.73
CA VAL B 261 -40.26 -1.22 24.51
C VAL B 261 -39.06 -2.07 24.89
N ILE B 262 -39.26 -2.99 25.83
CA ILE B 262 -38.25 -3.98 26.17
C ILE B 262 -38.38 -5.13 25.18
N VAL B 263 -37.39 -5.27 24.30
CA VAL B 263 -37.41 -6.29 23.26
C VAL B 263 -36.66 -7.56 23.65
N LYS B 264 -35.77 -7.50 24.63
CA LYS B 264 -35.06 -8.67 25.12
C LYS B 264 -34.76 -8.48 26.59
N ARG B 265 -34.71 -9.58 27.33
CA ARG B 265 -34.20 -9.59 28.71
C ARG B 265 -33.11 -10.67 28.74
N VAL B 266 -31.87 -10.27 28.95
CA VAL B 266 -30.77 -11.22 28.86
C VAL B 266 -30.12 -11.39 30.22
N ASP B 267 -28.91 -11.94 30.24
CA ASP B 267 -28.17 -12.10 31.48
C ASP B 267 -26.76 -11.54 31.31
N GLN B 268 -25.87 -11.83 32.27
CA GLN B 268 -24.52 -11.28 32.18
C GLN B 268 -23.71 -11.94 31.07
N LYS B 269 -23.85 -13.26 30.92
CA LYS B 269 -23.09 -13.97 29.89
C LYS B 269 -23.49 -13.53 28.50
N THR B 270 -24.78 -13.28 28.28
CA THR B 270 -25.19 -12.78 26.97
C THR B 270 -24.54 -11.43 26.65
N ARG B 271 -24.47 -10.53 27.65
CA ARG B 271 -23.89 -9.21 27.40
C ARG B 271 -22.43 -9.30 27.02
N GLU B 272 -21.67 -10.14 27.73
CA GLU B 272 -20.24 -10.27 27.44
C GLU B 272 -19.98 -10.95 26.10
N LYS B 273 -20.87 -11.85 25.66
CA LYS B 273 -20.68 -12.57 24.41
C LYS B 273 -21.27 -11.88 23.18
N THR B 274 -22.34 -11.10 23.33
CA THR B 274 -23.08 -10.57 22.19
C THR B 274 -22.85 -9.07 22.04
N SER B 275 -22.72 -8.64 20.79
CA SER B 275 -22.50 -7.23 20.47
C SER B 275 -23.77 -6.41 20.70
N ILE B 276 -23.55 -5.10 20.91
CA ILE B 276 -24.68 -4.18 21.08
C ILE B 276 -25.59 -4.23 19.87
N ASN B 277 -25.00 -4.17 18.66
CA ASN B 277 -25.79 -4.13 17.44
C ASN B 277 -26.59 -5.42 17.26
N ASP B 278 -26.01 -6.58 17.60
CA ASP B 278 -26.76 -7.82 17.55
C ASP B 278 -27.91 -7.81 18.55
N LEU B 279 -27.66 -7.28 19.75
CA LEU B 279 -28.70 -7.21 20.77
C LEU B 279 -29.86 -6.33 20.31
N LEU B 280 -29.58 -5.29 19.53
CA LEU B 280 -30.62 -4.40 19.06
C LEU B 280 -31.27 -4.87 17.75
N ARG B 281 -30.67 -5.84 17.07
CA ARG B 281 -31.19 -6.30 15.78
C ARG B 281 -32.33 -7.33 15.93
N THR C 2 -33.46 57.89 21.52
CA THR C 2 -33.14 58.12 20.12
C THR C 2 -34.41 58.24 19.28
N ASP C 3 -34.25 58.58 18.00
CA ASP C 3 -35.36 58.62 17.04
C ASP C 3 -35.33 57.35 16.19
N LEU C 4 -36.26 56.43 16.49
CA LEU C 4 -36.35 55.16 15.77
C LEU C 4 -36.78 55.35 14.32
N THR C 5 -37.63 56.35 14.05
CA THR C 5 -38.14 56.56 12.71
C THR C 5 -37.03 56.86 11.70
N GLN C 6 -36.12 57.77 12.04
CA GLN C 6 -35.04 58.05 11.10
C GLN C 6 -34.13 56.85 10.96
N LEU C 7 -33.88 56.13 12.05
CA LEU C 7 -33.02 54.95 11.99
C LEU C 7 -33.60 53.91 11.04
N GLU C 8 -34.92 53.70 11.09
CA GLU C 8 -35.55 52.77 10.16
C GLU C 8 -35.36 53.23 8.72
N MET C 9 -35.56 54.52 8.46
CA MET C 9 -35.40 55.04 7.10
C MET C 9 -34.01 54.75 6.55
N ILE C 10 -32.97 55.04 7.34
CA ILE C 10 -31.60 54.80 6.85
C ILE C 10 -31.38 53.32 6.59
N ILE C 11 -31.78 52.45 7.53
CA ILE C 11 -31.58 51.02 7.34
C ILE C 11 -32.27 50.56 6.05
N GLU C 12 -33.52 50.99 5.85
CA GLU C 12 -34.26 50.61 4.67
C GLU C 12 -33.54 51.02 3.39
N LYS C 13 -33.13 52.29 3.29
CA LYS C 13 -32.41 52.74 2.10
C LYS C 13 -31.08 52.02 1.94
N ALA C 14 -30.35 51.81 3.04
CA ALA C 14 -29.06 51.13 2.93
C ALA C 14 -29.22 49.71 2.40
N PHE C 15 -30.28 49.03 2.81
CA PHE C 15 -30.51 47.66 2.35
C PHE C 15 -30.81 47.61 0.86
N ASP C 16 -31.52 48.61 0.32
CA ASP C 16 -31.76 48.60 -1.11
C ASP C 16 -30.46 48.67 -1.90
N ASP C 17 -29.45 49.35 -1.36
CA ASP C 17 -28.13 49.41 -1.99
C ASP C 17 -27.12 48.50 -1.29
N ARG C 18 -27.57 47.35 -0.76
CA ARG C 18 -26.71 46.54 0.09
C ARG C 18 -25.51 45.99 -0.68
N ASN C 19 -25.60 45.87 -2.00
CA ASN C 19 -24.47 45.37 -2.78
C ASN C 19 -23.28 46.30 -2.75
N SER C 20 -23.50 47.59 -2.50
CA SER C 20 -22.40 48.55 -2.35
C SER C 20 -21.87 48.61 -0.92
N ILE C 21 -22.49 47.87 0.00
CA ILE C 21 -22.07 47.86 1.40
C ILE C 21 -21.05 46.73 1.60
N ASN C 22 -19.96 47.04 2.28
CA ASN C 22 -18.95 46.03 2.54
C ASN C 22 -18.16 46.42 3.79
N THR C 23 -17.01 45.78 3.97
CA THR C 23 -16.14 45.95 5.12
C THR C 23 -15.38 47.25 5.10
N THR C 24 -15.41 48.00 3.99
CA THR C 24 -14.85 49.35 3.94
C THR C 24 -15.85 50.43 4.31
N THR C 25 -17.14 50.09 4.31
CA THR C 25 -18.21 51.06 4.58
C THR C 25 -18.20 51.54 6.03
N LYS C 26 -18.08 52.85 6.22
CA LYS C 26 -18.23 53.39 7.55
C LYS C 26 -19.37 54.41 7.52
N GLY C 27 -19.19 55.57 8.13
CA GLY C 27 -20.14 56.64 8.04
C GLY C 27 -21.49 56.30 8.66
N GLU C 28 -22.53 56.94 8.11
CA GLU C 28 -23.86 56.90 8.70
C GLU C 28 -24.44 55.49 8.69
N ILE C 29 -24.14 54.72 7.63
CA ILE C 29 -24.70 53.37 7.48
C ILE C 29 -24.17 52.42 8.55
N LEU C 30 -22.86 52.42 8.79
CA LEU C 30 -22.28 51.60 9.85
C LEU C 30 -22.82 51.99 11.22
N GLU C 31 -22.88 53.29 11.52
CA GLU C 31 -23.35 53.72 12.82
C GLU C 31 -24.80 53.30 13.05
N SER C 32 -25.61 53.40 12.00
CA SER C 32 -27.04 53.06 12.10
C SER C 32 -27.24 51.58 12.33
N VAL C 33 -26.52 50.73 11.59
CA VAL C 33 -26.60 49.29 11.80
C VAL C 33 -26.12 48.93 13.20
N GLU C 34 -24.99 49.52 13.63
CA GLU C 34 -24.48 49.24 14.97
C GLU C 34 -25.49 49.65 16.04
N HIS C 35 -26.16 50.79 15.82
CA HIS C 35 -27.10 51.28 16.82
C HIS C 35 -28.29 50.33 16.95
N ALA C 36 -28.84 49.90 15.81
CA ALA C 36 -29.99 49.01 15.82
C ALA C 36 -29.68 47.69 16.49
N LEU C 37 -28.47 47.16 16.27
CA LEU C 37 -28.09 45.91 16.93
C LEU C 37 -27.86 46.13 18.43
N ASN C 38 -27.43 47.33 18.84
CA ASN C 38 -27.35 47.59 20.27
C ASN C 38 -28.75 47.69 20.88
N LEU C 39 -29.69 48.30 20.15
CA LEU C 39 -31.08 48.30 20.58
C LEU C 39 -31.64 46.88 20.68
N LEU C 40 -31.35 46.02 19.68
CA LEU C 40 -31.76 44.62 19.75
C LEU C 40 -31.13 43.92 20.97
N ASP C 41 -29.83 44.14 21.21
CA ASP C 41 -29.10 43.52 22.31
C ASP C 41 -29.67 43.93 23.67
N LYS C 42 -30.14 45.17 23.78
CA LYS C 42 -30.72 45.70 25.01
C LYS C 42 -32.21 45.41 25.16
N GLY C 43 -32.84 44.81 24.15
CA GLY C 43 -34.27 44.57 24.19
C GLY C 43 -35.14 45.81 24.08
N GLU C 44 -34.56 46.95 23.70
CA GLU C 44 -35.36 48.16 23.52
C GLU C 44 -36.17 48.06 22.23
N VAL C 45 -35.66 47.30 21.25
CA VAL C 45 -36.43 46.91 20.08
C VAL C 45 -36.27 45.41 19.95
N ARG C 46 -37.19 44.81 19.19
CA ARG C 46 -37.20 43.37 18.97
C ARG C 46 -37.70 43.05 17.56
N VAL C 47 -37.25 41.91 17.03
CA VAL C 47 -37.53 41.54 15.63
C VAL C 47 -39.03 41.41 15.39
N VAL C 48 -39.79 40.95 16.38
CA VAL C 48 -41.24 40.89 16.25
C VAL C 48 -41.87 41.43 17.53
N LYS C 49 -43.05 42.03 17.38
CA LYS C 49 -43.85 42.48 18.51
C LYS C 49 -45.25 41.89 18.36
N ARG C 50 -45.81 41.44 19.47
CA ARG C 50 -47.16 40.87 19.47
C ARG C 50 -48.17 42.01 19.44
N GLN C 51 -49.16 41.90 18.54
CA GLN C 51 -50.19 42.92 18.36
C GLN C 51 -51.31 42.77 19.38
N LYS C 52 -52.25 43.72 19.35
CA LYS C 52 -53.41 43.69 20.24
C LYS C 52 -54.24 42.43 20.01
N ASN C 53 -54.44 42.04 18.74
CA ASN C 53 -55.20 40.84 18.44
C ASN C 53 -54.51 39.58 18.94
N GLY C 54 -53.22 39.65 19.25
CA GLY C 54 -52.45 38.47 19.60
C GLY C 54 -51.60 37.93 18.48
N LYS C 55 -51.69 38.52 17.30
CA LYS C 55 -50.85 38.10 16.19
C LYS C 55 -49.51 38.82 16.28
N TRP C 56 -48.47 38.18 15.74
CA TRP C 56 -47.11 38.71 15.81
C TRP C 56 -46.78 39.33 14.46
N HIS C 57 -46.19 40.52 14.50
CA HIS C 57 -45.86 41.29 13.32
C HIS C 57 -44.35 41.48 13.23
N VAL C 58 -43.80 41.28 12.06
CA VAL C 58 -42.35 41.34 11.87
C VAL C 58 -41.92 42.79 11.62
N HIS C 59 -40.85 43.20 12.28
CA HIS C 59 -40.18 44.47 12.01
C HIS C 59 -39.04 44.18 11.03
N GLN C 60 -39.33 44.23 9.74
CA GLN C 60 -38.37 43.73 8.75
C GLN C 60 -37.06 44.49 8.76
N TRP C 61 -37.12 45.78 9.10
CA TRP C 61 -35.92 46.61 9.06
C TRP C 61 -34.89 46.19 10.09
N LEU C 62 -35.32 45.57 11.20
CA LEU C 62 -34.33 45.04 12.14
C LEU C 62 -33.66 43.79 11.57
N LYS C 63 -34.38 42.97 10.79
CA LYS C 63 -33.73 41.88 10.09
C LYS C 63 -32.72 42.40 9.07
N LYS C 64 -33.09 43.47 8.35
CA LYS C 64 -32.18 44.07 7.37
C LYS C 64 -30.92 44.59 8.04
N ALA C 65 -31.05 45.17 9.23
CA ALA C 65 -29.86 45.64 9.97
C ALA C 65 -28.94 44.48 10.33
N VAL C 66 -29.49 43.37 10.81
CA VAL C 66 -28.67 42.19 11.09
C VAL C 66 -27.94 41.74 9.82
N LEU C 67 -28.65 41.67 8.70
CA LEU C 67 -28.04 41.23 7.44
C LEU C 67 -26.93 42.17 7.00
N LEU C 68 -27.08 43.48 7.23
CA LEU C 68 -26.06 44.45 6.83
C LEU C 68 -24.80 44.33 7.69
N SER C 69 -24.94 43.99 8.97
CA SER C 69 -23.76 43.83 9.81
C SER C 69 -22.87 42.69 9.31
N PHE C 70 -23.46 41.70 8.62
CA PHE C 70 -22.63 40.68 7.98
C PHE C 70 -21.76 41.29 6.88
N ARG C 71 -22.31 42.23 6.12
CA ARG C 71 -21.52 42.86 5.08
C ARG C 71 -20.50 43.83 5.66
N LEU C 72 -20.83 44.45 6.82
CA LEU C 72 -19.97 45.49 7.38
C LEU C 72 -18.73 44.95 8.08
N ASN C 73 -18.84 43.84 8.80
CA ASN C 73 -17.69 43.39 9.58
C ASN C 73 -16.91 42.29 8.87
N PRO C 74 -15.59 42.36 8.95
CA PRO C 74 -14.73 41.36 8.31
C PRO C 74 -14.62 40.07 9.11
N MET C 75 -14.30 39.02 8.38
CA MET C 75 -13.83 37.80 9.04
C MET C 75 -12.56 38.11 9.82
N GLN C 76 -12.46 37.62 11.05
CA GLN C 76 -11.34 38.01 11.88
C GLN C 76 -11.02 36.93 12.91
N ILE C 77 -9.80 37.01 13.42
CA ILE C 77 -9.34 36.16 14.51
C ILE C 77 -10.11 36.49 15.77
N MET C 78 -10.65 35.46 16.41
CA MET C 78 -11.23 35.59 17.74
C MET C 78 -10.54 34.56 18.64
N THR C 79 -9.91 35.03 19.72
CA THR C 79 -9.13 34.21 20.63
C THR C 79 -10.02 33.43 21.61
N GLY C 80 -9.39 32.56 22.40
CA GLY C 80 -10.02 31.83 23.49
C GLY C 80 -10.10 30.32 23.28
N GLY C 81 -9.56 29.78 22.19
CA GLY C 81 -9.65 28.37 21.95
C GLY C 81 -8.60 27.56 22.73
N VAL C 82 -8.69 26.23 22.59
CA VAL C 82 -7.81 25.37 23.38
C VAL C 82 -6.37 25.68 23.02
N ASN C 83 -5.50 25.76 24.04
CA ASN C 83 -4.06 25.99 23.87
C ASN C 83 -3.78 27.30 23.14
N GLY C 84 -4.66 28.28 23.32
CA GLY C 84 -4.48 29.59 22.72
C GLY C 84 -4.83 29.67 21.25
N THR C 85 -5.45 28.63 20.70
CA THR C 85 -5.93 28.66 19.33
C THR C 85 -7.08 29.67 19.20
N SER C 86 -7.49 29.90 17.96
CA SER C 86 -8.43 30.96 17.61
C SER C 86 -9.65 30.40 16.88
N TRP C 87 -10.65 31.27 16.74
CA TRP C 87 -11.76 31.07 15.84
C TRP C 87 -11.68 32.11 14.73
N TRP C 88 -12.58 31.97 13.74
CA TRP C 88 -12.54 32.76 12.51
C TRP C 88 -14.00 33.09 12.14
N ASP C 89 -14.45 34.29 12.47
CA ASP C 89 -15.87 34.63 12.38
C ASP C 89 -15.98 36.15 12.27
N LYS C 90 -17.20 36.64 12.08
CA LYS C 90 -17.42 38.08 11.94
C LYS C 90 -18.54 38.62 12.83
N VAL C 91 -19.01 37.86 13.82
CA VAL C 91 -20.09 38.27 14.71
C VAL C 91 -19.51 38.40 16.12
N PRO C 92 -19.52 39.57 16.73
CA PRO C 92 -18.96 39.68 18.08
C PRO C 92 -19.85 39.00 19.11
N SER C 93 -19.22 38.64 20.22
CA SER C 93 -19.98 38.14 21.34
C SER C 93 -20.81 39.28 21.93
N LYS C 94 -21.96 38.92 22.49
CA LYS C 94 -22.71 39.87 23.32
C LYS C 94 -21.87 40.39 24.48
N PHE C 95 -20.97 39.57 24.99
CA PHE C 95 -20.24 39.87 26.20
C PHE C 95 -18.97 40.65 25.98
N SER C 96 -18.74 41.12 24.76
CA SER C 96 -17.61 41.97 24.44
C SER C 96 -17.57 43.16 25.37
N HIS C 97 -16.45 43.29 26.08
CA HIS C 97 -16.13 44.35 27.00
C HIS C 97 -16.99 44.32 28.26
N TRP C 98 -17.75 43.25 28.47
CA TRP C 98 -18.58 43.20 29.67
C TRP C 98 -17.74 42.95 30.90
N GLN C 99 -17.97 43.78 31.92
CA GLN C 99 -17.34 43.66 33.21
C GLN C 99 -18.41 43.27 34.22
N GLU C 100 -17.99 43.16 35.48
CA GLU C 100 -18.92 42.90 36.57
C GLU C 100 -20.08 43.89 36.55
N ALA C 101 -19.80 45.18 36.33
CA ALA C 101 -20.89 46.16 36.34
C ALA C 101 -21.91 45.86 35.26
N ASP C 102 -21.43 45.44 34.08
CA ASP C 102 -22.34 45.08 33.01
C ASP C 102 -23.14 43.85 33.37
N PHE C 103 -22.48 42.83 33.94
CA PHE C 103 -23.22 41.63 34.33
C PHE C 103 -24.18 41.92 35.46
N LYS C 104 -23.74 42.70 36.45
CA LYS C 104 -24.63 43.04 37.56
C LYS C 104 -25.83 43.83 37.08
N LYS C 105 -25.61 44.78 36.17
CA LYS C 105 -26.73 45.56 35.62
C LYS C 105 -27.70 44.67 34.85
N ALA C 106 -27.18 43.82 33.96
CA ALA C 106 -28.03 42.96 33.13
C ALA C 106 -28.78 41.92 33.96
N ASP C 107 -28.21 41.50 35.09
CA ASP C 107 -28.91 40.71 36.09
C ASP C 107 -29.36 39.32 35.58
N PHE C 108 -28.61 38.73 34.65
CA PHE C 108 -28.86 37.34 34.33
C PHE C 108 -27.58 36.53 34.58
N ARG C 109 -27.73 35.22 34.57
CA ARG C 109 -26.67 34.29 34.95
C ARG C 109 -26.12 33.57 33.71
N SER C 110 -24.80 33.64 33.52
CA SER C 110 -24.14 33.08 32.34
C SER C 110 -23.11 32.05 32.78
N VAL C 111 -23.48 30.78 32.71
CA VAL C 111 -22.65 29.68 33.19
C VAL C 111 -21.55 29.38 32.18
N PRO C 112 -20.32 29.15 32.64
CA PRO C 112 -19.22 28.81 31.72
C PRO C 112 -19.63 27.72 30.73
N GLY C 113 -19.45 28.04 29.45
CA GLY C 113 -20.00 27.27 28.37
C GLY C 113 -21.08 28.01 27.59
N ALA C 114 -21.74 29.00 28.21
CA ALA C 114 -22.78 29.75 27.51
C ALA C 114 -22.19 30.61 26.37
N ILE C 115 -22.89 30.64 25.25
CA ILE C 115 -22.44 31.39 24.08
C ILE C 115 -23.59 32.25 23.56
N VAL C 116 -23.35 33.55 23.47
CA VAL C 116 -24.39 34.46 23.03
C VAL C 116 -23.80 35.48 22.06
N ARG C 117 -24.40 35.58 20.88
CA ARG C 117 -23.94 36.58 19.93
C ARG C 117 -24.55 37.94 20.24
N HIS C 118 -23.79 38.98 19.89
CA HIS C 118 -24.29 40.33 20.02
C HIS C 118 -25.57 40.50 19.18
N SER C 119 -26.51 41.28 19.73
CA SER C 119 -27.84 41.64 19.21
C SER C 119 -28.92 40.76 19.82
N ALA C 120 -28.53 39.72 20.56
CA ALA C 120 -29.51 38.92 21.29
C ALA C 120 -29.82 39.56 22.65
N TYR C 121 -31.10 39.68 22.96
CA TYR C 121 -31.51 40.20 24.26
C TYR C 121 -31.68 39.04 25.24
N ILE C 122 -31.06 39.19 26.42
CA ILE C 122 -31.21 38.24 27.51
C ILE C 122 -31.69 39.03 28.71
N ALA C 123 -32.88 38.70 29.21
CA ALA C 123 -33.56 39.47 30.25
C ALA C 123 -33.05 39.10 31.65
N PRO C 124 -33.40 39.92 32.65
CA PRO C 124 -33.07 39.57 34.04
C PRO C 124 -33.61 38.20 34.45
N ASN C 125 -32.88 37.55 35.36
CA ASN C 125 -33.20 36.27 35.97
C ASN C 125 -33.25 35.12 34.98
N VAL C 126 -32.72 35.31 33.77
CA VAL C 126 -32.51 34.19 32.87
C VAL C 126 -31.31 33.41 33.36
N ILE C 127 -31.34 32.09 33.17
CA ILE C 127 -30.18 31.25 33.43
C ILE C 127 -29.75 30.61 32.12
N LEU C 128 -28.56 30.96 31.66
CA LEU C 128 -27.93 30.36 30.50
C LEU C 128 -26.93 29.28 30.95
N MET C 129 -27.32 28.03 30.80
CA MET C 129 -26.42 26.88 30.91
C MET C 129 -25.49 26.85 29.68
N PRO C 130 -24.54 25.90 29.57
CA PRO C 130 -23.83 25.81 28.27
C PRO C 130 -24.83 25.66 27.13
N SER C 131 -24.84 26.62 26.21
CA SER C 131 -25.92 26.74 25.24
C SER C 131 -25.51 27.81 24.23
N PHE C 132 -26.35 28.00 23.23
CA PHE C 132 -26.06 28.92 22.15
C PHE C 132 -27.29 29.77 21.87
N VAL C 133 -27.11 31.09 21.90
CA VAL C 133 -28.15 32.03 21.54
C VAL C 133 -27.65 32.88 20.38
N ASN C 134 -28.39 32.86 19.27
CA ASN C 134 -27.94 33.45 18.02
C ASN C 134 -28.47 34.89 17.89
N LEU C 135 -28.11 35.54 16.76
CA LEU C 135 -28.41 36.94 16.53
C LEU C 135 -29.90 37.22 16.56
N GLY C 136 -30.25 38.39 17.11
CA GLY C 136 -31.61 38.87 17.09
C GLY C 136 -32.58 38.13 17.96
N ALA C 137 -32.12 37.21 18.80
CA ALA C 137 -33.01 36.44 19.66
C ALA C 137 -33.44 37.29 20.85
N PHE C 138 -34.55 36.88 21.47
CA PHE C 138 -35.14 37.61 22.59
C PHE C 138 -35.48 36.57 23.66
N VAL C 139 -34.81 36.65 24.81
CA VAL C 139 -35.01 35.67 25.87
C VAL C 139 -35.51 36.45 27.08
N ASP C 140 -36.80 36.32 27.36
CA ASP C 140 -37.48 37.17 28.31
C ASP C 140 -37.29 36.67 29.75
N GLU C 141 -37.89 37.41 30.68
CA GLU C 141 -37.55 37.32 32.09
C GLU C 141 -37.74 35.92 32.66
N GLY C 142 -36.75 35.48 33.45
CA GLY C 142 -36.83 34.28 34.27
C GLY C 142 -36.72 32.97 33.52
N THR C 143 -36.24 33.00 32.28
CA THR C 143 -36.22 31.80 31.47
C THR C 143 -34.97 30.99 31.73
N MET C 144 -35.13 29.68 31.74
CA MET C 144 -34.01 28.76 31.88
C MET C 144 -33.69 28.25 30.49
N VAL C 145 -32.45 28.41 30.08
CA VAL C 145 -31.92 27.84 28.85
C VAL C 145 -30.95 26.75 29.28
N ASP C 146 -31.40 25.49 29.21
CA ASP C 146 -30.60 24.41 29.79
C ASP C 146 -29.51 23.92 28.82
N THR C 147 -28.77 22.92 29.29
CA THR C 147 -27.51 22.54 28.68
C THR C 147 -27.69 22.05 27.24
N TRP C 148 -26.87 22.62 26.33
CA TRP C 148 -26.89 22.33 24.89
C TRP C 148 -28.25 22.65 24.25
N ALA C 149 -28.97 23.60 24.83
CA ALA C 149 -30.09 24.18 24.12
C ALA C 149 -29.59 25.20 23.11
N THR C 150 -30.42 25.49 22.12
CA THR C 150 -30.08 26.47 21.09
C THR C 150 -31.26 27.36 20.88
N VAL C 151 -31.06 28.67 21.00
CA VAL C 151 -32.04 29.66 20.66
C VAL C 151 -31.63 30.27 19.33
N GLY C 152 -32.35 29.90 18.26
CA GLY C 152 -31.96 30.28 16.91
C GLY C 152 -32.21 31.74 16.63
N SER C 153 -31.74 32.17 15.47
CA SER C 153 -31.73 33.59 15.15
C SER C 153 -33.16 34.16 15.15
N CYS C 154 -33.29 35.35 15.75
CA CYS C 154 -34.53 36.11 15.86
C CYS C 154 -35.60 35.40 16.70
N ALA C 155 -35.31 34.24 17.26
CA ALA C 155 -36.31 33.52 18.03
C ALA C 155 -36.74 34.34 19.25
N GLN C 156 -38.00 34.21 19.62
CA GLN C 156 -38.57 34.94 20.75
C GLN C 156 -38.94 33.94 21.83
N ILE C 157 -38.34 34.08 23.01
CA ILE C 157 -38.64 33.22 24.13
C ILE C 157 -39.32 34.07 25.18
N GLY C 158 -40.54 33.69 25.57
CA GLY C 158 -41.33 34.47 26.50
C GLY C 158 -40.80 34.35 27.91
N LYS C 159 -41.54 34.98 28.84
CA LYS C 159 -41.14 34.97 30.24
C LYS C 159 -41.38 33.62 30.90
N HIS C 160 -40.45 33.26 31.79
CA HIS C 160 -40.55 32.08 32.65
C HIS C 160 -40.78 30.82 31.82
N VAL C 161 -40.05 30.73 30.72
CA VAL C 161 -39.99 29.56 29.87
C VAL C 161 -38.86 28.67 30.36
N HIS C 162 -39.05 27.37 30.28
CA HIS C 162 -37.99 26.41 30.57
C HIS C 162 -37.64 25.65 29.28
N LEU C 163 -36.49 25.95 28.70
CA LEU C 163 -35.96 25.19 27.57
C LEU C 163 -35.02 24.12 28.11
N SER C 164 -35.48 22.87 28.09
CA SER C 164 -34.71 21.80 28.71
C SER C 164 -33.49 21.43 27.86
N GLY C 165 -32.73 20.47 28.36
CA GLY C 165 -31.46 20.12 27.73
C GLY C 165 -31.66 19.61 26.31
N GLY C 166 -30.78 20.06 25.42
CA GLY C 166 -30.84 19.62 24.04
C GLY C 166 -32.02 20.11 23.26
N VAL C 167 -32.72 21.14 23.76
CA VAL C 167 -33.86 21.72 23.05
C VAL C 167 -33.37 22.63 21.94
N GLY C 168 -33.97 22.49 20.76
CA GLY C 168 -33.63 23.41 19.70
C GLY C 168 -34.78 24.34 19.37
N ILE C 169 -34.53 25.64 19.45
CA ILE C 169 -35.47 26.62 18.94
C ILE C 169 -34.86 27.13 17.64
N GLY C 170 -35.49 26.77 16.52
CA GLY C 170 -34.88 26.97 15.21
C GLY C 170 -34.84 28.43 14.81
N GLY C 171 -33.78 28.80 14.09
CA GLY C 171 -33.61 30.18 13.69
C GLY C 171 -34.36 30.52 12.41
N VAL C 172 -34.74 31.80 12.30
CA VAL C 172 -35.42 32.32 11.11
C VAL C 172 -34.89 33.74 10.85
N LEU C 173 -34.02 33.89 9.84
CA LEU C 173 -33.57 35.20 9.39
C LEU C 173 -34.21 35.52 8.05
N GLU C 174 -33.74 34.88 7.01
CA GLU C 174 -34.56 35.09 5.84
C GLU C 174 -35.56 33.95 5.74
N PRO C 175 -36.69 34.16 5.05
CA PRO C 175 -37.16 35.38 4.38
C PRO C 175 -37.47 36.51 5.34
N LEU C 176 -37.31 37.76 4.90
CA LEU C 176 -37.55 38.91 5.78
C LEU C 176 -38.96 38.90 6.37
N GLN C 177 -39.95 38.49 5.57
CA GLN C 177 -41.33 38.52 5.99
C GLN C 177 -41.72 37.38 6.91
N ALA C 178 -40.90 36.33 7.03
CA ALA C 178 -41.28 35.19 7.85
C ALA C 178 -41.15 35.50 9.34
N ASN C 179 -42.20 35.20 10.09
CA ASN C 179 -42.11 35.28 11.54
C ASN C 179 -41.06 34.30 12.03
N PRO C 180 -40.24 34.69 13.00
CA PRO C 180 -39.31 33.73 13.63
C PRO C 180 -40.06 32.75 14.52
N THR C 181 -39.32 31.75 15.01
CA THR C 181 -39.89 30.87 16.02
C THR C 181 -40.19 31.64 17.30
N ILE C 182 -41.38 31.40 17.86
CA ILE C 182 -41.87 32.12 19.03
C ILE C 182 -42.30 31.08 20.06
N ILE C 183 -41.77 31.22 21.29
CA ILE C 183 -42.19 30.44 22.44
C ILE C 183 -42.76 31.45 23.43
N GLU C 184 -44.06 31.37 23.68
CA GLU C 184 -44.73 32.33 24.54
C GLU C 184 -44.47 32.03 26.03
N ASP C 185 -44.99 32.91 26.89
CA ASP C 185 -44.74 32.88 28.32
C ASP C 185 -45.11 31.56 28.96
N HIS C 186 -44.32 31.17 29.97
CA HIS C 186 -44.65 30.08 30.88
C HIS C 186 -44.74 28.73 30.17
N CYS C 187 -44.06 28.58 29.04
CA CYS C 187 -44.01 27.29 28.38
C CYS C 187 -42.90 26.42 28.95
N PHE C 188 -43.17 25.11 29.00
CA PHE C 188 -42.19 24.09 29.31
C PHE C 188 -41.88 23.29 28.05
N ILE C 189 -40.60 23.23 27.67
CA ILE C 189 -40.15 22.46 26.51
C ILE C 189 -39.24 21.35 26.99
N GLY C 190 -39.72 20.10 26.90
CA GLY C 190 -39.00 18.97 27.42
C GLY C 190 -37.74 18.68 26.61
N ALA C 191 -36.83 17.92 27.24
CA ALA C 191 -35.51 17.66 26.70
C ALA C 191 -35.59 17.08 25.28
N ARG C 192 -34.58 17.42 24.47
CA ARG C 192 -34.45 16.95 23.09
C ARG C 192 -35.58 17.44 22.18
N SER C 193 -36.48 18.27 22.69
CA SER C 193 -37.51 18.76 21.80
C SER C 193 -36.94 19.78 20.81
N GLU C 194 -37.71 20.01 19.74
CA GLU C 194 -37.28 20.92 18.69
C GLU C 194 -38.50 21.63 18.14
N VAL C 195 -38.44 22.95 18.05
CA VAL C 195 -39.49 23.74 17.42
C VAL C 195 -38.82 24.69 16.45
N VAL C 196 -39.13 24.56 15.16
CA VAL C 196 -38.36 25.22 14.12
C VAL C 196 -39.29 25.98 13.18
N GLU C 197 -38.66 26.66 12.22
CA GLU C 197 -39.32 27.19 11.04
C GLU C 197 -40.48 28.12 11.38
N GLY C 198 -40.30 28.91 12.43
CA GLY C 198 -41.27 29.94 12.74
C GLY C 198 -42.57 29.47 13.35
N CYS C 199 -42.61 28.25 13.87
CA CYS C 199 -43.79 27.82 14.58
C CYS C 199 -43.91 28.58 15.90
N ILE C 200 -45.12 28.62 16.43
CA ILE C 200 -45.38 29.32 17.68
C ILE C 200 -46.00 28.33 18.65
N ILE C 201 -45.47 28.30 19.87
CA ILE C 201 -46.05 27.55 20.98
C ILE C 201 -46.72 28.57 21.89
N ARG C 202 -48.04 28.56 21.95
CA ARG C 202 -48.77 29.57 22.69
C ARG C 202 -48.61 29.39 24.19
N GLU C 203 -49.01 30.44 24.92
CA GLU C 203 -48.68 30.65 26.33
C GLU C 203 -49.07 29.47 27.22
N GLY C 204 -48.16 29.09 28.12
CA GLY C 204 -48.46 28.09 29.13
C GLY C 204 -48.40 26.64 28.69
N SER C 205 -47.98 26.36 27.46
CA SER C 205 -48.01 24.99 26.97
C SER C 205 -46.85 24.16 27.52
N VAL C 206 -47.05 22.85 27.54
CA VAL C 206 -46.09 21.88 28.06
C VAL C 206 -45.82 20.84 26.98
N LEU C 207 -44.56 20.77 26.53
CA LEU C 207 -44.13 19.78 25.54
C LEU C 207 -43.29 18.71 26.21
N GLY C 208 -43.66 17.45 26.00
CA GLY C 208 -42.89 16.35 26.52
C GLY C 208 -41.55 16.21 25.82
N MET C 209 -40.83 15.17 26.20
CA MET C 209 -39.52 14.92 25.59
C MET C 209 -39.67 14.41 24.17
N GLY C 210 -38.75 14.81 23.31
CA GLY C 210 -38.75 14.31 21.95
C GLY C 210 -39.84 14.86 21.08
N VAL C 211 -40.42 16.01 21.43
CA VAL C 211 -41.43 16.65 20.58
C VAL C 211 -40.73 17.51 19.54
N PHE C 212 -40.95 17.17 18.27
CA PHE C 212 -40.43 17.94 17.16
C PHE C 212 -41.60 18.61 16.45
N ILE C 213 -41.54 19.93 16.31
CA ILE C 213 -42.57 20.70 15.62
C ILE C 213 -41.89 21.59 14.59
N GLY C 214 -42.09 21.26 13.32
CA GLY C 214 -41.64 22.08 12.21
C GLY C 214 -42.84 22.62 11.47
N LYS C 215 -42.56 23.36 10.40
CA LYS C 215 -43.63 23.94 9.62
C LYS C 215 -44.56 22.85 9.08
N SER C 216 -43.98 21.71 8.67
CA SER C 216 -44.76 20.64 8.10
C SER C 216 -44.84 19.40 9.01
N THR C 217 -45.13 19.60 10.29
CA THR C 217 -45.37 18.52 11.22
C THR C 217 -46.85 18.52 11.57
N LYS C 218 -47.51 17.36 11.44
CA LYS C 218 -48.92 17.23 11.77
C LYS C 218 -49.10 17.19 13.28
N ILE C 219 -49.90 18.12 13.81
CA ILE C 219 -50.27 18.21 15.21
C ILE C 219 -51.78 17.98 15.34
N ILE C 220 -52.16 16.93 16.06
CA ILE C 220 -53.55 16.49 16.15
C ILE C 220 -54.00 16.61 17.60
N ASP C 221 -55.15 17.26 17.80
CA ASP C 221 -55.78 17.39 19.13
C ASP C 221 -56.52 16.11 19.49
N ARG C 222 -56.04 15.43 20.54
CA ARG C 222 -56.69 14.19 20.96
C ARG C 222 -58.10 14.45 21.49
N THR C 223 -58.34 15.64 22.07
CA THR C 223 -59.62 15.89 22.71
C THR C 223 -60.67 16.42 21.73
N THR C 224 -60.31 17.33 20.83
CA THR C 224 -61.26 17.85 19.85
C THR C 224 -61.19 17.16 18.50
N GLY C 225 -60.01 16.69 18.09
CA GLY C 225 -59.79 16.19 16.74
C GLY C 225 -59.31 17.23 15.75
N GLU C 226 -59.21 18.49 16.14
CA GLU C 226 -58.73 19.53 15.24
C GLU C 226 -57.25 19.32 14.94
N ILE C 227 -56.87 19.53 13.69
CA ILE C 227 -55.47 19.38 13.27
C ILE C 227 -54.89 20.78 13.07
N PHE C 228 -53.77 21.03 13.73
CA PHE C 228 -53.03 22.29 13.63
C PHE C 228 -51.72 22.09 12.88
N ILE C 229 -51.30 23.15 12.20
CA ILE C 229 -50.06 23.19 11.44
C ILE C 229 -49.29 24.43 11.89
N GLY C 230 -48.09 24.22 12.43
CA GLY C 230 -47.23 25.33 12.79
C GLY C 230 -47.63 26.13 14.00
N GLU C 231 -48.64 25.70 14.76
CA GLU C 231 -49.07 26.44 15.93
C GLU C 231 -49.70 25.48 16.93
N VAL C 232 -49.33 25.66 18.20
CA VAL C 232 -49.90 24.91 19.32
C VAL C 232 -50.74 25.87 20.15
N PRO C 233 -52.01 25.56 20.41
CA PRO C 233 -52.89 26.52 21.13
C PRO C 233 -52.42 26.73 22.56
N PRO C 234 -52.90 27.77 23.23
CA PRO C 234 -52.45 28.04 24.60
C PRO C 234 -52.77 26.89 25.54
N TYR C 235 -51.86 26.66 26.50
CA TYR C 235 -52.05 25.70 27.58
C TYR C 235 -52.29 24.29 27.05
N SER C 236 -51.57 23.95 25.98
CA SER C 236 -51.63 22.61 25.43
C SER C 236 -50.57 21.72 26.09
N VAL C 237 -50.93 20.46 26.30
CA VAL C 237 -50.00 19.42 26.70
C VAL C 237 -49.70 18.56 25.48
N VAL C 238 -48.42 18.46 25.11
CA VAL C 238 -48.01 17.88 23.82
C VAL C 238 -47.01 16.75 24.05
N VAL C 239 -47.19 15.65 23.35
CA VAL C 239 -46.28 14.51 23.37
C VAL C 239 -46.06 14.03 21.94
N PRO C 240 -44.99 13.25 21.70
CA PRO C 240 -44.80 12.65 20.37
C PRO C 240 -45.73 11.47 20.13
N GLY C 241 -46.15 11.34 18.87
CA GLY C 241 -47.02 10.24 18.50
C GLY C 241 -46.85 9.80 17.06
N SER C 242 -47.81 9.04 16.55
CA SER C 242 -47.73 8.55 15.17
C SER C 242 -49.14 8.30 14.63
N LEU C 243 -49.28 8.46 13.31
CA LEU C 243 -50.53 8.20 12.63
C LEU C 243 -50.37 7.07 11.62
N PRO C 244 -51.44 6.30 11.37
CA PRO C 244 -51.34 5.16 10.45
C PRO C 244 -51.10 5.56 9.01
N GLY C 245 -50.46 4.66 8.27
CA GLY C 245 -50.24 4.84 6.85
C GLY C 245 -51.07 3.90 5.98
N LYS C 246 -50.94 4.11 4.67
CA LYS C 246 -51.62 3.35 3.64
C LYS C 246 -50.97 1.98 3.46
N PRO C 247 -51.75 0.96 3.06
CA PRO C 247 -51.17 -0.38 2.94
C PRO C 247 -50.10 -0.43 1.88
N LEU C 248 -49.16 -1.34 2.07
CA LEU C 248 -48.09 -1.56 1.11
C LEU C 248 -48.63 -2.32 -0.10
N PRO C 249 -47.98 -2.17 -1.26
CA PRO C 249 -48.49 -2.83 -2.47
C PRO C 249 -48.69 -4.33 -2.31
N ASN C 250 -47.94 -4.97 -1.41
CA ASN C 250 -48.10 -6.39 -1.15
C ASN C 250 -49.35 -6.72 -0.34
N GLY C 251 -50.06 -5.72 0.18
CA GLY C 251 -51.27 -5.97 0.95
C GLY C 251 -51.12 -5.94 2.45
N GLU C 252 -49.93 -5.71 2.98
CA GLU C 252 -49.67 -5.61 4.41
C GLU C 252 -49.87 -4.18 4.89
N ILE C 253 -50.11 -4.04 6.21
CA ILE C 253 -50.32 -2.72 6.79
C ILE C 253 -49.03 -1.89 6.71
N GLY C 254 -49.19 -0.62 6.36
CA GLY C 254 -48.06 0.27 6.18
C GLY C 254 -47.52 0.84 7.49
N PRO C 255 -46.38 1.53 7.39
CA PRO C 255 -45.79 2.13 8.59
C PRO C 255 -46.60 3.33 9.05
N ASN C 256 -46.54 3.53 10.36
CA ASN C 256 -47.02 4.78 10.94
C ASN C 256 -46.02 5.91 10.66
N LEU C 257 -46.52 7.13 10.69
CA LEU C 257 -45.67 8.30 10.51
C LEU C 257 -45.78 9.20 11.73
N TYR C 258 -44.65 9.80 12.10
CA TYR C 258 -44.58 10.60 13.30
C TYR C 258 -45.54 11.79 13.23
N CYS C 259 -46.09 12.14 14.39
CA CYS C 259 -46.87 13.35 14.52
C CYS C 259 -46.80 13.81 15.97
N ALA C 260 -47.25 15.04 16.20
CA ALA C 260 -47.38 15.59 17.54
C ALA C 260 -48.83 15.49 18.01
N VAL C 261 -49.01 15.15 19.28
CA VAL C 261 -50.31 14.89 19.86
C VAL C 261 -50.54 15.83 21.04
N ILE C 262 -51.61 16.63 20.96
CA ILE C 262 -52.08 17.39 22.11
C ILE C 262 -52.98 16.43 22.89
N VAL C 263 -52.53 15.98 24.06
CA VAL C 263 -53.32 15.02 24.83
C VAL C 263 -54.23 15.69 25.85
N LYS C 264 -53.93 16.91 26.26
CA LYS C 264 -54.77 17.65 27.17
C LYS C 264 -54.60 19.12 26.85
N ARG C 265 -55.67 19.88 27.07
CA ARG C 265 -55.62 21.34 27.02
C ARG C 265 -56.17 21.87 28.34
N VAL C 266 -55.34 22.59 29.08
CA VAL C 266 -55.69 23.02 30.42
C VAL C 266 -55.87 24.54 30.40
N ASP C 267 -55.68 25.19 31.54
CA ASP C 267 -55.85 26.64 31.63
C ASP C 267 -54.78 27.18 32.57
N GLN C 268 -54.91 28.46 32.93
CA GLN C 268 -53.89 29.09 33.77
C GLN C 268 -53.93 28.55 35.20
N LYS C 269 -55.14 28.33 35.74
CA LYS C 269 -55.26 27.81 37.10
C LYS C 269 -54.80 26.36 37.19
N THR C 270 -55.21 25.52 36.22
CA THR C 270 -54.77 24.13 36.20
C THR C 270 -53.26 24.04 36.06
N ARG C 271 -52.69 24.93 35.24
CA ARG C 271 -51.27 24.94 34.99
C ARG C 271 -50.50 25.28 36.26
N GLU C 272 -50.98 26.28 37.01
CA GLU C 272 -50.31 26.68 38.24
C GLU C 272 -50.44 25.63 39.34
N LYS C 273 -51.53 24.85 39.34
CA LYS C 273 -51.77 23.86 40.39
C LYS C 273 -51.14 22.50 40.12
N THR C 274 -50.97 22.11 38.86
CA THR C 274 -50.55 20.76 38.50
C THR C 274 -49.10 20.78 38.01
N SER C 275 -48.33 19.78 38.43
CA SER C 275 -46.94 19.67 37.99
C SER C 275 -46.88 19.23 36.54
N ILE C 276 -45.72 19.48 35.91
CA ILE C 276 -45.51 19.05 34.54
C ILE C 276 -45.65 17.54 34.41
N ASN C 277 -45.11 16.78 35.36
CA ASN C 277 -45.13 15.32 35.27
C ASN C 277 -46.56 14.77 35.27
N ASP C 278 -47.43 15.32 36.11
CA ASP C 278 -48.83 14.89 36.12
C ASP C 278 -49.51 15.22 34.80
N LEU C 279 -49.22 16.40 34.23
CA LEU C 279 -49.83 16.78 32.97
C LEU C 279 -49.48 15.80 31.85
N LEU C 280 -48.32 15.16 31.93
CA LEU C 280 -47.89 14.21 30.91
C LEU C 280 -48.45 12.80 31.12
N ARG C 281 -49.00 12.50 32.30
CA ARG C 281 -49.56 11.18 32.55
C ARG C 281 -51.00 11.10 32.03
N THR D 2 -5.80 0.21 -5.39
CA THR D 2 -5.02 1.45 -5.37
C THR D 2 -4.04 1.53 -4.18
N ASP D 3 -4.54 1.48 -2.94
CA ASP D 3 -3.63 1.33 -1.81
C ASP D 3 -3.04 -0.08 -1.81
N LEU D 4 -1.99 -0.27 -0.99
CA LEU D 4 -1.27 -1.55 -1.03
C LEU D 4 -2.13 -2.70 -0.50
N THR D 5 -2.91 -2.44 0.54
CA THR D 5 -3.77 -3.48 1.11
C THR D 5 -4.83 -3.93 0.11
N GLN D 6 -5.49 -2.97 -0.53
CA GLN D 6 -6.49 -3.29 -1.53
C GLN D 6 -5.84 -4.02 -2.70
N LEU D 7 -4.63 -3.57 -3.09
CA LEU D 7 -3.96 -4.20 -4.22
C LEU D 7 -3.69 -5.67 -3.93
N GLU D 8 -3.16 -5.97 -2.73
CA GLU D 8 -2.86 -7.33 -2.34
C GLU D 8 -4.12 -8.16 -2.31
N MET D 9 -5.19 -7.62 -1.73
CA MET D 9 -6.46 -8.32 -1.64
C MET D 9 -6.97 -8.73 -3.03
N ILE D 10 -6.96 -7.80 -3.99
CA ILE D 10 -7.45 -8.10 -5.33
C ILE D 10 -6.62 -9.21 -5.98
N ILE D 11 -5.30 -9.12 -5.85
CA ILE D 11 -4.38 -10.11 -6.41
C ILE D 11 -4.58 -11.48 -5.76
N GLU D 12 -4.75 -11.52 -4.45
CA GLU D 12 -4.89 -12.82 -3.81
CA GLU D 12 -4.91 -12.80 -3.77
C GLU D 12 -6.22 -13.48 -4.17
N LYS D 13 -7.31 -12.70 -4.20
CA LYS D 13 -8.59 -13.28 -4.62
C LYS D 13 -8.54 -13.73 -6.08
N ALA D 14 -7.94 -12.91 -6.96
CA ALA D 14 -7.81 -13.27 -8.36
C ALA D 14 -6.92 -14.51 -8.56
N PHE D 15 -5.86 -14.64 -7.75
CA PHE D 15 -5.00 -15.82 -7.85
C PHE D 15 -5.75 -17.07 -7.44
N ASP D 16 -6.63 -16.97 -6.43
CA ASP D 16 -7.51 -18.10 -6.13
C ASP D 16 -8.40 -18.41 -7.32
N ASP D 17 -8.75 -17.39 -8.12
CA ASP D 17 -9.55 -17.59 -9.32
C ASP D 17 -8.70 -17.59 -10.59
N ARG D 18 -7.42 -17.97 -10.46
CA ARG D 18 -6.49 -17.80 -11.59
C ARG D 18 -6.85 -18.67 -12.79
N ASN D 19 -7.43 -19.86 -12.55
CA ASN D 19 -7.80 -20.71 -13.67
C ASN D 19 -8.92 -20.11 -14.49
N SER D 20 -9.70 -19.21 -13.89
CA SER D 20 -10.72 -18.50 -14.64
C SER D 20 -10.21 -17.24 -15.32
N ILE D 21 -8.94 -16.84 -15.08
CA ILE D 21 -8.35 -15.60 -15.60
C ILE D 21 -7.65 -15.92 -16.92
N ASN D 22 -7.78 -15.04 -17.91
CA ASN D 22 -7.19 -15.23 -19.22
C ASN D 22 -7.04 -13.88 -19.92
N THR D 23 -6.81 -13.91 -21.23
CA THR D 23 -6.57 -12.68 -21.98
C THR D 23 -7.83 -11.87 -22.23
N THR D 24 -9.03 -12.41 -21.95
CA THR D 24 -10.21 -11.55 -22.00
C THR D 24 -10.45 -10.85 -20.67
N THR D 25 -9.84 -11.36 -19.60
CA THR D 25 -9.98 -10.75 -18.27
C THR D 25 -9.27 -9.41 -18.28
N LYS D 26 -10.02 -8.34 -18.12
CA LYS D 26 -9.34 -7.07 -18.05
C LYS D 26 -9.78 -6.38 -16.78
N GLY D 27 -10.13 -5.10 -16.86
CA GLY D 27 -10.69 -4.47 -15.69
C GLY D 27 -9.74 -4.44 -14.51
N GLU D 28 -10.34 -4.45 -13.32
CA GLU D 28 -9.59 -4.16 -12.09
C GLU D 28 -8.50 -5.19 -11.83
N ILE D 29 -8.72 -6.45 -12.22
CA ILE D 29 -7.71 -7.46 -12.03
C ILE D 29 -6.47 -7.14 -12.87
N LEU D 30 -6.67 -6.78 -14.14
CA LEU D 30 -5.59 -6.35 -15.02
C LEU D 30 -4.90 -5.08 -14.47
N GLU D 31 -5.70 -4.11 -14.04
CA GLU D 31 -5.15 -2.88 -13.49
C GLU D 31 -4.32 -3.14 -12.23
N SER D 32 -4.82 -4.00 -11.34
CA SER D 32 -4.11 -4.28 -10.09
C SER D 32 -2.78 -4.93 -10.39
N VAL D 33 -2.80 -5.89 -11.31
CA VAL D 33 -1.58 -6.61 -11.69
C VAL D 33 -0.56 -5.68 -12.30
N GLU D 34 -0.99 -4.87 -13.26
CA GLU D 34 -0.09 -3.89 -13.87
CA GLU D 34 -0.09 -3.90 -13.87
C GLU D 34 0.48 -2.95 -12.82
N HIS D 35 -0.35 -2.54 -11.87
CA HIS D 35 0.11 -1.66 -10.81
C HIS D 35 1.16 -2.37 -9.95
N ALA D 36 0.93 -3.64 -9.62
CA ALA D 36 1.91 -4.37 -8.84
C ALA D 36 3.23 -4.55 -9.59
N LEU D 37 3.16 -4.85 -10.88
CA LEU D 37 4.40 -5.04 -11.61
C LEU D 37 5.19 -3.72 -11.80
N ASN D 38 4.50 -2.57 -11.84
CA ASN D 38 5.22 -1.29 -11.95
C ASN D 38 5.93 -0.96 -10.64
N LEU D 39 5.26 -1.21 -9.52
CA LEU D 39 5.88 -1.06 -8.21
C LEU D 39 7.14 -1.91 -8.10
N LEU D 40 7.08 -3.16 -8.60
CA LEU D 40 8.25 -4.02 -8.67
C LEU D 40 9.34 -3.41 -9.54
N ASP D 41 8.96 -2.90 -10.72
CA ASP D 41 9.92 -2.34 -11.67
C ASP D 41 10.66 -1.15 -11.08
N LYS D 42 9.99 -0.38 -10.23
CA LYS D 42 10.60 0.76 -9.56
C LYS D 42 11.29 0.37 -8.27
N GLY D 43 11.20 -0.90 -7.86
CA GLY D 43 11.81 -1.31 -6.61
C GLY D 43 11.11 -0.78 -5.38
N GLU D 44 9.87 -0.31 -5.50
CA GLU D 44 9.15 0.17 -4.33
C GLU D 44 8.64 -0.97 -3.48
N VAL D 45 8.42 -2.12 -4.10
CA VAL D 45 8.14 -3.38 -3.41
C VAL D 45 9.10 -4.39 -4.01
N ARG D 46 9.28 -5.49 -3.28
CA ARG D 46 10.19 -6.56 -3.70
C ARG D 46 9.65 -7.90 -3.26
N VAL D 47 9.99 -8.95 -4.02
CA VAL D 47 9.42 -10.26 -3.76
C VAL D 47 9.81 -10.75 -2.37
N VAL D 48 11.06 -10.50 -1.95
CA VAL D 48 11.46 -10.84 -0.59
C VAL D 48 12.19 -9.66 0.03
N LYS D 49 11.99 -9.51 1.34
CA LYS D 49 12.63 -8.47 2.13
C LYS D 49 13.34 -9.12 3.29
N ARG D 50 14.53 -8.61 3.57
CA ARG D 50 15.31 -9.12 4.68
C ARG D 50 14.73 -8.52 5.95
N GLN D 51 14.42 -9.38 6.92
CA GLN D 51 13.83 -8.91 8.15
C GLN D 51 14.92 -8.30 9.02
N LYS D 52 14.55 -7.75 10.17
CA LYS D 52 15.54 -7.10 11.02
C LYS D 52 16.64 -8.08 11.44
N ASN D 53 16.26 -9.32 11.81
CA ASN D 53 17.22 -10.32 12.26
C ASN D 53 18.16 -10.79 11.16
N GLY D 54 17.84 -10.51 9.89
CA GLY D 54 18.58 -11.08 8.78
C GLY D 54 17.86 -12.22 8.08
N LYS D 55 16.67 -12.58 8.55
CA LYS D 55 15.92 -13.60 7.83
C LYS D 55 15.21 -12.93 6.65
N TRP D 56 15.02 -13.69 5.59
CA TRP D 56 14.35 -13.17 4.40
C TRP D 56 12.94 -13.75 4.37
N HIS D 57 11.96 -12.88 4.16
CA HIS D 57 10.55 -13.25 4.17
C HIS D 57 9.93 -12.97 2.80
N VAL D 58 9.15 -13.92 2.32
CA VAL D 58 8.56 -13.82 0.99
C VAL D 58 7.27 -13.02 1.02
N HIS D 59 7.12 -12.13 0.06
CA HIS D 59 5.86 -11.43 -0.21
C HIS D 59 5.12 -12.20 -1.30
N GLN D 60 4.31 -13.18 -0.88
CA GLN D 60 3.74 -14.14 -1.83
C GLN D 60 2.84 -13.47 -2.87
N TRP D 61 2.18 -12.36 -2.50
CA TRP D 61 1.23 -11.73 -3.41
C TRP D 61 1.89 -11.14 -4.65
N LEU D 62 3.15 -10.74 -4.55
CA LEU D 62 3.87 -10.25 -5.71
C LEU D 62 4.21 -11.39 -6.69
N LYS D 63 4.48 -12.60 -6.16
CA LYS D 63 4.67 -13.74 -7.05
C LYS D 63 3.38 -14.03 -7.82
N LYS D 64 2.24 -13.96 -7.11
CA LYS D 64 0.94 -14.18 -7.71
C LYS D 64 0.64 -13.14 -8.78
N ALA D 65 1.07 -11.89 -8.54
CA ALA D 65 0.89 -10.88 -9.57
C ALA D 65 1.66 -11.26 -10.83
N VAL D 66 2.92 -11.64 -10.67
CA VAL D 66 3.74 -12.07 -11.81
C VAL D 66 3.07 -13.25 -12.51
N LEU D 67 2.68 -14.25 -11.74
CA LEU D 67 2.06 -15.44 -12.30
C LEU D 67 0.74 -15.12 -13.00
N LEU D 68 -0.02 -14.13 -12.48
CA LEU D 68 -1.24 -13.72 -13.15
C LEU D 68 -0.97 -13.01 -14.46
N SER D 69 0.13 -12.24 -14.56
CA SER D 69 0.43 -11.53 -15.80
C SER D 69 0.67 -12.49 -16.96
N PHE D 70 1.16 -13.71 -16.69
CA PHE D 70 1.29 -14.69 -17.78
C PHE D 70 -0.05 -14.99 -18.42
N ARG D 71 -1.08 -15.12 -17.59
CA ARG D 71 -2.42 -15.41 -18.07
C ARG D 71 -3.14 -14.21 -18.67
N LEU D 72 -2.85 -13.00 -18.16
CA LEU D 72 -3.56 -11.79 -18.60
C LEU D 72 -3.07 -11.29 -19.96
N ASN D 73 -1.79 -11.43 -20.24
CA ASN D 73 -1.26 -10.73 -21.40
C ASN D 73 -1.30 -11.63 -22.63
N PRO D 74 -1.76 -11.13 -23.77
CA PRO D 74 -1.70 -11.92 -25.00
C PRO D 74 -0.30 -11.94 -25.61
N MET D 75 -0.03 -13.00 -26.34
CA MET D 75 1.14 -13.06 -27.23
C MET D 75 1.05 -11.96 -28.27
N GLN D 76 2.17 -11.30 -28.54
CA GLN D 76 2.07 -10.20 -29.50
C GLN D 76 3.38 -10.01 -30.23
N ILE D 77 3.27 -9.38 -31.39
CA ILE D 77 4.43 -9.04 -32.18
C ILE D 77 5.27 -8.00 -31.42
N MET D 78 6.56 -8.27 -31.31
CA MET D 78 7.53 -7.31 -30.79
C MET D 78 8.60 -7.13 -31.86
N THR D 79 8.80 -5.90 -32.30
CA THR D 79 9.71 -5.55 -33.39
C THR D 79 11.15 -5.46 -32.87
N GLY D 80 12.09 -5.32 -33.80
CA GLY D 80 13.47 -5.07 -33.45
C GLY D 80 14.47 -6.16 -33.78
N GLY D 81 14.05 -7.22 -34.46
CA GLY D 81 14.96 -8.28 -34.81
C GLY D 81 15.74 -7.98 -36.08
N VAL D 82 16.64 -8.91 -36.41
CA VAL D 82 17.52 -8.74 -37.57
C VAL D 82 16.69 -8.61 -38.83
N ASN D 83 17.07 -7.66 -39.69
CA ASN D 83 16.41 -7.43 -40.97
C ASN D 83 14.94 -7.05 -40.79
N GLY D 84 14.59 -6.44 -39.66
CA GLY D 84 13.24 -6.02 -39.39
C GLY D 84 12.31 -7.12 -38.94
N THR D 85 12.83 -8.32 -38.67
CA THR D 85 12.00 -9.40 -38.15
C THR D 85 11.54 -9.06 -36.73
N SER D 86 10.66 -9.90 -36.21
CA SER D 86 9.98 -9.62 -34.95
C SER D 86 10.18 -10.78 -34.00
N TRP D 87 9.81 -10.56 -32.74
CA TRP D 87 9.68 -11.64 -31.78
C TRP D 87 8.22 -11.80 -31.38
N TRP D 88 7.94 -12.83 -30.58
CA TRP D 88 6.58 -13.23 -30.26
C TRP D 88 6.53 -13.64 -28.78
N ASP D 89 6.05 -12.73 -27.93
CA ASP D 89 6.14 -12.91 -26.49
C ASP D 89 5.03 -12.10 -25.84
N LYS D 90 4.90 -12.24 -24.51
CA LYS D 90 3.87 -11.56 -23.73
C LYS D 90 4.41 -10.76 -22.54
N VAL D 91 5.72 -10.51 -22.46
CA VAL D 91 6.28 -9.70 -21.40
C VAL D 91 6.95 -8.46 -22.00
N PRO D 92 6.54 -7.23 -21.64
CA PRO D 92 7.21 -6.05 -22.20
C PRO D 92 8.59 -5.84 -21.58
N SER D 93 9.45 -5.12 -22.34
CA SER D 93 10.75 -4.75 -21.80
C SER D 93 10.59 -3.73 -20.68
N LYS D 94 11.53 -3.77 -19.74
CA LYS D 94 11.61 -2.72 -18.73
C LYS D 94 11.78 -1.35 -19.38
N PHE D 95 12.44 -1.29 -20.53
CA PHE D 95 12.83 -0.04 -21.16
C PHE D 95 11.78 0.51 -22.10
N SER D 96 10.57 -0.06 -22.10
CA SER D 96 9.46 0.43 -22.91
C SER D 96 9.23 1.93 -22.66
N HIS D 97 9.29 2.73 -23.73
CA HIS D 97 9.09 4.17 -23.67
C HIS D 97 10.11 4.92 -22.85
N TRP D 98 11.23 4.28 -22.48
CA TRP D 98 12.25 4.98 -21.70
C TRP D 98 13.03 5.94 -22.60
N GLN D 99 13.12 7.19 -22.18
CA GLN D 99 13.89 8.16 -22.94
C GLN D 99 15.07 8.60 -22.11
N GLU D 100 15.84 9.54 -22.68
CA GLU D 100 17.03 10.04 -21.99
C GLU D 100 16.73 10.44 -20.54
N ALA D 101 15.63 11.15 -20.31
CA ALA D 101 15.31 11.57 -18.94
C ALA D 101 15.09 10.37 -18.01
N ASP D 102 14.44 9.32 -18.51
CA ASP D 102 14.20 8.14 -17.66
C ASP D 102 15.51 7.45 -17.31
N PHE D 103 16.40 7.30 -18.29
CA PHE D 103 17.69 6.70 -18.01
C PHE D 103 18.50 7.57 -17.06
N LYS D 104 18.43 8.90 -17.24
CA LYS D 104 19.15 9.80 -16.35
C LYS D 104 18.64 9.68 -14.91
N LYS D 105 17.32 9.55 -14.74
CA LYS D 105 16.78 9.40 -13.39
C LYS D 105 17.21 8.07 -12.78
N ALA D 106 17.06 6.98 -13.54
CA ALA D 106 17.40 5.67 -12.99
C ALA D 106 18.88 5.56 -12.69
N ASP D 107 19.74 6.25 -13.45
CA ASP D 107 21.14 6.41 -13.11
C ASP D 107 21.90 5.08 -13.15
N PHE D 108 21.52 4.16 -14.02
CA PHE D 108 22.33 2.97 -14.25
C PHE D 108 22.78 2.91 -15.71
N ARG D 109 23.70 2.00 -15.99
CA ARG D 109 24.30 1.89 -17.31
C ARG D 109 23.77 0.64 -18.00
N SER D 110 23.28 0.79 -19.23
CA SER D 110 22.69 -0.34 -19.95
C SER D 110 23.41 -0.54 -21.27
N VAL D 111 24.35 -1.47 -21.31
CA VAL D 111 25.19 -1.65 -22.48
C VAL D 111 24.39 -2.37 -23.56
N PRO D 112 24.47 -1.94 -24.81
CA PRO D 112 23.75 -2.59 -25.91
C PRO D 112 23.92 -4.11 -25.91
N GLY D 113 22.79 -4.82 -25.89
CA GLY D 113 22.77 -6.24 -25.66
C GLY D 113 22.14 -6.65 -24.34
N ALA D 114 22.08 -5.73 -23.38
CA ALA D 114 21.39 -6.00 -22.12
C ALA D 114 19.88 -6.11 -22.35
N ILE D 115 19.26 -7.10 -21.72
CA ILE D 115 17.85 -7.41 -21.87
C ILE D 115 17.24 -7.44 -20.48
N VAL D 116 16.19 -6.63 -20.26
CA VAL D 116 15.53 -6.59 -18.95
C VAL D 116 14.03 -6.58 -19.16
N ARG D 117 13.35 -7.58 -18.59
CA ARG D 117 11.91 -7.62 -18.67
C ARG D 117 11.31 -6.69 -17.62
N HIS D 118 10.18 -6.10 -17.97
CA HIS D 118 9.44 -5.22 -17.07
C HIS D 118 9.08 -5.93 -15.77
N SER D 119 9.18 -5.19 -14.67
CA SER D 119 8.96 -5.59 -13.28
C SER D 119 10.28 -5.91 -12.59
N ALA D 120 11.37 -5.95 -13.33
CA ALA D 120 12.69 -6.07 -12.71
C ALA D 120 13.19 -4.70 -12.28
N TYR D 121 13.66 -4.61 -11.05
CA TYR D 121 14.23 -3.39 -10.53
C TYR D 121 15.74 -3.38 -10.77
N ILE D 122 16.24 -2.26 -11.29
CA ILE D 122 17.67 -2.04 -11.48
C ILE D 122 18.05 -0.74 -10.78
N ALA D 123 18.95 -0.83 -9.78
CA ALA D 123 19.26 0.31 -8.91
C ALA D 123 20.28 1.28 -9.55
N PRO D 124 20.44 2.47 -8.99
CA PRO D 124 21.48 3.38 -9.51
C PRO D 124 22.86 2.74 -9.46
N ASN D 125 23.71 3.18 -10.39
CA ASN D 125 25.11 2.77 -10.50
C ASN D 125 25.29 1.29 -10.78
N VAL D 126 24.21 0.60 -11.23
CA VAL D 126 24.36 -0.74 -11.80
C VAL D 126 24.89 -0.61 -13.22
N ILE D 127 25.68 -1.59 -13.64
CA ILE D 127 26.13 -1.71 -15.02
C ILE D 127 25.58 -3.01 -15.58
N LEU D 128 24.71 -2.89 -16.58
CA LEU D 128 24.20 -4.05 -17.30
C LEU D 128 25.02 -4.23 -18.58
N MET D 129 25.95 -5.18 -18.56
CA MET D 129 26.57 -5.69 -19.78
C MET D 129 25.52 -6.48 -20.55
N PRO D 130 25.81 -6.95 -21.77
CA PRO D 130 24.84 -7.85 -22.43
C PRO D 130 24.54 -9.05 -21.55
N SER D 131 23.27 -9.21 -21.20
CA SER D 131 22.80 -10.06 -20.12
C SER D 131 21.27 -10.07 -20.14
N PHE D 132 20.69 -10.83 -19.22
CA PHE D 132 19.25 -11.00 -19.11
C PHE D 132 18.85 -10.93 -17.64
N VAL D 133 17.92 -10.04 -17.31
CA VAL D 133 17.31 -9.93 -15.99
C VAL D 133 15.83 -10.19 -16.16
N ASN D 134 15.31 -11.20 -15.45
CA ASN D 134 13.96 -11.71 -15.65
C ASN D 134 12.99 -11.05 -14.68
N LEU D 135 11.72 -11.47 -14.76
CA LEU D 135 10.63 -10.83 -14.04
C LEU D 135 10.85 -10.80 -12.53
N GLY D 136 10.45 -9.70 -11.90
CA GLY D 136 10.47 -9.62 -10.44
C GLY D 136 11.84 -9.60 -9.79
N ALA D 137 12.91 -9.49 -10.57
CA ALA D 137 14.25 -9.50 -10.00
C ALA D 137 14.58 -8.13 -9.41
N PHE D 138 15.57 -8.11 -8.52
CA PHE D 138 15.96 -6.91 -7.79
C PHE D 138 17.49 -6.88 -7.79
N VAL D 139 18.06 -5.84 -8.40
CA VAL D 139 19.50 -5.70 -8.52
C VAL D 139 19.89 -4.39 -7.86
N ASP D 140 20.54 -4.46 -6.69
CA ASP D 140 20.75 -3.26 -5.89
C ASP D 140 22.00 -2.45 -6.30
N GLU D 141 22.16 -1.33 -5.59
CA GLU D 141 23.04 -0.24 -6.02
CA GLU D 141 23.04 -0.24 -5.98
C GLU D 141 24.46 -0.72 -6.26
N GLY D 142 25.02 -0.28 -7.39
CA GLY D 142 26.42 -0.50 -7.66
C GLY D 142 26.84 -1.88 -8.10
N THR D 143 25.92 -2.71 -8.55
CA THR D 143 26.26 -4.08 -8.91
C THR D 143 26.63 -4.20 -10.39
N MET D 144 27.59 -5.08 -10.67
CA MET D 144 27.98 -5.38 -12.03
C MET D 144 27.32 -6.67 -12.50
N VAL D 145 26.61 -6.60 -13.61
CA VAL D 145 26.05 -7.78 -14.24
C VAL D 145 26.86 -7.98 -15.53
N ASP D 146 27.83 -8.90 -15.51
CA ASP D 146 28.78 -9.04 -16.61
C ASP D 146 28.23 -9.89 -17.77
N THR D 147 29.03 -10.01 -18.81
CA THR D 147 28.51 -10.44 -20.11
C THR D 147 27.94 -11.86 -20.08
N TRP D 148 26.75 -12.01 -20.65
CA TRP D 148 26.01 -13.28 -20.66
C TRP D 148 25.73 -13.80 -19.25
N ALA D 149 25.64 -12.89 -18.26
CA ALA D 149 25.07 -13.28 -16.99
C ALA D 149 23.54 -13.32 -17.09
N THR D 150 22.92 -14.07 -16.18
CA THR D 150 21.48 -14.22 -16.11
C THR D 150 21.03 -14.02 -14.68
N VAL D 151 20.11 -13.09 -14.45
CA VAL D 151 19.44 -12.91 -13.17
C VAL D 151 18.02 -13.43 -13.36
N GLY D 152 17.73 -14.59 -12.77
CA GLY D 152 16.45 -15.23 -12.97
C GLY D 152 15.31 -14.57 -12.20
N SER D 153 14.11 -15.08 -12.49
CA SER D 153 12.89 -14.49 -11.99
CA SER D 153 12.88 -14.50 -11.99
C SER D 153 12.88 -14.46 -10.47
N CYS D 154 12.58 -13.26 -9.92
CA CYS D 154 12.50 -12.92 -8.50
C CYS D 154 13.84 -12.89 -7.77
N ALA D 155 14.98 -13.15 -8.43
CA ALA D 155 16.24 -13.16 -7.71
C ALA D 155 16.56 -11.79 -7.14
N GLN D 156 17.19 -11.79 -5.97
CA GLN D 156 17.61 -10.59 -5.27
C GLN D 156 19.12 -10.54 -5.32
N ILE D 157 19.65 -9.46 -5.89
CA ILE D 157 21.09 -9.22 -5.96
C ILE D 157 21.39 -7.99 -5.11
N GLY D 158 22.27 -8.14 -4.13
CA GLY D 158 22.51 -7.05 -3.21
C GLY D 158 23.33 -5.92 -3.83
N LYS D 159 23.66 -4.97 -2.97
CA LYS D 159 24.50 -3.85 -3.36
C LYS D 159 25.95 -4.29 -3.58
N HIS D 160 26.61 -3.67 -4.56
CA HIS D 160 28.04 -3.83 -4.80
C HIS D 160 28.42 -5.32 -4.99
N VAL D 161 27.59 -6.01 -5.69
CA VAL D 161 27.82 -7.40 -6.06
C VAL D 161 28.47 -7.42 -7.43
N HIS D 162 29.38 -8.37 -7.65
CA HIS D 162 29.93 -8.59 -8.98
C HIS D 162 29.47 -9.96 -9.45
N LEU D 163 28.57 -9.97 -10.43
CA LEU D 163 28.18 -11.19 -11.12
C LEU D 163 29.06 -11.23 -12.36
N SER D 164 30.08 -12.08 -12.34
CA SER D 164 31.07 -12.15 -13.42
C SER D 164 30.44 -12.80 -14.65
N GLY D 165 31.26 -12.97 -15.69
CA GLY D 165 30.73 -13.44 -16.97
C GLY D 165 30.12 -14.83 -16.90
N GLY D 166 28.99 -14.98 -17.58
CA GLY D 166 28.33 -16.27 -17.71
C GLY D 166 27.76 -16.82 -16.44
N VAL D 167 27.59 -16.00 -15.42
CA VAL D 167 27.01 -16.41 -14.16
C VAL D 167 25.51 -16.52 -14.30
N GLY D 168 24.92 -17.58 -13.76
CA GLY D 168 23.49 -17.72 -13.70
C GLY D 168 23.04 -17.63 -12.25
N ILE D 169 22.10 -16.74 -11.99
CA ILE D 169 21.41 -16.72 -10.71
C ILE D 169 20.01 -17.26 -10.97
N GLY D 170 19.70 -18.45 -10.45
CA GLY D 170 18.52 -19.17 -10.90
C GLY D 170 17.21 -18.56 -10.41
N GLY D 171 16.19 -18.67 -11.26
CA GLY D 171 14.90 -18.09 -10.95
C GLY D 171 14.08 -19.03 -10.10
N VAL D 172 13.22 -18.43 -9.29
CA VAL D 172 12.37 -19.15 -8.33
C VAL D 172 11.02 -18.48 -8.36
N LEU D 173 10.04 -19.15 -8.94
CA LEU D 173 8.69 -18.60 -8.88
C LEU D 173 7.85 -19.50 -7.99
N GLU D 174 7.46 -20.65 -8.49
CA GLU D 174 6.84 -21.61 -7.60
C GLU D 174 7.86 -22.59 -7.05
N PRO D 175 7.58 -23.19 -5.88
CA PRO D 175 6.43 -22.93 -5.00
C PRO D 175 6.42 -21.52 -4.38
N LEU D 176 5.19 -21.01 -4.20
CA LEU D 176 4.98 -19.63 -3.77
C LEU D 176 5.74 -19.29 -2.50
N GLN D 177 5.81 -20.22 -1.55
CA GLN D 177 6.50 -19.97 -0.30
C GLN D 177 8.02 -20.02 -0.42
N ALA D 178 8.57 -20.54 -1.53
CA ALA D 178 10.00 -20.71 -1.64
C ALA D 178 10.70 -19.36 -1.78
N ASN D 179 11.75 -19.17 -0.99
CA ASN D 179 12.56 -17.97 -1.12
C ASN D 179 13.23 -17.95 -2.50
N PRO D 180 13.33 -16.80 -3.13
CA PRO D 180 14.09 -16.71 -4.38
C PRO D 180 15.58 -16.84 -4.08
N THR D 181 16.36 -17.00 -5.13
CA THR D 181 17.81 -17.00 -4.97
C THR D 181 18.28 -15.63 -4.53
N ILE D 182 19.14 -15.57 -3.52
CA ILE D 182 19.55 -14.29 -2.96
C ILE D 182 21.08 -14.21 -2.94
N ILE D 183 21.62 -13.12 -3.48
CA ILE D 183 23.04 -12.83 -3.36
C ILE D 183 23.13 -11.54 -2.56
N GLU D 184 23.69 -11.63 -1.35
CA GLU D 184 23.73 -10.48 -0.46
C GLU D 184 24.83 -9.51 -0.87
N ASP D 185 24.88 -8.39 -0.15
CA ASP D 185 25.77 -7.28 -0.48
C ASP D 185 27.21 -7.76 -0.58
N HIS D 186 27.97 -7.14 -1.50
CA HIS D 186 29.42 -7.25 -1.53
C HIS D 186 29.90 -8.66 -1.83
N CYS D 187 29.08 -9.47 -2.49
CA CYS D 187 29.52 -10.78 -2.94
C CYS D 187 30.19 -10.64 -4.30
N PHE D 188 31.22 -11.44 -4.52
CA PHE D 188 31.83 -11.63 -5.83
C PHE D 188 31.48 -13.04 -6.30
N ILE D 189 30.85 -13.16 -7.46
CA ILE D 189 30.49 -14.46 -7.98
C ILE D 189 31.36 -14.67 -9.22
N GLY D 190 32.33 -15.57 -9.10
CA GLY D 190 33.31 -15.73 -10.16
C GLY D 190 32.72 -16.29 -11.43
N ALA D 191 33.45 -16.10 -12.51
CA ALA D 191 32.94 -16.41 -13.83
C ALA D 191 32.40 -17.84 -13.91
N ARG D 192 31.36 -18.02 -14.70
CA ARG D 192 30.74 -19.31 -14.97
C ARG D 192 30.08 -19.96 -13.74
N SER D 193 30.06 -19.29 -12.61
CA SER D 193 29.40 -19.86 -11.44
C SER D 193 27.88 -19.87 -11.61
N GLU D 194 27.23 -20.69 -10.80
CA GLU D 194 25.79 -20.84 -10.87
C GLU D 194 25.24 -20.99 -9.45
N VAL D 195 24.27 -20.16 -9.11
CA VAL D 195 23.60 -20.16 -7.81
C VAL D 195 22.10 -20.19 -8.11
N VAL D 196 21.42 -21.27 -7.72
CA VAL D 196 20.07 -21.53 -8.19
C VAL D 196 19.17 -21.94 -7.03
N GLU D 197 17.91 -22.23 -7.39
CA GLU D 197 16.98 -23.01 -6.56
C GLU D 197 16.80 -22.41 -5.18
N GLY D 198 16.86 -21.08 -5.08
CA GLY D 198 16.60 -20.42 -3.82
C GLY D 198 17.71 -20.49 -2.80
N CYS D 199 18.93 -20.84 -3.23
CA CYS D 199 20.06 -20.75 -2.32
C CYS D 199 20.41 -19.28 -2.03
N ILE D 200 21.08 -19.06 -0.91
CA ILE D 200 21.49 -17.72 -0.51
C ILE D 200 23.02 -17.69 -0.32
N ILE D 201 23.65 -16.67 -0.88
CA ILE D 201 25.06 -16.36 -0.67
C ILE D 201 25.11 -15.15 0.25
N ARG D 202 25.50 -15.38 1.51
CA ARG D 202 25.50 -14.34 2.52
C ARG D 202 26.61 -13.32 2.26
N GLU D 203 26.44 -12.15 2.86
CA GLU D 203 27.18 -10.97 2.44
C GLU D 203 28.70 -11.15 2.56
N GLY D 204 29.40 -10.55 1.59
CA GLY D 204 30.84 -10.53 1.58
C GLY D 204 31.49 -11.78 1.04
N SER D 205 30.72 -12.73 0.51
CA SER D 205 31.32 -13.99 0.08
C SER D 205 31.96 -13.85 -1.30
N VAL D 206 32.94 -14.71 -1.55
CA VAL D 206 33.69 -14.72 -2.80
C VAL D 206 33.61 -16.13 -3.35
N LEU D 207 32.97 -16.28 -4.49
CA LEU D 207 32.88 -17.57 -5.15
C LEU D 207 33.88 -17.57 -6.28
N GLY D 208 34.74 -18.58 -6.31
CA GLY D 208 35.69 -18.75 -7.38
C GLY D 208 34.99 -19.11 -8.67
N MET D 209 35.78 -19.37 -9.71
CA MET D 209 35.19 -19.75 -10.97
C MET D 209 34.61 -21.16 -10.88
N GLY D 210 33.48 -21.36 -11.56
CA GLY D 210 32.95 -22.71 -11.67
C GLY D 210 32.33 -23.23 -10.41
N VAL D 211 31.93 -22.35 -9.51
CA VAL D 211 31.22 -22.80 -8.31
C VAL D 211 29.75 -22.96 -8.67
N PHE D 212 29.23 -24.16 -8.44
CA PHE D 212 27.82 -24.48 -8.57
C PHE D 212 27.25 -24.65 -7.17
N ILE D 213 26.20 -23.92 -6.85
CA ILE D 213 25.49 -24.08 -5.60
C ILE D 213 24.01 -24.25 -5.92
N GLY D 214 23.51 -25.47 -5.72
CA GLY D 214 22.09 -25.77 -5.82
C GLY D 214 21.53 -26.19 -4.47
N LYS D 215 20.22 -26.46 -4.48
CA LYS D 215 19.52 -26.79 -3.24
C LYS D 215 20.11 -28.03 -2.57
N SER D 216 20.54 -29.02 -3.35
CA SER D 216 21.14 -30.20 -2.73
C SER D 216 22.63 -30.31 -3.02
N THR D 217 23.38 -29.22 -2.86
CA THR D 217 24.81 -29.22 -3.08
C THR D 217 25.53 -29.17 -1.73
N LYS D 218 26.46 -30.10 -1.52
CA LYS D 218 27.27 -30.13 -0.30
C LYS D 218 28.29 -28.98 -0.33
N ILE D 219 28.25 -28.13 0.68
CA ILE D 219 29.22 -27.06 0.83
C ILE D 219 29.98 -27.38 2.11
N ILE D 220 31.26 -27.72 1.98
CA ILE D 220 32.01 -28.23 3.13
C ILE D 220 33.19 -27.32 3.43
N ASP D 221 33.36 -27.00 4.71
CA ASP D 221 34.53 -26.28 5.16
C ASP D 221 35.74 -27.21 5.11
N ARG D 222 36.73 -26.83 4.30
CA ARG D 222 37.87 -27.70 4.04
C ARG D 222 38.62 -28.07 5.33
N THR D 223 38.66 -27.18 6.32
CA THR D 223 39.40 -27.44 7.54
C THR D 223 38.56 -28.03 8.68
N THR D 224 37.30 -27.61 8.83
CA THR D 224 36.48 -28.07 9.95
C THR D 224 35.67 -29.31 9.61
N GLY D 225 35.36 -29.54 8.34
CA GLY D 225 34.50 -30.63 7.94
C GLY D 225 33.03 -30.30 8.00
N GLU D 226 32.67 -29.10 8.45
CA GLU D 226 31.28 -28.71 8.58
C GLU D 226 30.63 -28.61 7.20
N ILE D 227 29.40 -29.11 7.10
CA ILE D 227 28.67 -29.16 5.85
C ILE D 227 27.51 -28.19 5.91
N PHE D 228 27.39 -27.35 4.89
CA PHE D 228 26.26 -26.47 4.72
C PHE D 228 25.49 -26.93 3.49
N ILE D 229 24.17 -26.75 3.52
CA ILE D 229 23.29 -27.10 2.40
C ILE D 229 22.46 -25.87 2.07
N GLY D 230 22.58 -25.40 0.83
CA GLY D 230 21.74 -24.32 0.34
C GLY D 230 22.02 -22.94 0.87
N GLU D 231 23.10 -22.76 1.63
CA GLU D 231 23.42 -21.45 2.20
C GLU D 231 24.92 -21.38 2.33
N VAL D 232 25.49 -20.27 1.87
CA VAL D 232 26.92 -20.04 2.05
C VAL D 232 27.05 -18.95 3.11
N PRO D 233 27.76 -19.23 4.20
CA PRO D 233 27.83 -18.30 5.33
C PRO D 233 28.52 -17.01 4.95
N PRO D 234 28.36 -15.97 5.75
CA PRO D 234 28.98 -14.68 5.44
C PRO D 234 30.50 -14.76 5.31
N TYR D 235 31.02 -14.00 4.37
CA TYR D 235 32.45 -13.80 4.17
C TYR D 235 33.15 -15.13 3.89
N SER D 236 32.48 -16.01 3.15
CA SER D 236 33.06 -17.29 2.77
C SER D 236 33.82 -17.15 1.46
N VAL D 237 34.95 -17.83 1.38
CA VAL D 237 35.69 -17.97 0.12
C VAL D 237 35.47 -19.40 -0.35
N VAL D 238 34.88 -19.53 -1.55
CA VAL D 238 34.31 -20.79 -2.01
C VAL D 238 34.90 -21.14 -3.38
N VAL D 239 35.32 -22.41 -3.54
CA VAL D 239 35.85 -22.90 -4.82
C VAL D 239 35.23 -24.26 -5.11
N PRO D 240 35.29 -24.71 -6.36
CA PRO D 240 34.80 -26.05 -6.68
C PRO D 240 35.76 -27.13 -6.20
N GLY D 241 35.19 -28.24 -5.75
CA GLY D 241 35.97 -29.38 -5.30
C GLY D 241 35.24 -30.69 -5.53
N SER D 242 35.63 -31.74 -4.83
CA SER D 242 34.99 -33.03 -4.94
C SER D 242 35.24 -33.85 -3.68
N LEU D 243 34.31 -34.73 -3.38
CA LEU D 243 34.42 -35.68 -2.27
C LEU D 243 34.42 -37.11 -2.78
N PRO D 244 35.09 -38.04 -2.08
CA PRO D 244 35.09 -39.45 -2.53
C PRO D 244 33.70 -40.08 -2.46
N GLY D 245 33.49 -41.05 -3.34
CA GLY D 245 32.30 -41.85 -3.38
C GLY D 245 32.55 -43.29 -2.95
N LYS D 246 31.49 -44.10 -3.10
CA LYS D 246 31.55 -45.53 -2.77
C LYS D 246 32.45 -46.26 -3.77
N PRO D 247 33.07 -47.38 -3.36
CA PRO D 247 33.96 -48.11 -4.26
C PRO D 247 33.18 -48.68 -5.44
N LEU D 248 33.89 -48.86 -6.56
CA LEU D 248 33.26 -49.49 -7.72
C LEU D 248 33.08 -50.99 -7.48
N PRO D 249 32.09 -51.61 -8.12
CA PRO D 249 31.87 -53.06 -7.94
C PRO D 249 33.09 -53.91 -8.26
N ASN D 250 34.02 -53.44 -9.09
CA ASN D 250 35.25 -54.19 -9.30
C ASN D 250 36.22 -54.08 -8.11
N GLY D 251 35.89 -53.26 -7.11
CA GLY D 251 36.71 -53.09 -5.91
C GLY D 251 37.67 -51.92 -5.96
N GLU D 252 37.78 -51.24 -7.09
CA GLU D 252 38.69 -50.12 -7.22
C GLU D 252 38.04 -48.87 -6.66
N ILE D 253 38.85 -47.82 -6.46
CA ILE D 253 38.32 -46.58 -5.92
C ILE D 253 37.24 -46.05 -6.87
N GLY D 254 36.13 -45.59 -6.29
CA GLY D 254 35.04 -45.04 -7.06
C GLY D 254 35.27 -43.59 -7.44
N PRO D 255 34.40 -43.07 -8.30
CA PRO D 255 34.54 -41.66 -8.70
C PRO D 255 34.21 -40.70 -7.57
N ASN D 256 34.93 -39.58 -7.57
CA ASN D 256 34.56 -38.47 -6.72
C ASN D 256 33.32 -37.80 -7.30
N LEU D 257 32.58 -37.12 -6.43
CA LEU D 257 31.41 -36.33 -6.82
C LEU D 257 31.63 -34.88 -6.44
N TYR D 258 31.15 -33.97 -7.29
CA TYR D 258 31.36 -32.55 -7.09
C TYR D 258 30.78 -32.07 -5.76
N CYS D 259 31.46 -31.07 -5.19
CA CYS D 259 30.94 -30.32 -4.05
C CYS D 259 31.54 -28.91 -4.10
N ALA D 260 31.01 -28.02 -3.27
CA ALA D 260 31.59 -26.71 -3.06
C ALA D 260 32.46 -26.74 -1.80
N VAL D 261 33.60 -26.06 -1.84
CA VAL D 261 34.54 -26.10 -0.74
C VAL D 261 34.76 -24.68 -0.25
N ILE D 262 34.49 -24.46 1.03
CA ILE D 262 34.84 -23.22 1.70
C ILE D 262 36.30 -23.32 2.13
N VAL D 263 37.17 -22.55 1.48
CA VAL D 263 38.60 -22.61 1.79
C VAL D 263 39.01 -21.54 2.79
N LYS D 264 38.22 -20.49 2.93
CA LYS D 264 38.43 -19.46 3.93
C LYS D 264 37.08 -18.91 4.34
N ARG D 265 36.99 -18.52 5.62
CA ARG D 265 35.90 -17.70 6.12
C ARG D 265 36.56 -16.49 6.76
N VAL D 266 36.33 -15.31 6.20
CA VAL D 266 37.04 -14.12 6.66
C VAL D 266 36.09 -13.17 7.37
N ASP D 267 36.49 -11.91 7.48
CA ASP D 267 35.64 -10.91 8.09
CA ASP D 267 35.77 -10.84 8.15
C ASP D 267 35.55 -9.70 7.18
N GLN D 268 34.75 -8.72 7.61
CA GLN D 268 34.55 -7.54 6.79
C GLN D 268 35.86 -6.80 6.56
N LYS D 269 36.68 -6.71 7.61
CA LYS D 269 37.95 -6.01 7.48
C LYS D 269 38.89 -6.76 6.53
N THR D 270 38.92 -8.10 6.60
CA THR D 270 39.80 -8.84 5.69
C THR D 270 39.40 -8.62 4.25
N ARG D 271 38.10 -8.59 3.97
CA ARG D 271 37.60 -8.46 2.62
C ARG D 271 37.96 -7.10 2.02
N GLU D 272 37.80 -6.02 2.80
CA GLU D 272 38.13 -4.69 2.31
C GLU D 272 39.64 -4.50 2.13
N LYS D 273 40.47 -5.19 2.93
CA LYS D 273 41.92 -5.04 2.85
C LYS D 273 42.56 -5.96 1.82
N THR D 274 41.94 -7.12 1.54
CA THR D 274 42.53 -8.16 0.70
C THR D 274 41.82 -8.26 -0.64
N SER D 275 42.61 -8.44 -1.69
CA SER D 275 42.08 -8.61 -3.04
C SER D 275 41.41 -9.98 -3.20
N ILE D 276 40.52 -10.07 -4.20
CA ILE D 276 39.80 -11.31 -4.47
C ILE D 276 40.76 -12.45 -4.83
N ASN D 277 41.77 -12.17 -5.66
CA ASN D 277 42.71 -13.21 -6.06
C ASN D 277 43.49 -13.76 -4.87
N ASP D 278 43.89 -12.88 -3.96
CA ASP D 278 44.59 -13.36 -2.78
C ASP D 278 43.69 -14.25 -1.91
N LEU D 279 42.43 -13.86 -1.75
CA LEU D 279 41.52 -14.64 -0.91
C LEU D 279 41.32 -16.04 -1.46
N LEU D 280 41.42 -16.22 -2.77
CA LEU D 280 41.21 -17.52 -3.39
C LEU D 280 42.45 -18.41 -3.36
N ARG D 281 43.61 -17.85 -2.98
CA ARG D 281 44.89 -18.56 -2.95
C ARG D 281 45.10 -19.39 -1.69
N ASP D 282 46.07 -19.01 -0.87
CA ASP D 282 46.48 -19.80 0.29
C ASP D 282 46.30 -19.04 1.58
N THR E 2 52.50 14.64 -34.97
CA THR E 2 51.66 14.00 -35.97
C THR E 2 52.10 12.56 -36.25
N ASP E 3 53.09 12.06 -35.51
CA ASP E 3 53.50 10.67 -35.61
C ASP E 3 53.08 9.90 -34.37
N LEU E 4 53.42 8.60 -34.34
CA LEU E 4 53.04 7.74 -33.23
C LEU E 4 53.71 8.18 -31.94
N THR E 5 54.97 8.63 -32.03
CA THR E 5 55.67 9.11 -30.84
C THR E 5 54.93 10.31 -30.25
N GLN E 6 54.47 11.20 -31.11
CA GLN E 6 53.76 12.40 -30.67
C GLN E 6 52.46 12.05 -29.97
N LEU E 7 51.71 11.07 -30.50
CA LEU E 7 50.45 10.68 -29.91
C LEU E 7 50.61 10.25 -28.46
N GLU E 8 51.64 9.43 -28.18
CA GLU E 8 51.84 8.92 -26.83
C GLU E 8 52.03 10.04 -25.82
N MET E 9 52.91 11.01 -26.13
CA MET E 9 53.15 12.13 -25.21
C MET E 9 51.86 12.91 -24.96
N ILE E 10 51.09 13.15 -26.02
CA ILE E 10 49.82 13.85 -25.84
C ILE E 10 48.90 13.04 -24.94
N ILE E 11 48.80 11.72 -25.19
CA ILE E 11 47.94 10.88 -24.35
C ILE E 11 48.45 10.87 -22.92
N GLU E 12 49.77 10.72 -22.74
CA GLU E 12 50.32 10.53 -21.40
C GLU E 12 50.25 11.81 -20.57
N LYS E 13 50.56 12.96 -21.17
CA LYS E 13 50.38 14.23 -20.47
C LYS E 13 48.90 14.48 -20.16
N ALA E 14 48.02 14.20 -21.12
CA ALA E 14 46.60 14.39 -20.86
C ALA E 14 46.10 13.45 -19.77
N PHE E 15 46.60 12.20 -19.76
CA PHE E 15 46.21 11.26 -18.72
C PHE E 15 46.66 11.75 -17.35
N ASP E 16 47.84 12.39 -17.28
CA ASP E 16 48.26 12.98 -16.01
C ASP E 16 47.27 14.05 -15.55
N ASP E 17 46.61 14.71 -16.49
CA ASP E 17 45.60 15.72 -16.20
C ASP E 17 44.18 15.17 -16.35
N ARG E 18 44.00 13.87 -16.16
CA ARG E 18 42.75 13.23 -16.54
C ARG E 18 41.55 13.76 -15.76
N ASN E 19 41.76 14.23 -14.52
CA ASN E 19 40.62 14.69 -13.73
C ASN E 19 39.94 15.92 -14.34
N SER E 20 40.67 16.73 -15.11
CA SER E 20 40.08 17.88 -15.78
C SER E 20 39.49 17.55 -17.15
N ILE E 21 39.57 16.29 -17.58
CA ILE E 21 39.05 15.86 -18.88
C ILE E 21 37.60 15.42 -18.72
N ASN E 22 36.73 15.84 -19.63
CA ASN E 22 35.31 15.49 -19.55
C ASN E 22 34.71 15.55 -20.96
N THR E 23 33.37 15.57 -21.03
CA THR E 23 32.70 15.53 -22.32
C THR E 23 32.73 16.86 -23.07
N THR E 24 33.13 17.96 -22.41
CA THR E 24 33.29 19.21 -23.13
C THR E 24 34.69 19.34 -23.72
N THR E 25 35.64 18.50 -23.31
CA THR E 25 37.00 18.56 -23.84
C THR E 25 37.02 18.25 -25.33
N LYS E 26 37.54 19.19 -26.12
CA LYS E 26 37.68 18.97 -27.56
C LYS E 26 39.15 19.09 -27.94
N GLY E 27 39.43 19.73 -29.08
CA GLY E 27 40.80 20.01 -29.45
C GLY E 27 41.65 18.77 -29.65
N GLU E 28 42.95 18.92 -29.42
CA GLU E 28 43.90 17.86 -29.74
C GLU E 28 43.71 16.63 -28.85
N ILE E 29 43.34 16.83 -27.59
CA ILE E 29 43.17 15.68 -26.70
C ILE E 29 42.03 14.80 -27.18
N LEU E 30 40.91 15.41 -27.55
CA LEU E 30 39.81 14.64 -28.11
C LEU E 30 40.22 13.94 -29.40
N GLU E 31 40.88 14.68 -30.30
CA GLU E 31 41.31 14.10 -31.57
C GLU E 31 42.34 12.99 -31.37
N SER E 32 43.26 13.17 -30.43
CA SER E 32 44.31 12.17 -30.23
C SER E 32 43.75 10.86 -29.72
N VAL E 33 42.83 10.92 -28.75
CA VAL E 33 42.23 9.70 -28.20
C VAL E 33 41.50 8.94 -29.29
N GLU E 34 40.66 9.62 -30.07
CA GLU E 34 39.94 8.91 -31.12
C GLU E 34 40.90 8.35 -32.15
N HIS E 35 41.96 9.10 -32.50
CA HIS E 35 42.96 8.56 -33.40
C HIS E 35 43.58 7.27 -32.84
N ALA E 36 43.90 7.27 -31.54
CA ALA E 36 44.50 6.09 -30.91
C ALA E 36 43.54 4.90 -30.89
N LEU E 37 42.27 5.13 -30.57
CA LEU E 37 41.33 4.02 -30.53
C LEU E 37 41.01 3.53 -31.95
N ASN E 38 41.11 4.41 -32.94
CA ASN E 38 40.94 3.94 -34.31
C ASN E 38 42.10 3.08 -34.74
N LEU E 39 43.32 3.46 -34.34
CA LEU E 39 44.47 2.61 -34.61
C LEU E 39 44.29 1.25 -33.93
N LEU E 40 43.81 1.25 -32.68
CA LEU E 40 43.51 -0.01 -32.02
C LEU E 40 42.45 -0.79 -32.78
N ASP E 41 41.38 -0.10 -33.19
CA ASP E 41 40.28 -0.76 -33.90
C ASP E 41 40.74 -1.37 -35.22
N LYS E 42 41.71 -0.74 -35.91
CA LYS E 42 42.24 -1.33 -37.13
C LYS E 42 43.37 -2.31 -36.88
N GLY E 43 43.76 -2.50 -35.62
CA GLY E 43 44.85 -3.40 -35.28
C GLY E 43 46.23 -2.92 -35.66
N GLU E 44 46.38 -1.64 -35.99
CA GLU E 44 47.67 -1.07 -36.36
C GLU E 44 48.57 -0.92 -35.15
N VAL E 45 47.96 -0.76 -33.97
CA VAL E 45 48.65 -0.88 -32.70
C VAL E 45 47.87 -1.89 -31.86
N ARG E 46 48.55 -2.40 -30.83
CA ARG E 46 47.96 -3.39 -29.95
C ARG E 46 48.38 -3.08 -28.53
N VAL E 47 47.52 -3.48 -27.61
CA VAL E 47 47.73 -3.15 -26.20
C VAL E 47 49.06 -3.75 -25.72
N VAL E 48 49.40 -4.94 -26.20
CA VAL E 48 50.67 -5.58 -25.91
C VAL E 48 51.28 -6.18 -27.17
N LYS E 49 52.61 -6.21 -27.19
CA LYS E 49 53.38 -6.82 -28.25
C LYS E 49 54.34 -7.85 -27.65
N ARG E 50 54.52 -8.97 -28.35
CA ARG E 50 55.46 -9.99 -27.90
C ARG E 50 56.87 -9.55 -28.24
N GLN E 51 57.75 -9.58 -27.25
CA GLN E 51 59.15 -9.22 -27.46
C GLN E 51 59.88 -10.41 -28.07
N LYS E 52 61.15 -10.22 -28.41
CA LYS E 52 61.89 -11.30 -29.04
C LYS E 52 61.94 -12.54 -28.15
N ASN E 53 62.16 -12.36 -26.84
CA ASN E 53 62.26 -13.49 -25.93
C ASN E 53 60.95 -14.28 -25.78
N GLY E 54 59.82 -13.72 -26.19
CA GLY E 54 58.55 -14.39 -25.98
C GLY E 54 57.70 -13.87 -24.84
N LYS E 55 58.18 -12.89 -24.09
CA LYS E 55 57.37 -12.25 -23.07
C LYS E 55 56.54 -11.14 -23.72
N TRP E 56 55.40 -10.83 -23.12
CA TRP E 56 54.47 -9.84 -23.65
C TRP E 56 54.56 -8.57 -22.81
N HIS E 57 54.65 -7.43 -23.48
CA HIS E 57 54.84 -6.15 -22.81
C HIS E 57 53.65 -5.23 -23.11
N VAL E 58 53.16 -4.54 -22.07
CA VAL E 58 51.99 -3.67 -22.20
C VAL E 58 52.39 -2.28 -22.71
N HIS E 59 51.61 -1.77 -23.66
CA HIS E 59 51.68 -0.37 -24.10
C HIS E 59 50.69 0.43 -23.25
N GLN E 60 51.17 0.99 -22.13
CA GLN E 60 50.26 1.57 -21.15
C GLN E 60 49.49 2.77 -21.71
N TRP E 61 50.11 3.51 -22.62
CA TRP E 61 49.45 4.72 -23.13
C TRP E 61 48.20 4.39 -23.93
N LEU E 62 48.13 3.19 -24.52
CA LEU E 62 46.89 2.79 -25.19
C LEU E 62 45.78 2.50 -24.19
N LYS E 63 46.13 1.94 -23.03
CA LYS E 63 45.15 1.81 -21.97
C LYS E 63 44.72 3.19 -21.46
N LYS E 64 45.68 4.11 -21.34
CA LYS E 64 45.36 5.45 -20.89
C LYS E 64 44.40 6.15 -21.85
N ALA E 65 44.59 5.92 -23.16
CA ALA E 65 43.66 6.47 -24.14
C ALA E 65 42.24 5.91 -23.97
N VAL E 66 42.12 4.59 -23.79
CA VAL E 66 40.81 4.00 -23.55
C VAL E 66 40.19 4.60 -22.29
N LEU E 67 40.97 4.67 -21.21
CA LEU E 67 40.46 5.23 -19.97
C LEU E 67 40.04 6.69 -20.16
N LEU E 68 40.75 7.43 -21.00
CA LEU E 68 40.38 8.81 -21.27
C LEU E 68 39.10 8.89 -22.12
N SER E 69 38.90 7.91 -23.01
CA SER E 69 37.70 7.92 -23.86
C SER E 69 36.43 7.75 -23.04
N PHE E 70 36.52 7.09 -21.90
CA PHE E 70 35.38 7.01 -20.99
C PHE E 70 35.03 8.39 -20.48
N ARG E 71 36.04 9.23 -20.25
CA ARG E 71 35.77 10.58 -19.78
C ARG E 71 35.27 11.49 -20.91
N LEU E 72 35.75 11.28 -22.14
CA LEU E 72 35.40 12.18 -23.25
C LEU E 72 33.99 11.93 -23.78
N ASN E 73 33.56 10.67 -23.78
CA ASN E 73 32.25 10.45 -24.42
C ASN E 73 31.13 10.51 -23.39
N PRO E 74 30.04 11.15 -23.79
CA PRO E 74 28.87 11.25 -22.92
C PRO E 74 28.03 9.98 -22.92
N MET E 75 27.38 9.73 -21.80
CA MET E 75 26.32 8.74 -21.76
C MET E 75 25.24 9.16 -22.75
N GLN E 76 24.75 8.22 -23.56
CA GLN E 76 23.81 8.60 -24.59
C GLN E 76 22.84 7.46 -24.95
N ILE E 77 21.72 7.87 -25.55
CA ILE E 77 20.73 6.95 -26.09
C ILE E 77 21.36 6.20 -27.26
N MET E 78 21.22 4.87 -27.25
CA MET E 78 21.59 4.02 -28.37
C MET E 78 20.36 3.22 -28.76
N THR E 79 19.96 3.35 -30.02
CA THR E 79 18.73 2.74 -30.52
C THR E 79 18.96 1.27 -30.87
N GLY E 80 17.87 0.55 -31.15
CA GLY E 80 17.97 -0.80 -31.65
C GLY E 80 17.43 -1.90 -30.74
N GLY E 81 16.84 -1.55 -29.60
CA GLY E 81 16.30 -2.55 -28.70
C GLY E 81 14.90 -3.01 -29.12
N VAL E 82 14.38 -3.98 -28.36
CA VAL E 82 13.10 -4.58 -28.72
C VAL E 82 12.02 -3.51 -28.77
N ASN E 83 11.19 -3.55 -29.81
CA ASN E 83 10.08 -2.59 -29.98
C ASN E 83 10.55 -1.16 -30.04
N GLY E 84 11.75 -0.92 -30.54
CA GLY E 84 12.24 0.43 -30.63
C GLY E 84 12.74 1.01 -29.34
N THR E 85 12.91 0.17 -28.31
CA THR E 85 13.51 0.63 -27.07
C THR E 85 15.00 0.93 -27.31
N SER E 86 15.64 1.50 -26.29
CA SER E 86 16.98 2.04 -26.43
C SER E 86 17.91 1.46 -25.37
N TRP E 87 19.21 1.69 -25.54
CA TRP E 87 20.20 1.47 -24.50
C TRP E 87 20.82 2.79 -24.08
N TRP E 88 21.65 2.72 -23.04
CA TRP E 88 22.19 3.91 -22.37
C TRP E 88 23.63 3.61 -21.99
N ASP E 89 24.59 4.06 -22.80
CA ASP E 89 25.98 3.67 -22.67
C ASP E 89 26.81 4.77 -23.33
N LYS E 90 28.14 4.69 -23.18
CA LYS E 90 29.01 5.72 -23.73
C LYS E 90 30.14 5.14 -24.59
N VAL E 91 30.03 3.89 -25.01
CA VAL E 91 31.02 3.28 -25.89
C VAL E 91 30.33 2.97 -27.21
N PRO E 92 30.79 3.53 -28.33
CA PRO E 92 30.15 3.25 -29.61
C PRO E 92 30.48 1.85 -30.10
N SER E 93 29.60 1.32 -30.94
CA SER E 93 29.88 0.06 -31.59
C SER E 93 31.05 0.20 -32.56
N LYS E 94 31.80 -0.89 -32.74
CA LYS E 94 32.81 -0.94 -33.78
C LYS E 94 32.20 -0.64 -35.14
N PHE E 95 30.96 -1.06 -35.35
CA PHE E 95 30.30 -1.03 -36.65
C PHE E 95 29.58 0.28 -36.90
N SER E 96 29.81 1.29 -36.06
CA SER E 96 29.24 2.60 -36.30
C SER E 96 29.58 3.08 -37.70
N HIS E 97 28.54 3.37 -38.49
CA HIS E 97 28.62 3.89 -39.85
C HIS E 97 29.18 2.89 -40.85
N TRP E 98 29.24 1.60 -40.50
CA TRP E 98 29.70 0.60 -41.45
C TRP E 98 28.65 0.26 -42.50
N GLN E 99 29.07 0.26 -43.76
CA GLN E 99 28.30 -0.18 -44.92
C GLN E 99 28.98 -1.39 -45.55
N GLU E 100 28.41 -1.86 -46.66
CA GLU E 100 28.92 -3.04 -47.35
C GLU E 100 30.41 -2.95 -47.63
N ALA E 101 30.89 -1.81 -48.14
CA ALA E 101 32.31 -1.71 -48.49
C ALA E 101 33.20 -1.90 -47.27
N ASP E 102 32.77 -1.41 -46.12
CA ASP E 102 33.56 -1.57 -44.89
C ASP E 102 33.70 -3.05 -44.52
N PHE E 103 32.59 -3.79 -44.55
CA PHE E 103 32.63 -5.20 -44.20
C PHE E 103 33.45 -6.00 -45.21
N LYS E 104 33.31 -5.69 -46.49
CA LYS E 104 34.11 -6.40 -47.48
C LYS E 104 35.59 -6.12 -47.28
N LYS E 105 35.95 -4.89 -46.93
CA LYS E 105 37.36 -4.56 -46.70
C LYS E 105 37.89 -5.30 -45.49
N ALA E 106 37.16 -5.27 -44.37
CA ALA E 106 37.62 -5.96 -43.17
C ALA E 106 37.63 -7.47 -43.36
N ASP E 107 36.73 -7.98 -44.21
CA ASP E 107 36.77 -9.37 -44.70
C ASP E 107 36.55 -10.40 -43.58
N PHE E 108 35.79 -10.05 -42.54
CA PHE E 108 35.38 -11.05 -41.56
C PHE E 108 33.86 -11.16 -41.53
N ARG E 109 33.39 -12.22 -40.89
CA ARG E 109 31.97 -12.59 -40.86
C ARG E 109 31.36 -12.26 -39.51
N SER E 110 30.25 -11.52 -39.53
CA SER E 110 29.59 -11.03 -38.34
C SER E 110 28.13 -11.51 -38.34
N VAL E 111 27.87 -12.57 -37.57
CA VAL E 111 26.57 -13.23 -37.53
C VAL E 111 25.63 -12.38 -36.69
N PRO E 112 24.39 -12.17 -37.14
CA PRO E 112 23.45 -11.38 -36.35
C PRO E 112 23.41 -11.86 -34.91
N GLY E 113 23.61 -10.92 -33.99
CA GLY E 113 23.85 -11.24 -32.60
C GLY E 113 25.25 -10.91 -32.13
N ALA E 114 26.20 -10.75 -33.05
CA ALA E 114 27.57 -10.38 -32.66
C ALA E 114 27.60 -8.95 -32.16
N ILE E 115 28.35 -8.72 -31.07
CA ILE E 115 28.49 -7.41 -30.46
C ILE E 115 29.98 -7.13 -30.31
N VAL E 116 30.43 -6.01 -30.88
CA VAL E 116 31.85 -5.61 -30.82
C VAL E 116 31.94 -4.12 -30.53
N ARG E 117 32.67 -3.75 -29.47
CA ARG E 117 32.88 -2.35 -29.18
C ARG E 117 34.02 -1.78 -30.02
N HIS E 118 33.88 -0.50 -30.36
CA HIS E 118 34.92 0.22 -31.08
C HIS E 118 36.22 0.21 -30.30
N SER E 119 37.34 0.04 -31.03
CA SER E 119 38.72 -0.06 -30.58
C SER E 119 39.17 -1.52 -30.43
N ALA E 120 38.25 -2.47 -30.55
CA ALA E 120 38.61 -3.88 -30.62
C ALA E 120 38.93 -4.24 -32.07
N TYR E 121 40.05 -4.91 -32.30
CA TYR E 121 40.44 -5.31 -33.63
C TYR E 121 39.97 -6.71 -33.97
N ILE E 122 39.33 -6.85 -35.13
CA ILE E 122 38.86 -8.13 -35.66
C ILE E 122 39.51 -8.32 -37.03
N ALA E 123 40.32 -9.37 -37.17
CA ALA E 123 41.12 -9.57 -38.36
C ALA E 123 40.31 -10.24 -39.48
N PRO E 124 40.82 -10.24 -40.71
CA PRO E 124 40.13 -10.97 -41.78
C PRO E 124 39.95 -12.46 -41.46
N ASN E 125 38.87 -13.02 -42.00
CA ASN E 125 38.48 -14.42 -41.86
C ASN E 125 38.14 -14.82 -40.42
N VAL E 126 37.90 -13.86 -39.56
CA VAL E 126 37.32 -14.17 -38.26
C VAL E 126 35.84 -14.46 -38.45
N ILE E 127 35.30 -15.37 -37.65
CA ILE E 127 33.85 -15.65 -37.63
C ILE E 127 33.33 -15.28 -36.25
N LEU E 128 32.49 -14.26 -36.20
CA LEU E 128 31.83 -13.84 -34.96
C LEU E 128 30.42 -14.42 -34.95
N MET E 129 30.21 -15.48 -34.17
CA MET E 129 28.88 -15.95 -33.83
C MET E 129 28.29 -14.92 -32.88
N PRO E 130 27.01 -15.07 -32.45
CA PRO E 130 26.54 -14.19 -31.37
C PRO E 130 27.48 -14.29 -30.18
N SER E 131 28.06 -13.15 -29.78
CA SER E 131 29.20 -13.09 -28.87
C SER E 131 29.44 -11.63 -28.53
N PHE E 132 30.45 -11.40 -27.69
CA PHE E 132 30.78 -10.05 -27.27
C PHE E 132 32.28 -9.88 -27.30
N VAL E 133 32.74 -8.81 -27.95
CA VAL E 133 34.15 -8.46 -27.97
C VAL E 133 34.28 -7.05 -27.43
N ASN E 134 35.01 -6.91 -26.32
CA ASN E 134 35.07 -5.66 -25.57
C ASN E 134 36.25 -4.79 -26.03
N LEU E 135 36.37 -3.62 -25.39
CA LEU E 135 37.31 -2.59 -25.83
C LEU E 135 38.75 -3.10 -25.88
N GLY E 136 39.49 -2.63 -26.89
CA GLY E 136 40.91 -2.89 -26.96
C GLY E 136 41.31 -4.34 -27.18
N ALA E 137 40.36 -5.21 -27.45
CA ALA E 137 40.69 -6.60 -27.68
C ALA E 137 41.30 -6.75 -29.08
N PHE E 138 41.99 -7.85 -29.29
CA PHE E 138 42.68 -8.14 -30.54
C PHE E 138 42.36 -9.57 -30.93
N VAL E 139 41.71 -9.74 -32.07
CA VAL E 139 41.31 -11.06 -32.55
C VAL E 139 41.94 -11.26 -33.94
N ASP E 140 42.98 -12.09 -34.00
CA ASP E 140 43.78 -12.19 -35.21
C ASP E 140 43.14 -13.14 -36.22
N GLU E 141 43.89 -13.40 -37.30
CA GLU E 141 43.35 -13.97 -38.53
C GLU E 141 42.79 -15.38 -38.34
N GLY E 142 41.61 -15.60 -38.91
CA GLY E 142 41.03 -16.94 -38.99
C GLY E 142 40.51 -17.51 -37.69
N THR E 143 40.31 -16.68 -36.68
CA THR E 143 39.88 -17.17 -35.38
C THR E 143 38.35 -17.22 -35.33
N MET E 144 37.82 -18.29 -34.73
CA MET E 144 36.37 -18.46 -34.58
C MET E 144 35.95 -18.05 -33.17
N VAL E 145 35.02 -17.13 -33.09
CA VAL E 145 34.41 -16.72 -31.84
C VAL E 145 32.99 -17.29 -31.87
N ASP E 146 32.79 -18.40 -31.15
CA ASP E 146 31.55 -19.18 -31.20
C ASP E 146 30.50 -18.57 -30.29
N THR E 147 29.31 -19.16 -30.29
CA THR E 147 28.12 -18.52 -29.73
C THR E 147 28.24 -18.28 -28.22
N TRP E 148 27.88 -17.06 -27.81
CA TRP E 148 27.95 -16.59 -26.41
C TRP E 148 29.36 -16.69 -25.85
N ALA E 149 30.38 -16.64 -26.71
CA ALA E 149 31.73 -16.43 -26.22
C ALA E 149 31.93 -14.96 -25.88
N THR E 150 32.91 -14.68 -25.04
CA THR E 150 33.23 -13.32 -24.64
C THR E 150 34.74 -13.16 -24.74
N VAL E 151 35.16 -12.15 -25.49
CA VAL E 151 36.55 -11.72 -25.55
C VAL E 151 36.61 -10.41 -24.76
N GLY E 152 37.19 -10.49 -23.56
CA GLY E 152 37.19 -9.36 -22.64
C GLY E 152 38.15 -8.26 -23.08
N SER E 153 38.10 -7.15 -22.33
CA SER E 153 38.79 -5.96 -22.78
C SER E 153 40.30 -6.15 -22.71
N CYS E 154 40.98 -5.72 -23.77
CA CYS E 154 42.41 -5.83 -24.01
C CYS E 154 42.87 -7.24 -24.29
N ALA E 155 41.99 -8.24 -24.26
CA ALA E 155 42.41 -9.61 -24.51
C ALA E 155 42.97 -9.76 -25.92
N GLN E 156 44.01 -10.56 -26.06
CA GLN E 156 44.68 -10.82 -27.33
C GLN E 156 44.39 -12.26 -27.74
N ILE E 157 43.79 -12.44 -28.90
CA ILE E 157 43.50 -13.77 -29.42
C ILE E 157 44.30 -13.94 -30.70
N GLY E 158 45.14 -14.98 -30.74
CA GLY E 158 46.04 -15.20 -31.86
C GLY E 158 45.33 -15.72 -33.10
N LYS E 159 46.14 -16.07 -34.09
CA LYS E 159 45.62 -16.59 -35.35
C LYS E 159 45.09 -18.02 -35.22
N HIS E 160 43.99 -18.28 -35.93
CA HIS E 160 43.42 -19.63 -36.06
C HIS E 160 43.16 -20.25 -34.70
N VAL E 161 42.57 -19.47 -33.81
CA VAL E 161 42.12 -19.92 -32.52
C VAL E 161 40.64 -20.29 -32.63
N HIS E 162 40.23 -21.35 -31.94
CA HIS E 162 38.83 -21.72 -31.87
C HIS E 162 38.40 -21.48 -30.43
N LEU E 163 37.64 -20.41 -30.22
CA LEU E 163 37.01 -20.14 -28.93
C LEU E 163 35.59 -20.71 -29.00
N SER E 164 35.35 -21.82 -28.32
CA SER E 164 34.07 -22.51 -28.45
C SER E 164 32.95 -21.75 -27.74
N GLY E 165 31.75 -22.33 -27.81
CA GLY E 165 30.59 -21.68 -27.25
C GLY E 165 30.75 -21.46 -25.74
N GLY E 166 30.34 -20.27 -25.29
CA GLY E 166 30.38 -19.97 -23.87
C GLY E 166 31.76 -19.86 -23.27
N VAL E 167 32.80 -19.74 -24.09
CA VAL E 167 34.14 -19.55 -23.55
C VAL E 167 34.29 -18.09 -23.15
N GLY E 168 34.83 -17.83 -21.96
CA GLY E 168 35.12 -16.49 -21.52
C GLY E 168 36.61 -16.24 -21.50
N ILE E 169 37.03 -15.18 -22.19
CA ILE E 169 38.40 -14.67 -22.13
C ILE E 169 38.37 -13.38 -21.33
N GLY E 170 38.97 -13.40 -20.14
CA GLY E 170 38.76 -12.33 -19.18
C GLY E 170 39.46 -11.04 -19.58
N GLY E 171 38.78 -9.92 -19.31
CA GLY E 171 39.29 -8.60 -19.64
C GLY E 171 40.15 -7.98 -18.55
N VAL E 172 41.07 -7.12 -18.99
CA VAL E 172 42.01 -6.43 -18.09
C VAL E 172 42.27 -5.01 -18.62
N LEU E 173 41.75 -4.00 -17.93
CA LEU E 173 42.11 -2.60 -18.19
C LEU E 173 43.01 -2.08 -17.09
N GLU E 174 42.48 -1.84 -15.91
CA GLU E 174 43.44 -1.55 -14.86
C GLU E 174 43.76 -2.80 -14.05
N PRO E 175 44.92 -2.86 -13.36
CA PRO E 175 46.03 -1.87 -13.29
C PRO E 175 46.72 -1.68 -14.65
N LEU E 176 47.23 -0.47 -14.88
CA LEU E 176 47.78 -0.14 -16.19
C LEU E 176 48.87 -1.13 -16.61
N GLN E 177 49.70 -1.57 -15.65
CA GLN E 177 50.81 -2.46 -15.96
C GLN E 177 50.39 -3.92 -16.14
N ALA E 178 49.18 -4.31 -15.75
CA ALA E 178 48.84 -5.73 -15.77
C ALA E 178 48.68 -6.22 -17.20
N ASN E 179 49.33 -7.34 -17.51
CA ASN E 179 49.18 -7.96 -18.82
C ASN E 179 47.73 -8.40 -19.01
N PRO E 180 47.17 -8.22 -20.20
CA PRO E 180 45.84 -8.76 -20.47
C PRO E 180 45.90 -10.27 -20.63
N THR E 181 44.73 -10.89 -20.67
CA THR E 181 44.61 -12.30 -21.01
C THR E 181 45.05 -12.53 -22.46
N ILE E 182 45.87 -13.56 -22.67
CA ILE E 182 46.44 -13.81 -23.99
C ILE E 182 46.21 -15.27 -24.38
N ILE E 183 45.69 -15.50 -25.58
CA ILE E 183 45.58 -16.81 -26.19
C ILE E 183 46.40 -16.77 -27.47
N GLU E 184 47.51 -17.52 -27.51
CA GLU E 184 48.44 -17.50 -28.64
C GLU E 184 47.90 -18.33 -29.80
N ASP E 185 48.63 -18.29 -30.92
CA ASP E 185 48.16 -18.85 -32.18
C ASP E 185 47.79 -20.32 -32.05
N HIS E 186 46.74 -20.72 -32.78
CA HIS E 186 46.36 -22.12 -33.00
C HIS E 186 45.91 -22.84 -31.73
N CYS E 187 45.44 -22.10 -30.70
CA CYS E 187 44.89 -22.75 -29.53
C CYS E 187 43.43 -23.13 -29.73
N PHE E 188 43.04 -24.28 -29.20
CA PHE E 188 41.64 -24.68 -29.15
C PHE E 188 41.17 -24.57 -27.71
N ILE E 189 40.11 -23.81 -27.48
CA ILE E 189 39.56 -23.65 -26.14
C ILE E 189 38.15 -24.24 -26.14
N GLY E 190 37.99 -25.40 -25.47
CA GLY E 190 36.72 -26.10 -25.49
C GLY E 190 35.61 -25.35 -24.76
N ALA E 191 34.37 -25.75 -25.05
CA ALA E 191 33.18 -25.04 -24.59
C ALA E 191 33.18 -24.88 -23.06
N ARG E 192 32.60 -23.75 -22.62
CA ARG E 192 32.45 -23.41 -21.20
C ARG E 192 33.78 -23.19 -20.50
N SER E 193 34.90 -23.23 -21.21
CA SER E 193 36.15 -22.94 -20.54
C SER E 193 36.26 -21.44 -20.26
N GLU E 194 37.18 -21.10 -19.37
CA GLU E 194 37.37 -19.71 -18.95
C GLU E 194 38.86 -19.49 -18.67
N VAL E 195 39.42 -18.43 -19.24
CA VAL E 195 40.82 -18.03 -19.03
C VAL E 195 40.82 -16.54 -18.70
N VAL E 196 41.29 -16.18 -17.50
CA VAL E 196 41.03 -14.83 -17.01
C VAL E 196 42.28 -14.18 -16.43
N GLU E 197 42.09 -12.93 -16.02
CA GLU E 197 42.98 -12.21 -15.10
C GLU E 197 44.43 -12.18 -15.57
N GLY E 198 44.63 -12.09 -16.88
CA GLY E 198 45.99 -11.96 -17.39
C GLY E 198 46.79 -13.23 -17.47
N CYS E 199 46.13 -14.39 -17.38
CA CYS E 199 46.81 -15.64 -17.69
C CYS E 199 47.05 -15.73 -19.20
N ILE E 200 48.00 -16.58 -19.58
CA ILE E 200 48.37 -16.77 -20.97
C ILE E 200 48.28 -18.26 -21.32
N ILE E 201 47.67 -18.57 -22.45
CA ILE E 201 47.66 -19.94 -22.97
C ILE E 201 48.61 -19.96 -24.16
N ARG E 202 49.75 -20.63 -24.00
CA ARG E 202 50.78 -20.62 -25.04
C ARG E 202 50.34 -21.44 -26.26
N GLU E 203 51.04 -21.19 -27.36
CA GLU E 203 50.63 -21.56 -28.70
C GLU E 203 50.32 -23.05 -28.85
N GLY E 204 49.31 -23.35 -29.66
CA GLY E 204 48.98 -24.71 -30.03
C GLY E 204 48.32 -25.55 -28.95
N SER E 205 47.97 -24.96 -27.80
CA SER E 205 47.44 -25.75 -26.72
C SER E 205 45.97 -26.11 -26.98
N VAL E 206 45.52 -27.19 -26.35
CA VAL E 206 44.15 -27.67 -26.48
C VAL E 206 43.57 -27.79 -25.08
N LEU E 207 42.56 -27.00 -24.79
CA LEU E 207 41.85 -27.07 -23.52
C LEU E 207 40.53 -27.78 -23.76
N GLY E 208 40.26 -28.81 -22.96
CA GLY E 208 38.99 -29.50 -23.03
C GLY E 208 37.87 -28.62 -22.50
N MET E 209 36.67 -29.20 -22.45
CA MET E 209 35.53 -28.44 -21.98
C MET E 209 35.63 -28.17 -20.49
N GLY E 210 35.21 -26.98 -20.08
CA GLY E 210 35.13 -26.74 -18.65
C GLY E 210 36.46 -26.51 -17.97
N VAL E 211 37.49 -26.10 -18.70
CA VAL E 211 38.78 -25.77 -18.09
C VAL E 211 38.75 -24.32 -17.62
N PHE E 212 39.00 -24.09 -16.35
CA PHE E 212 39.11 -22.76 -15.79
C PHE E 212 40.56 -22.49 -15.44
N ILE E 213 41.10 -21.38 -15.95
CA ILE E 213 42.47 -20.97 -15.66
C ILE E 213 42.40 -19.53 -15.17
N GLY E 214 42.57 -19.34 -13.87
CA GLY E 214 42.69 -18.02 -13.28
C GLY E 214 44.06 -17.85 -12.65
N LYS E 215 44.26 -16.66 -12.07
CA LYS E 215 45.52 -16.38 -11.39
C LYS E 215 45.77 -17.34 -10.25
N SER E 216 44.71 -17.78 -9.59
CA SER E 216 44.84 -18.68 -8.44
C SER E 216 44.43 -20.09 -8.82
N THR E 217 44.89 -20.58 -9.98
CA THR E 217 44.63 -21.94 -10.41
C THR E 217 45.93 -22.71 -10.51
N LYS E 218 46.01 -23.86 -9.84
CA LYS E 218 47.15 -24.75 -10.00
C LYS E 218 46.98 -25.51 -11.31
N ILE E 219 48.00 -25.46 -12.17
CA ILE E 219 48.02 -26.20 -13.43
C ILE E 219 49.15 -27.24 -13.32
N ILE E 220 48.81 -28.52 -13.37
CA ILE E 220 49.75 -29.59 -13.08
C ILE E 220 49.86 -30.56 -14.26
N ASP E 221 51.10 -30.90 -14.62
CA ASP E 221 51.38 -31.96 -15.58
C ASP E 221 51.22 -33.30 -14.86
N ARG E 222 50.24 -34.12 -15.30
CA ARG E 222 49.94 -35.37 -14.60
C ARG E 222 51.09 -36.38 -14.65
N THR E 223 51.90 -36.35 -15.72
CA THR E 223 52.99 -37.31 -15.86
C THR E 223 54.26 -36.81 -15.19
N THR E 224 54.50 -35.51 -15.26
CA THR E 224 55.72 -34.88 -14.76
C THR E 224 55.63 -34.43 -13.31
N GLY E 225 54.45 -34.06 -12.84
CA GLY E 225 54.32 -33.50 -11.52
C GLY E 225 54.57 -32.01 -11.43
N GLU E 226 54.97 -31.38 -12.54
CA GLU E 226 55.21 -29.94 -12.52
C GLU E 226 53.91 -29.15 -12.41
N ILE E 227 53.94 -28.12 -11.58
CA ILE E 227 52.82 -27.23 -11.36
C ILE E 227 53.17 -25.88 -11.98
N PHE E 228 52.29 -25.37 -12.82
CA PHE E 228 52.42 -24.04 -13.42
C PHE E 228 51.32 -23.17 -12.83
N ILE E 229 51.58 -21.87 -12.76
CA ILE E 229 50.61 -20.89 -12.27
C ILE E 229 50.46 -19.78 -13.30
N GLY E 230 49.24 -19.56 -13.78
CA GLY E 230 48.90 -18.47 -14.67
C GLY E 230 49.35 -18.62 -16.12
N GLU E 231 49.86 -19.79 -16.50
CA GLU E 231 50.38 -20.02 -17.84
C GLU E 231 50.21 -21.48 -18.20
N VAL E 232 49.78 -21.74 -19.43
CA VAL E 232 49.71 -23.09 -19.97
C VAL E 232 50.83 -23.20 -21.00
N PRO E 233 51.77 -24.14 -20.87
CA PRO E 233 52.93 -24.19 -21.78
C PRO E 233 52.51 -24.52 -23.20
N PRO E 234 53.39 -24.31 -24.19
CA PRO E 234 53.01 -24.55 -25.58
C PRO E 234 52.54 -25.98 -25.81
N TYR E 235 51.54 -26.11 -26.68
CA TYR E 235 51.06 -27.41 -27.16
C TYR E 235 50.66 -28.33 -26.00
N SER E 236 50.09 -27.76 -24.94
CA SER E 236 49.60 -28.55 -23.83
C SER E 236 48.16 -28.96 -24.12
N VAL E 237 47.82 -30.19 -23.75
CA VAL E 237 46.43 -30.65 -23.76
C VAL E 237 45.94 -30.64 -22.32
N VAL E 238 44.89 -29.85 -22.06
CA VAL E 238 44.49 -29.51 -20.70
C VAL E 238 43.05 -29.91 -20.47
N VAL E 239 42.80 -30.56 -19.35
CA VAL E 239 41.45 -30.97 -18.95
C VAL E 239 41.25 -30.58 -17.49
N PRO E 240 39.99 -30.44 -17.06
CA PRO E 240 39.74 -30.09 -15.65
C PRO E 240 39.95 -31.28 -14.74
N GLY E 241 40.47 -30.99 -13.56
CA GLY E 241 40.71 -32.02 -12.58
C GLY E 241 40.66 -31.53 -11.16
N SER E 242 41.25 -32.29 -10.25
CA SER E 242 41.31 -31.92 -8.85
C SER E 242 42.48 -32.61 -8.18
N LEU E 243 43.04 -31.94 -7.18
CA LEU E 243 44.14 -32.43 -6.36
C LEU E 243 43.71 -32.56 -4.91
N PRO E 244 44.30 -33.47 -4.15
CA PRO E 244 43.94 -33.54 -2.73
C PRO E 244 44.30 -32.22 -2.06
N GLY E 245 43.53 -31.86 -1.02
CA GLY E 245 43.77 -30.60 -0.33
C GLY E 245 44.87 -30.74 0.70
N LYS E 246 45.21 -29.60 1.31
CA LYS E 246 46.32 -29.63 2.25
C LYS E 246 45.91 -30.41 3.50
N PRO E 247 46.82 -31.21 4.07
CA PRO E 247 46.43 -32.04 5.21
C PRO E 247 46.13 -31.21 6.46
N LEU E 248 45.10 -31.65 7.20
CA LEU E 248 44.67 -30.96 8.41
C LEU E 248 45.55 -31.29 9.63
N PRO E 249 45.70 -30.35 10.56
CA PRO E 249 46.47 -30.66 11.78
C PRO E 249 45.82 -31.76 12.61
N ASN E 250 44.49 -31.93 12.51
CA ASN E 250 43.79 -33.00 13.22
C ASN E 250 44.00 -34.37 12.58
N GLY E 251 44.58 -34.42 11.38
CA GLY E 251 44.89 -35.67 10.72
C GLY E 251 43.87 -36.21 9.74
N GLU E 252 42.70 -35.57 9.59
CA GLU E 252 41.69 -36.08 8.67
C GLU E 252 41.88 -35.53 7.25
N ILE E 253 41.47 -36.33 6.27
CA ILE E 253 41.60 -35.95 4.87
C ILE E 253 40.52 -34.95 4.49
N GLY E 254 40.92 -33.89 3.79
CA GLY E 254 40.03 -32.88 3.29
C GLY E 254 39.44 -33.20 1.93
N PRO E 255 38.56 -32.34 1.43
CA PRO E 255 38.05 -32.51 0.06
C PRO E 255 39.12 -32.19 -0.96
N ASN E 256 38.97 -32.77 -2.15
CA ASN E 256 39.77 -32.34 -3.29
C ASN E 256 39.36 -30.96 -3.75
N LEU E 257 40.29 -30.25 -4.38
CA LEU E 257 40.05 -28.94 -4.93
C LEU E 257 40.30 -28.95 -6.43
N TYR E 258 39.48 -28.21 -7.16
CA TYR E 258 39.61 -28.14 -8.60
C TYR E 258 40.99 -27.63 -9.00
N CYS E 259 41.50 -28.16 -10.10
CA CYS E 259 42.70 -27.68 -10.75
C CYS E 259 42.64 -28.06 -12.23
N ALA E 260 43.54 -27.49 -13.01
CA ALA E 260 43.73 -27.88 -14.40
C ALA E 260 44.86 -28.89 -14.48
N VAL E 261 44.70 -29.89 -15.35
CA VAL E 261 45.63 -31.00 -15.49
C VAL E 261 46.13 -31.03 -16.94
N ILE E 262 47.44 -30.97 -17.11
CA ILE E 262 48.06 -31.23 -18.40
C ILE E 262 48.22 -32.74 -18.56
N VAL E 263 47.44 -33.32 -19.48
CA VAL E 263 47.45 -34.77 -19.67
C VAL E 263 48.43 -35.22 -20.76
N LYS E 264 48.76 -34.36 -21.71
CA LYS E 264 49.80 -34.66 -22.67
C LYS E 264 50.36 -33.33 -23.14
N ARG E 265 51.64 -33.36 -23.51
CA ARG E 265 52.37 -32.24 -24.10
C ARG E 265 52.91 -32.68 -25.44
N VAL E 266 52.43 -32.04 -26.51
CA VAL E 266 52.78 -32.48 -27.87
C VAL E 266 53.64 -31.44 -28.57
N ASP E 267 53.60 -31.44 -29.90
CA ASP E 267 54.38 -30.51 -30.71
C ASP E 267 53.51 -30.05 -31.87
N GLN E 268 54.10 -29.28 -32.80
CA GLN E 268 53.31 -28.74 -33.90
C GLN E 268 52.93 -29.83 -34.89
N LYS E 269 53.84 -30.77 -35.19
CA LYS E 269 53.52 -31.82 -36.14
C LYS E 269 52.40 -32.70 -35.62
N THR E 270 52.40 -32.99 -34.32
CA THR E 270 51.32 -33.76 -33.71
C THR E 270 49.98 -33.05 -33.88
N ARG E 271 49.98 -31.72 -33.78
CA ARG E 271 48.72 -30.99 -33.85
C ARG E 271 48.07 -31.11 -35.23
N GLU E 272 48.85 -30.92 -36.31
CA GLU E 272 48.28 -31.00 -37.65
C GLU E 272 47.84 -32.42 -37.99
N LYS E 273 48.50 -33.42 -37.40
CA LYS E 273 48.20 -34.82 -37.68
C LYS E 273 47.07 -35.37 -36.81
N THR E 274 46.89 -34.84 -35.60
CA THR E 274 45.98 -35.41 -34.62
C THR E 274 44.75 -34.52 -34.45
N SER E 275 43.58 -35.15 -34.37
CA SER E 275 42.31 -34.49 -34.17
C SER E 275 42.14 -34.00 -32.74
N ILE E 276 41.24 -33.04 -32.55
CA ILE E 276 40.97 -32.49 -31.22
C ILE E 276 40.56 -33.60 -30.26
N ASN E 277 39.64 -34.48 -30.71
CA ASN E 277 39.13 -35.55 -29.86
C ASN E 277 40.20 -36.56 -29.49
N ASP E 278 41.08 -36.91 -30.44
CA ASP E 278 42.16 -37.86 -30.15
C ASP E 278 43.10 -37.31 -29.08
N LEU E 279 43.43 -36.02 -29.16
CA LEU E 279 44.34 -35.42 -28.17
C LEU E 279 43.74 -35.44 -26.77
N LEU E 280 42.41 -35.29 -26.67
CA LEU E 280 41.68 -35.26 -25.41
C LEU E 280 41.23 -36.62 -24.90
N ARG E 281 41.34 -37.69 -25.71
CA ARG E 281 40.78 -38.96 -25.28
C ARG E 281 41.71 -39.72 -24.34
N ASP E 282 43.01 -39.65 -24.57
CA ASP E 282 44.00 -40.51 -23.90
C ASP E 282 43.57 -41.98 -23.97
N ASP F 3 8.61 -35.31 -55.99
CA ASP F 3 8.54 -36.04 -54.73
C ASP F 3 9.83 -35.85 -53.93
N LEU F 4 9.98 -36.62 -52.85
CA LEU F 4 11.20 -36.52 -52.05
C LEU F 4 12.40 -37.11 -52.80
N THR F 5 12.19 -38.21 -53.52
CA THR F 5 13.30 -38.87 -54.23
C THR F 5 13.91 -37.99 -55.31
N GLN F 6 13.07 -37.33 -56.12
CA GLN F 6 13.60 -36.49 -57.18
C GLN F 6 14.43 -35.34 -56.61
N LEU F 7 13.98 -34.75 -55.51
CA LEU F 7 14.77 -33.71 -54.86
C LEU F 7 16.11 -34.24 -54.41
N GLU F 8 16.12 -35.43 -53.80
CA GLU F 8 17.36 -36.00 -53.29
C GLU F 8 18.39 -36.21 -54.40
N MET F 9 17.95 -36.78 -55.53
CA MET F 9 18.88 -37.02 -56.63
C MET F 9 19.53 -35.73 -57.10
N ILE F 10 18.73 -34.67 -57.23
CA ILE F 10 19.26 -33.38 -57.68
C ILE F 10 20.33 -32.88 -56.71
N ILE F 11 20.04 -32.91 -55.41
CA ILE F 11 20.98 -32.42 -54.41
C ILE F 11 22.26 -33.25 -54.43
N GLU F 12 22.12 -34.57 -54.63
CA GLU F 12 23.28 -35.44 -54.78
C GLU F 12 24.25 -34.91 -55.83
N LYS F 13 23.76 -34.75 -57.06
CA LYS F 13 24.63 -34.42 -58.19
C LYS F 13 25.24 -33.04 -58.04
N ALA F 14 24.46 -32.06 -57.56
CA ALA F 14 24.99 -30.71 -57.41
C ALA F 14 26.13 -30.66 -56.39
N PHE F 15 26.01 -31.41 -55.29
CA PHE F 15 27.09 -31.45 -54.31
C PHE F 15 28.35 -32.08 -54.90
N ASP F 16 28.19 -33.07 -55.77
CA ASP F 16 29.33 -33.60 -56.49
C ASP F 16 29.97 -32.55 -57.39
N ASP F 17 29.18 -31.58 -57.86
CA ASP F 17 29.67 -30.46 -58.66
C ASP F 17 29.78 -29.16 -57.86
N ARG F 18 30.03 -29.26 -56.55
CA ARG F 18 29.94 -28.08 -55.70
C ARG F 18 31.00 -27.03 -56.04
N ASN F 19 32.11 -27.43 -56.68
CA ASN F 19 33.16 -26.47 -57.02
C ASN F 19 32.68 -25.42 -58.03
N SER F 20 31.70 -25.75 -58.87
CA SER F 20 31.14 -24.79 -59.81
C SER F 20 29.99 -23.97 -59.25
N ILE F 21 29.55 -24.25 -58.03
CA ILE F 21 28.39 -23.58 -57.45
C ILE F 21 28.81 -22.31 -56.72
N ASN F 22 28.04 -21.25 -56.93
CA ASN F 22 28.32 -19.95 -56.32
C ASN F 22 27.01 -19.17 -56.23
N THR F 23 27.12 -17.86 -56.03
CA THR F 23 25.95 -17.01 -55.86
C THR F 23 25.25 -16.71 -57.19
N THR F 24 25.88 -17.01 -58.32
CA THR F 24 25.25 -16.84 -59.62
C THR F 24 24.44 -18.05 -60.06
N THR F 25 24.64 -19.21 -59.43
CA THR F 25 23.91 -20.41 -59.81
C THR F 25 22.42 -20.23 -59.52
N LYS F 26 21.60 -20.40 -60.56
CA LYS F 26 20.15 -20.32 -60.38
C LYS F 26 19.46 -21.60 -60.81
N GLY F 27 18.32 -21.46 -61.49
CA GLY F 27 17.60 -22.58 -62.06
C GLY F 27 17.11 -23.57 -61.01
N GLU F 28 17.02 -24.84 -61.42
CA GLU F 28 16.44 -25.88 -60.59
C GLU F 28 17.28 -26.13 -59.35
N ILE F 29 18.60 -26.00 -59.46
CA ILE F 29 19.49 -26.27 -58.33
C ILE F 29 19.21 -25.28 -57.19
N LEU F 30 19.11 -23.99 -57.51
CA LEU F 30 18.84 -22.99 -56.48
C LEU F 30 17.47 -23.23 -55.85
N GLU F 31 16.45 -23.46 -56.67
CA GLU F 31 15.11 -23.69 -56.14
C GLU F 31 15.07 -24.96 -55.30
N SER F 32 15.80 -26.00 -55.72
CA SER F 32 15.78 -27.26 -55.00
C SER F 32 16.42 -27.11 -53.62
N VAL F 33 17.56 -26.45 -53.55
CA VAL F 33 18.24 -26.26 -52.27
C VAL F 33 17.39 -25.43 -51.32
N GLU F 34 16.78 -24.34 -51.83
CA GLU F 34 15.90 -23.53 -51.00
C GLU F 34 14.69 -24.32 -50.55
N HIS F 35 14.15 -25.16 -51.43
CA HIS F 35 13.04 -26.03 -51.06
C HIS F 35 13.47 -27.00 -49.96
N ALA F 36 14.68 -27.57 -50.08
CA ALA F 36 15.16 -28.53 -49.09
C ALA F 36 15.32 -27.90 -47.70
N LEU F 37 15.85 -26.68 -47.64
CA LEU F 37 16.03 -26.03 -46.34
C LEU F 37 14.71 -25.56 -45.75
N ASN F 38 13.76 -25.18 -46.61
CA ASN F 38 12.43 -24.81 -46.13
C ASN F 38 11.67 -26.02 -45.60
N LEU F 39 11.84 -27.19 -46.24
CA LEU F 39 11.31 -28.42 -45.67
C LEU F 39 11.94 -28.72 -44.31
N LEU F 40 13.24 -28.49 -44.17
CA LEU F 40 13.86 -28.59 -42.85
C LEU F 40 13.23 -27.60 -41.88
N ASP F 41 13.06 -26.35 -42.32
CA ASP F 41 12.52 -25.30 -41.45
C ASP F 41 11.12 -25.64 -40.96
N LYS F 42 10.32 -26.32 -41.79
CA LYS F 42 8.96 -26.72 -41.39
C LYS F 42 8.93 -28.01 -40.61
N GLY F 43 10.08 -28.64 -40.39
CA GLY F 43 10.12 -29.92 -39.73
C GLY F 43 9.53 -31.05 -40.54
N GLU F 44 9.32 -30.83 -41.83
CA GLU F 44 8.79 -31.87 -42.70
C GLU F 44 9.85 -32.89 -43.06
N VAL F 45 11.13 -32.49 -43.05
CA VAL F 45 12.26 -33.40 -43.11
C VAL F 45 13.19 -33.07 -41.94
N ARG F 46 14.05 -34.02 -41.63
CA ARG F 46 15.02 -33.86 -40.55
C ARG F 46 16.32 -34.55 -40.93
N VAL F 47 17.43 -34.01 -40.41
CA VAL F 47 18.75 -34.49 -40.78
C VAL F 47 18.92 -35.96 -40.41
N VAL F 48 18.36 -36.38 -39.27
CA VAL F 48 18.37 -37.78 -38.85
C VAL F 48 16.99 -38.17 -38.32
N LYS F 49 16.65 -39.45 -38.52
CA LYS F 49 15.43 -40.05 -38.01
C LYS F 49 15.78 -41.29 -37.20
N ARG F 50 15.11 -41.47 -36.07
CA ARG F 50 15.33 -42.65 -35.24
C ARG F 50 14.55 -43.81 -35.84
N GLN F 51 15.26 -44.93 -36.06
CA GLN F 51 14.66 -46.12 -36.62
C GLN F 51 14.01 -46.97 -35.52
N LYS F 52 13.34 -48.05 -35.92
CA LYS F 52 12.68 -48.94 -34.98
C LYS F 52 13.68 -49.54 -33.99
N ASN F 53 14.89 -49.88 -34.47
CA ASN F 53 15.90 -50.48 -33.63
C ASN F 53 16.33 -49.55 -32.49
N GLY F 54 16.05 -48.26 -32.62
CA GLY F 54 16.48 -47.27 -31.65
C GLY F 54 17.74 -46.53 -32.05
N LYS F 55 18.39 -46.93 -33.13
CA LYS F 55 19.56 -46.24 -33.65
C LYS F 55 19.12 -45.12 -34.57
N TRP F 56 19.99 -44.11 -34.71
CA TRP F 56 19.72 -42.93 -35.51
C TRP F 56 20.51 -42.97 -36.82
N HIS F 57 19.84 -42.61 -37.91
CA HIS F 57 20.40 -42.64 -39.25
C HIS F 57 20.43 -41.23 -39.83
N VAL F 58 21.56 -40.87 -40.41
CA VAL F 58 21.76 -39.54 -40.97
C VAL F 58 21.22 -39.50 -42.39
N HIS F 59 20.50 -38.42 -42.73
CA HIS F 59 20.10 -38.14 -44.11
C HIS F 59 21.13 -37.20 -44.73
N GLN F 60 22.15 -37.80 -45.34
CA GLN F 60 23.33 -37.02 -45.76
C GLN F 60 23.00 -35.96 -46.78
N TRP F 61 22.00 -36.19 -47.64
CA TRP F 61 21.68 -35.22 -48.68
C TRP F 61 21.16 -33.91 -48.09
N LEU F 62 20.58 -33.96 -46.90
CA LEU F 62 20.13 -32.74 -46.26
C LEU F 62 21.32 -31.91 -45.77
N LYS F 63 22.37 -32.57 -45.29
CA LYS F 63 23.60 -31.86 -44.96
C LYS F 63 24.23 -31.23 -46.19
N LYS F 64 24.24 -31.97 -47.29
CA LYS F 64 24.79 -31.44 -48.55
C LYS F 64 23.98 -30.24 -49.02
N ALA F 65 22.66 -30.28 -48.84
CA ALA F 65 21.84 -29.13 -49.20
C ALA F 65 22.24 -27.90 -48.39
N VAL F 66 22.40 -28.08 -47.07
CA VAL F 66 22.88 -27.00 -46.22
C VAL F 66 24.24 -26.50 -46.69
N LEU F 67 25.16 -27.43 -46.95
CA LEU F 67 26.48 -27.05 -47.41
C LEU F 67 26.40 -26.28 -48.72
N LEU F 68 25.47 -26.66 -49.60
CA LEU F 68 25.34 -25.94 -50.87
C LEU F 68 24.82 -24.54 -50.68
N SER F 69 23.96 -24.32 -49.68
CA SER F 69 23.41 -22.99 -49.46
C SER F 69 24.49 -21.99 -49.07
N PHE F 70 25.56 -22.44 -48.40
CA PHE F 70 26.67 -21.54 -48.11
C PHE F 70 27.27 -21.03 -49.40
N ARG F 71 27.36 -21.90 -50.41
CA ARG F 71 27.90 -21.48 -51.70
C ARG F 71 26.91 -20.63 -52.47
N LEU F 72 25.60 -20.87 -52.30
CA LEU F 72 24.58 -20.16 -53.06
C LEU F 72 24.33 -18.76 -52.51
N ASN F 73 24.41 -18.56 -51.18
CA ASN F 73 24.00 -17.27 -50.63
C ASN F 73 25.18 -16.30 -50.55
N PRO F 74 24.97 -15.05 -50.93
CA PRO F 74 26.03 -14.05 -50.80
C PRO F 74 26.11 -13.47 -49.40
N MET F 75 27.31 -13.04 -49.03
CA MET F 75 27.49 -12.18 -47.86
C MET F 75 26.73 -10.88 -48.07
N GLN F 76 25.97 -10.46 -47.06
CA GLN F 76 25.11 -9.31 -47.26
C GLN F 76 24.88 -8.55 -45.97
N ILE F 77 24.52 -7.27 -46.14
CA ILE F 77 24.14 -6.41 -45.03
C ILE F 77 22.86 -6.94 -44.40
N MET F 78 22.88 -7.08 -43.07
CA MET F 78 21.71 -7.45 -42.31
C MET F 78 21.47 -6.35 -41.29
N THR F 79 20.28 -5.76 -41.31
CA THR F 79 19.97 -4.62 -40.46
C THR F 79 19.53 -5.08 -39.08
N GLY F 80 19.36 -4.12 -38.17
CA GLY F 80 18.77 -4.36 -36.86
C GLY F 80 19.70 -4.20 -35.66
N GLY F 81 20.93 -3.76 -35.87
CA GLY F 81 21.90 -3.59 -34.80
C GLY F 81 21.76 -2.27 -34.06
N VAL F 82 22.61 -2.12 -33.05
CA VAL F 82 22.54 -0.92 -32.21
C VAL F 82 22.81 0.32 -33.05
N ASN F 83 22.01 1.39 -32.82
CA ASN F 83 22.18 2.68 -33.48
C ASN F 83 22.08 2.55 -34.99
N GLY F 84 21.33 1.57 -35.46
CA GLY F 84 21.13 1.33 -36.88
C GLY F 84 22.27 0.62 -37.58
N THR F 85 23.24 0.09 -36.86
CA THR F 85 24.33 -0.67 -37.47
C THR F 85 23.81 -2.00 -38.01
N SER F 86 24.72 -2.71 -38.69
CA SER F 86 24.40 -3.91 -39.46
C SER F 86 25.23 -5.11 -39.04
N TRP F 87 24.80 -6.27 -39.55
CA TRP F 87 25.59 -7.49 -39.54
C TRP F 87 25.98 -7.85 -40.97
N TRP F 88 26.85 -8.85 -41.09
CA TRP F 88 27.45 -9.23 -42.36
C TRP F 88 27.54 -10.76 -42.36
N ASP F 89 26.59 -11.40 -43.03
CA ASP F 89 26.42 -12.85 -42.96
C ASP F 89 25.68 -13.30 -44.22
N LYS F 90 25.55 -14.62 -44.38
CA LYS F 90 24.88 -15.19 -45.55
C LYS F 90 23.78 -16.20 -45.20
N VAL F 91 23.32 -16.25 -43.95
CA VAL F 91 22.25 -17.14 -43.53
C VAL F 91 21.09 -16.29 -43.02
N PRO F 92 19.91 -16.38 -43.62
CA PRO F 92 18.78 -15.57 -43.17
C PRO F 92 18.20 -16.10 -41.86
N SER F 93 17.51 -15.22 -41.15
CA SER F 93 16.78 -15.64 -39.97
C SER F 93 15.60 -16.53 -40.37
N LYS F 94 15.23 -17.43 -39.45
CA LYS F 94 14.01 -18.21 -39.63
C LYS F 94 12.79 -17.31 -39.78
N PHE F 95 12.81 -16.17 -39.10
CA PHE F 95 11.66 -15.30 -38.98
C PHE F 95 11.57 -14.29 -40.11
N SER F 96 12.40 -14.44 -41.14
CA SER F 96 12.31 -13.58 -42.30
C SER F 96 10.90 -13.58 -42.84
N HIS F 97 10.31 -12.40 -42.94
CA HIS F 97 8.97 -12.14 -43.47
C HIS F 97 7.86 -12.68 -42.57
N TRP F 98 8.17 -13.13 -41.36
CA TRP F 98 7.11 -13.69 -40.49
C TRP F 98 6.22 -12.60 -39.92
N GLN F 99 4.91 -12.82 -39.99
CA GLN F 99 3.92 -11.92 -39.43
C GLN F 99 3.25 -12.64 -38.26
N GLU F 100 2.29 -11.94 -37.64
CA GLU F 100 1.56 -12.54 -36.53
C GLU F 100 0.96 -13.89 -36.92
N ALA F 101 0.38 -13.98 -38.13
CA ALA F 101 -0.25 -15.21 -38.58
C ALA F 101 0.76 -16.34 -38.65
N ASP F 102 1.99 -16.04 -39.08
CA ASP F 102 3.03 -17.05 -39.11
C ASP F 102 3.40 -17.52 -37.70
N PHE F 103 3.55 -16.59 -36.76
CA PHE F 103 3.87 -16.95 -35.39
C PHE F 103 2.76 -17.75 -34.75
N LYS F 104 1.51 -17.37 -35.02
CA LYS F 104 0.40 -18.11 -34.44
C LYS F 104 0.35 -19.53 -34.97
N LYS F 105 0.59 -19.71 -36.28
CA LYS F 105 0.56 -21.05 -36.86
C LYS F 105 1.70 -21.90 -36.29
N ALA F 106 2.91 -21.32 -36.19
CA ALA F 106 4.01 -22.10 -35.64
C ALA F 106 3.78 -22.44 -34.16
N ASP F 107 3.05 -21.58 -33.43
CA ASP F 107 2.54 -21.89 -32.09
C ASP F 107 3.66 -22.11 -31.08
N PHE F 108 4.77 -21.40 -31.24
CA PHE F 108 5.79 -21.36 -30.21
C PHE F 108 6.03 -19.93 -29.77
N ARG F 109 6.76 -19.80 -28.68
CA ARG F 109 7.04 -18.54 -28.02
C ARG F 109 8.48 -18.13 -28.27
N SER F 110 8.70 -16.93 -28.78
CA SER F 110 10.04 -16.44 -29.12
C SER F 110 10.30 -15.15 -28.33
N VAL F 111 11.04 -15.31 -27.24
CA VAL F 111 11.31 -14.18 -26.35
C VAL F 111 12.33 -13.27 -27.01
N PRO F 112 12.14 -11.95 -26.95
CA PRO F 112 13.11 -11.03 -27.54
C PRO F 112 14.53 -11.36 -27.10
N GLY F 113 15.41 -11.52 -28.08
CA GLY F 113 16.75 -12.03 -27.84
C GLY F 113 16.98 -13.42 -28.39
N ALA F 114 15.90 -14.15 -28.67
CA ALA F 114 16.05 -15.44 -29.30
C ALA F 114 16.57 -15.27 -30.72
N ILE F 115 17.47 -16.13 -31.13
CA ILE F 115 18.05 -16.09 -32.47
C ILE F 115 17.92 -17.47 -33.10
N VAL F 116 17.25 -17.54 -34.25
CA VAL F 116 17.05 -18.80 -34.97
C VAL F 116 17.35 -18.59 -36.44
N ARG F 117 18.27 -19.38 -36.99
CA ARG F 117 18.58 -19.36 -38.41
C ARG F 117 17.62 -20.24 -39.20
N HIS F 118 17.33 -19.82 -40.42
CA HIS F 118 16.50 -20.58 -41.34
C HIS F 118 17.03 -21.99 -41.56
N SER F 119 16.08 -22.94 -41.66
CA SER F 119 16.26 -24.38 -41.84
C SER F 119 16.20 -25.12 -40.52
N ALA F 120 16.18 -24.38 -39.40
CA ALA F 120 15.96 -25.00 -38.10
C ALA F 120 14.47 -25.13 -37.82
N TYR F 121 14.06 -26.31 -37.38
CA TYR F 121 12.68 -26.56 -37.04
C TYR F 121 12.45 -26.29 -35.56
N ILE F 122 11.38 -25.55 -35.27
CA ILE F 122 10.93 -25.22 -33.92
C ILE F 122 9.49 -25.68 -33.79
N ALA F 123 9.22 -26.58 -32.86
CA ALA F 123 7.90 -27.22 -32.76
C ALA F 123 6.92 -26.35 -31.97
N PRO F 124 5.62 -26.65 -32.06
CA PRO F 124 4.65 -25.92 -31.22
C PRO F 124 4.95 -26.04 -29.73
N ASN F 125 4.57 -24.99 -28.99
CA ASN F 125 4.71 -24.93 -27.53
C ASN F 125 6.18 -24.97 -27.08
N VAL F 126 7.10 -24.71 -27.98
CA VAL F 126 8.48 -24.50 -27.55
C VAL F 126 8.61 -23.09 -26.98
N ILE F 127 9.49 -22.93 -26.01
CA ILE F 127 9.80 -21.60 -25.49
C ILE F 127 11.27 -21.32 -25.77
N LEU F 128 11.52 -20.34 -26.62
CA LEU F 128 12.86 -19.86 -26.92
C LEU F 128 13.10 -18.62 -26.07
N MET F 129 13.87 -18.78 -24.98
CA MET F 129 14.46 -17.67 -24.25
C MET F 129 15.55 -17.05 -25.13
N PRO F 130 16.15 -15.91 -24.74
CA PRO F 130 17.31 -15.43 -25.53
C PRO F 130 18.33 -16.55 -25.61
N SER F 131 18.64 -16.96 -26.83
CA SER F 131 19.33 -18.22 -27.10
C SER F 131 19.65 -18.24 -28.60
N PHE F 132 20.33 -19.31 -29.04
CA PHE F 132 20.71 -19.39 -30.44
C PHE F 132 20.46 -20.80 -30.96
N VAL F 133 19.71 -20.89 -32.06
CA VAL F 133 19.42 -22.16 -32.72
C VAL F 133 19.92 -22.07 -34.15
N ASN F 134 20.89 -22.93 -34.48
CA ASN F 134 21.64 -22.88 -35.72
C ASN F 134 21.01 -23.81 -36.77
N LEU F 135 21.65 -23.84 -37.94
CA LEU F 135 21.12 -24.48 -39.15
C LEU F 135 20.81 -25.97 -38.96
N GLY F 136 19.72 -26.42 -39.60
CA GLY F 136 19.34 -27.80 -39.66
C GLY F 136 18.92 -28.42 -38.35
N ALA F 137 18.79 -27.63 -37.30
CA ALA F 137 18.42 -28.18 -36.00
C ALA F 137 16.92 -28.46 -35.95
N PHE F 138 16.55 -29.35 -35.02
CA PHE F 138 15.17 -29.82 -34.85
C PHE F 138 14.89 -29.81 -33.35
N VAL F 139 13.95 -28.97 -32.93
CA VAL F 139 13.63 -28.81 -31.53
C VAL F 139 12.15 -29.13 -31.40
N ASP F 140 11.85 -30.30 -30.84
CA ASP F 140 10.52 -30.86 -30.84
C ASP F 140 9.68 -30.27 -29.71
N GLU F 141 8.44 -30.75 -29.63
CA GLU F 141 7.35 -30.03 -28.98
C GLU F 141 7.51 -29.96 -27.47
N GLY F 142 7.07 -28.82 -26.90
CA GLY F 142 7.10 -28.58 -25.47
C GLY F 142 8.49 -28.40 -24.87
N THR F 143 9.48 -28.15 -25.69
CA THR F 143 10.84 -28.06 -25.21
C THR F 143 11.14 -26.62 -24.79
N MET F 144 11.89 -26.49 -23.69
CA MET F 144 12.33 -25.20 -23.17
C MET F 144 13.78 -25.00 -23.58
N VAL F 145 14.05 -23.90 -24.27
CA VAL F 145 15.43 -23.53 -24.55
C VAL F 145 15.71 -22.26 -23.75
N ASP F 146 16.42 -22.42 -22.62
CA ASP F 146 16.58 -21.36 -21.63
C ASP F 146 17.67 -20.37 -22.02
N THR F 147 17.91 -19.40 -21.16
CA THR F 147 18.67 -18.21 -21.55
C THR F 147 20.13 -18.54 -21.87
N TRP F 148 20.55 -18.12 -23.08
CA TRP F 148 21.88 -18.38 -23.65
C TRP F 148 22.24 -19.85 -23.71
N ALA F 149 21.23 -20.68 -23.92
CA ALA F 149 21.49 -22.01 -24.41
C ALA F 149 21.76 -21.94 -25.91
N THR F 150 22.39 -22.99 -26.43
CA THR F 150 22.72 -23.06 -27.84
C THR F 150 22.34 -24.42 -28.38
N VAL F 151 21.56 -24.43 -29.47
CA VAL F 151 21.27 -25.63 -30.20
C VAL F 151 22.10 -25.58 -31.48
N GLY F 152 23.15 -26.39 -31.52
CA GLY F 152 24.12 -26.35 -32.60
C GLY F 152 23.57 -26.98 -33.87
N SER F 153 24.39 -26.90 -34.91
CA SER F 153 23.97 -27.32 -36.26
C SER F 153 23.51 -28.77 -36.32
N CYS F 154 22.34 -28.98 -36.94
CA CYS F 154 21.73 -30.30 -37.18
C CYS F 154 21.36 -31.03 -35.89
N ALA F 155 21.55 -30.39 -34.74
CA ALA F 155 21.25 -31.07 -33.48
C ALA F 155 19.77 -31.42 -33.40
N GLN F 156 19.50 -32.55 -32.76
CA GLN F 156 18.14 -33.01 -32.57
C GLN F 156 17.80 -32.91 -31.09
N ILE F 157 16.75 -32.15 -30.80
CA ILE F 157 16.21 -32.00 -29.47
C ILE F 157 14.81 -32.61 -29.50
N GLY F 158 14.58 -33.61 -28.64
CA GLY F 158 13.32 -34.33 -28.64
C GLY F 158 12.20 -33.52 -27.97
N LYS F 159 11.05 -34.19 -27.80
CA LYS F 159 9.88 -33.57 -27.18
C LYS F 159 10.05 -33.42 -25.68
N HIS F 160 9.53 -32.31 -25.14
CA HIS F 160 9.48 -32.05 -23.68
C HIS F 160 10.87 -32.14 -23.04
N VAL F 161 11.82 -31.60 -23.70
CA VAL F 161 13.18 -31.51 -23.18
C VAL F 161 13.33 -30.17 -22.45
N HIS F 162 14.13 -30.16 -21.40
CA HIS F 162 14.47 -28.92 -20.75
C HIS F 162 15.98 -28.66 -20.88
N LEU F 163 16.34 -27.70 -21.74
CA LEU F 163 17.71 -27.24 -21.86
C LEU F 163 17.87 -26.00 -20.96
N SER F 164 18.56 -26.18 -19.84
CA SER F 164 18.64 -25.12 -18.85
C SER F 164 19.56 -24.00 -19.35
N GLY F 165 19.67 -22.96 -18.52
CA GLY F 165 20.41 -21.78 -18.95
C GLY F 165 21.87 -22.11 -19.25
N GLY F 166 22.38 -21.53 -20.32
CA GLY F 166 23.77 -21.72 -20.64
C GLY F 166 24.12 -23.12 -21.10
N VAL F 167 23.14 -23.92 -21.48
CA VAL F 167 23.41 -25.25 -21.98
C VAL F 167 23.83 -25.15 -23.44
N GLY F 168 24.88 -25.88 -23.81
CA GLY F 168 25.31 -25.96 -25.19
C GLY F 168 25.08 -27.36 -25.74
N ILE F 169 24.42 -27.42 -26.90
CA ILE F 169 24.27 -28.65 -27.66
C ILE F 169 25.12 -28.51 -28.93
N GLY F 170 26.22 -29.26 -29.01
CA GLY F 170 27.22 -28.98 -30.03
C GLY F 170 26.74 -29.33 -31.42
N GLY F 171 27.16 -28.53 -32.40
CA GLY F 171 26.73 -28.73 -33.76
C GLY F 171 27.58 -29.75 -34.51
N VAL F 172 26.96 -30.40 -35.49
CA VAL F 172 27.66 -31.39 -36.31
C VAL F 172 27.19 -31.22 -37.75
N LEU F 173 28.05 -30.67 -38.60
CA LEU F 173 27.73 -30.61 -40.01
C LEU F 173 28.55 -31.64 -40.76
N GLU F 174 29.78 -31.34 -41.06
CA GLU F 174 30.44 -32.54 -41.55
C GLU F 174 31.35 -33.12 -40.47
N PRO F 175 31.81 -34.37 -40.61
CA PRO F 175 31.65 -35.32 -41.73
C PRO F 175 30.21 -35.66 -42.07
N LEU F 176 29.96 -35.84 -43.36
CA LEU F 176 28.61 -36.07 -43.84
C LEU F 176 28.00 -37.28 -43.14
N GLN F 177 28.82 -38.30 -42.88
CA GLN F 177 28.40 -39.53 -42.21
C GLN F 177 28.27 -39.38 -40.70
N ALA F 178 28.80 -38.31 -40.11
CA ALA F 178 28.79 -38.19 -38.65
C ALA F 178 27.40 -37.86 -38.13
N ASN F 179 26.96 -38.59 -37.10
CA ASN F 179 25.70 -38.28 -36.44
C ASN F 179 25.78 -36.90 -35.78
N PRO F 180 24.71 -36.11 -35.85
CA PRO F 180 24.64 -34.89 -35.03
C PRO F 180 24.36 -35.24 -33.56
N THR F 181 24.55 -34.25 -32.70
CA THR F 181 24.19 -34.40 -31.29
C THR F 181 22.68 -34.54 -31.13
N ILE F 182 22.26 -35.49 -30.28
CA ILE F 182 20.87 -35.88 -30.10
C ILE F 182 20.50 -35.86 -28.62
N ILE F 183 19.39 -35.20 -28.31
CA ILE F 183 18.79 -35.20 -26.98
C ILE F 183 17.41 -35.80 -27.13
N GLU F 184 17.22 -37.01 -26.59
CA GLU F 184 15.94 -37.68 -26.79
C GLU F 184 14.88 -37.08 -25.88
N ASP F 185 13.66 -37.58 -26.05
CA ASP F 185 12.48 -37.03 -25.39
C ASP F 185 12.66 -37.00 -23.89
N HIS F 186 12.10 -35.94 -23.26
CA HIS F 186 11.93 -35.87 -21.81
C HIS F 186 13.26 -35.86 -21.04
N CYS F 187 14.33 -35.36 -21.64
CA CYS F 187 15.56 -35.18 -20.89
C CYS F 187 15.57 -33.84 -20.16
N PHE F 188 16.16 -33.81 -18.98
CA PHE F 188 16.49 -32.57 -18.31
C PHE F 188 18.00 -32.38 -18.38
N ILE F 189 18.44 -31.25 -18.92
CA ILE F 189 19.86 -30.93 -18.98
C ILE F 189 20.08 -29.67 -18.12
N GLY F 190 20.76 -29.84 -16.98
CA GLY F 190 20.93 -28.74 -16.04
C GLY F 190 21.87 -27.65 -16.53
N ALA F 191 21.79 -26.49 -15.85
CA ALA F 191 22.48 -25.29 -16.33
C ALA F 191 23.99 -25.53 -16.52
N ARG F 192 24.54 -24.84 -17.53
CA ARG F 192 25.95 -24.85 -17.92
C ARG F 192 26.42 -26.18 -18.47
N SER F 193 25.55 -27.18 -18.60
CA SER F 193 25.99 -28.46 -19.14
C SER F 193 26.29 -28.32 -20.64
N GLU F 194 27.02 -29.31 -21.16
CA GLU F 194 27.40 -29.30 -22.56
C GLU F 194 27.40 -30.73 -23.08
N VAL F 195 26.76 -30.94 -24.23
CA VAL F 195 26.74 -32.21 -24.95
C VAL F 195 27.07 -31.92 -26.41
N VAL F 196 28.19 -32.47 -26.90
CA VAL F 196 28.77 -32.07 -28.19
C VAL F 196 29.10 -33.31 -29.03
N GLU F 197 29.59 -33.04 -30.25
CA GLU F 197 30.30 -34.01 -31.10
C GLU F 197 29.50 -35.29 -31.34
N GLY F 198 28.18 -35.15 -31.50
CA GLY F 198 27.37 -36.28 -31.87
C GLY F 198 27.10 -37.26 -30.77
N CYS F 199 27.32 -36.86 -29.52
CA CYS F 199 26.93 -37.72 -28.42
C CYS F 199 25.41 -37.72 -28.31
N ILE F 200 24.86 -38.79 -27.73
CA ILE F 200 23.43 -38.95 -27.60
C ILE F 200 23.05 -39.14 -26.13
N ILE F 201 22.07 -38.38 -25.67
CA ILE F 201 21.47 -38.52 -24.34
C ILE F 201 20.13 -39.20 -24.53
N ARG F 202 20.03 -40.46 -24.12
CA ARG F 202 18.82 -41.24 -24.36
C ARG F 202 17.65 -40.77 -23.49
N GLU F 203 16.47 -41.27 -23.86
CA GLU F 203 15.21 -40.76 -23.32
CA GLU F 203 15.21 -40.77 -23.33
C GLU F 203 15.18 -40.80 -21.80
N GLY F 204 14.62 -39.74 -21.21
CA GLY F 204 14.34 -39.67 -19.79
C GLY F 204 15.51 -39.29 -18.92
N SER F 205 16.65 -38.93 -19.48
CA SER F 205 17.82 -38.70 -18.66
C SER F 205 17.78 -37.32 -18.00
N VAL F 206 18.48 -37.23 -16.88
CA VAL F 206 18.55 -36.03 -16.07
C VAL F 206 20.04 -35.74 -15.89
N LEU F 207 20.50 -34.63 -16.46
CA LEU F 207 21.87 -34.19 -16.30
C LEU F 207 21.88 -33.02 -15.31
N GLY F 208 22.66 -33.14 -14.27
CA GLY F 208 22.81 -32.04 -13.34
C GLY F 208 23.57 -30.89 -13.98
N MET F 209 23.87 -29.89 -13.14
CA MET F 209 24.60 -28.73 -13.63
C MET F 209 26.05 -29.09 -13.90
N GLY F 210 26.60 -28.52 -14.96
CA GLY F 210 28.02 -28.69 -15.18
C GLY F 210 28.44 -30.05 -15.67
N VAL F 211 27.53 -30.78 -16.28
CA VAL F 211 27.88 -32.06 -16.89
C VAL F 211 28.38 -31.75 -18.30
N PHE F 212 29.61 -32.17 -18.61
CA PHE F 212 30.14 -32.03 -19.96
C PHE F 212 30.30 -33.42 -20.55
N ILE F 213 29.70 -33.65 -21.71
CA ILE F 213 29.78 -34.93 -22.39
C ILE F 213 30.20 -34.67 -23.83
N GLY F 214 31.46 -35.00 -24.13
CA GLY F 214 31.99 -34.97 -25.48
C GLY F 214 32.38 -36.38 -25.90
N LYS F 215 32.93 -36.44 -27.11
CA LYS F 215 33.35 -37.72 -27.68
C LYS F 215 34.38 -38.43 -26.80
N SER F 216 35.25 -37.67 -26.14
CA SER F 216 36.30 -38.23 -25.30
C SER F 216 36.04 -37.98 -23.81
N THR F 217 34.81 -38.17 -23.37
CA THR F 217 34.46 -38.07 -21.97
C THR F 217 34.06 -39.43 -21.44
N LYS F 218 34.71 -39.86 -20.36
CA LYS F 218 34.34 -41.11 -19.71
C LYS F 218 33.03 -40.91 -18.94
N ILE F 219 32.07 -41.80 -19.19
CA ILE F 219 30.77 -41.79 -18.50
C ILE F 219 30.69 -43.09 -17.73
N ILE F 220 30.68 -43.03 -16.39
CA ILE F 220 30.77 -44.25 -15.59
C ILE F 220 29.52 -44.38 -14.72
N ASP F 221 28.93 -45.57 -14.73
CA ASP F 221 27.83 -45.88 -13.83
C ASP F 221 28.41 -46.24 -12.47
N ARG F 222 28.11 -45.43 -11.47
CA ARG F 222 28.67 -45.59 -10.14
C ARG F 222 28.26 -46.92 -9.53
N THR F 223 27.10 -47.44 -9.91
CA THR F 223 26.64 -48.68 -9.30
C THR F 223 27.10 -49.92 -10.04
N THR F 224 27.03 -49.90 -11.37
CA THR F 224 27.33 -51.09 -12.18
C THR F 224 28.80 -51.16 -12.59
N GLY F 225 29.51 -50.03 -12.65
CA GLY F 225 30.86 -50.04 -13.14
C GLY F 225 30.96 -49.89 -14.64
N GLU F 226 29.83 -49.83 -15.34
CA GLU F 226 29.86 -49.71 -16.78
C GLU F 226 30.38 -48.34 -17.19
N ILE F 227 31.24 -48.34 -18.22
CA ILE F 227 31.76 -47.13 -18.82
C ILE F 227 31.15 -47.03 -20.21
N PHE F 228 30.56 -45.87 -20.50
CA PHE F 228 29.99 -45.54 -21.78
C PHE F 228 30.83 -44.47 -22.46
N ILE F 229 30.82 -44.48 -23.79
CA ILE F 229 31.53 -43.49 -24.59
C ILE F 229 30.55 -42.88 -25.57
N GLY F 230 30.34 -41.57 -25.48
CA GLY F 230 29.51 -40.84 -26.42
C GLY F 230 28.02 -41.07 -26.27
N GLU F 231 27.59 -41.74 -25.21
CA GLU F 231 26.19 -42.10 -25.08
C GLU F 231 25.84 -42.17 -23.61
N VAL F 232 24.65 -41.67 -23.27
CA VAL F 232 24.05 -41.83 -21.95
C VAL F 232 22.85 -42.75 -22.07
N PRO F 233 22.79 -43.87 -21.34
CA PRO F 233 21.67 -44.82 -21.51
C PRO F 233 20.35 -44.22 -21.04
N PRO F 234 19.22 -44.80 -21.43
CA PRO F 234 17.93 -44.18 -21.10
C PRO F 234 17.75 -44.02 -19.60
N TYR F 235 17.14 -42.89 -19.21
CA TYR F 235 16.73 -42.64 -17.83
C TYR F 235 17.92 -42.62 -16.88
N SER F 236 19.04 -42.09 -17.33
CA SER F 236 20.20 -41.95 -16.47
C SER F 236 20.15 -40.62 -15.73
N VAL F 237 20.53 -40.66 -14.46
CA VAL F 237 20.76 -39.46 -13.65
C VAL F 237 22.27 -39.24 -13.62
N VAL F 238 22.74 -38.11 -14.14
CA VAL F 238 24.15 -37.89 -14.42
C VAL F 238 24.63 -36.63 -13.71
N VAL F 239 25.78 -36.73 -13.05
CA VAL F 239 26.36 -35.57 -12.37
C VAL F 239 27.85 -35.51 -12.66
N PRO F 240 28.47 -34.34 -12.49
CA PRO F 240 29.91 -34.24 -12.75
C PRO F 240 30.70 -34.92 -11.65
N GLY F 241 31.77 -35.59 -12.05
CA GLY F 241 32.61 -36.30 -11.10
C GLY F 241 34.06 -36.35 -11.54
N SER F 242 34.87 -37.24 -10.97
CA SER F 242 36.26 -37.34 -11.38
C SER F 242 36.82 -38.72 -11.03
N LEU F 243 37.80 -39.17 -11.83
CA LEU F 243 38.35 -40.50 -11.59
C LEU F 243 39.82 -40.40 -11.21
N PRO F 244 40.33 -41.35 -10.42
CA PRO F 244 41.73 -41.27 -9.98
C PRO F 244 42.73 -41.39 -11.12
N GLY F 245 43.88 -40.74 -10.95
CA GLY F 245 44.98 -40.83 -11.88
C GLY F 245 46.14 -41.62 -11.29
N LYS F 246 47.19 -41.72 -12.09
CA LYS F 246 48.39 -42.37 -11.63
C LYS F 246 49.13 -41.45 -10.65
N PRO F 247 49.85 -42.02 -9.69
CA PRO F 247 50.61 -41.19 -8.76
C PRO F 247 51.76 -40.46 -9.47
N LEU F 248 52.14 -39.32 -8.91
CA LEU F 248 53.24 -38.52 -9.42
C LEU F 248 54.59 -39.18 -9.12
N PRO F 249 55.63 -38.84 -9.88
CA PRO F 249 56.93 -39.50 -9.66
C PRO F 249 57.46 -39.40 -8.24
N ASN F 250 57.07 -38.36 -7.48
CA ASN F 250 57.49 -38.24 -6.08
C ASN F 250 56.74 -39.19 -5.15
N GLY F 251 55.74 -39.91 -5.65
CA GLY F 251 54.97 -40.81 -4.84
C GLY F 251 53.68 -40.25 -4.30
N GLU F 252 53.39 -38.97 -4.55
CA GLU F 252 52.19 -38.33 -4.06
C GLU F 252 51.02 -38.64 -5.01
N ILE F 253 49.80 -38.53 -4.48
CA ILE F 253 48.64 -38.87 -5.30
C ILE F 253 48.58 -37.91 -6.49
N GLY F 254 48.37 -38.48 -7.68
CA GLY F 254 48.24 -37.67 -8.87
C GLY F 254 46.87 -37.03 -8.93
N PRO F 255 46.68 -36.15 -9.91
CA PRO F 255 45.37 -35.49 -10.02
C PRO F 255 44.28 -36.44 -10.51
N ASN F 256 43.08 -36.20 -10.02
CA ASN F 256 41.88 -36.80 -10.59
C ASN F 256 41.52 -36.07 -11.88
N LEU F 257 40.84 -36.76 -12.79
CA LEU F 257 40.43 -36.20 -14.06
C LEU F 257 38.91 -36.22 -14.16
N TYR F 258 38.38 -35.16 -14.76
CA TYR F 258 36.95 -34.96 -14.84
C TYR F 258 36.30 -36.11 -15.61
N CYS F 259 35.09 -36.48 -15.16
CA CYS F 259 34.24 -37.43 -15.85
C CYS F 259 32.77 -37.13 -15.50
N ALA F 260 31.87 -37.78 -16.23
CA ALA F 260 30.45 -37.77 -15.88
C ALA F 260 30.13 -39.06 -15.14
N VAL F 261 29.27 -38.97 -14.13
CA VAL F 261 28.94 -40.12 -13.29
C VAL F 261 27.44 -40.38 -13.37
N ILE F 262 27.05 -41.59 -13.77
CA ILE F 262 25.66 -42.02 -13.67
C ILE F 262 25.44 -42.51 -12.25
N VAL F 263 24.67 -41.76 -11.47
CA VAL F 263 24.45 -42.12 -10.07
C VAL F 263 23.17 -42.94 -9.87
N LYS F 264 22.23 -42.87 -10.81
CA LYS F 264 21.03 -43.69 -10.74
C LYS F 264 20.58 -43.96 -12.16
N ARG F 265 19.92 -45.09 -12.35
CA ARG F 265 19.22 -45.40 -13.59
C ARG F 265 17.77 -45.66 -13.22
N VAL F 266 16.88 -44.80 -13.70
CA VAL F 266 15.49 -44.85 -13.29
C VAL F 266 14.69 -45.29 -14.49
N ASP F 267 13.42 -44.89 -14.55
CA ASP F 267 12.50 -45.35 -15.57
C ASP F 267 11.46 -44.26 -15.78
N GLN F 268 10.54 -44.50 -16.72
CA GLN F 268 9.54 -43.48 -17.01
C GLN F 268 8.67 -43.20 -15.79
N LYS F 269 8.27 -44.25 -15.05
CA LYS F 269 7.37 -44.05 -13.91
C LYS F 269 8.02 -43.23 -12.80
N THR F 270 9.31 -43.48 -12.52
CA THR F 270 10.01 -42.66 -11.54
C THR F 270 10.08 -41.21 -11.97
N ARG F 271 10.32 -40.93 -13.26
CA ARG F 271 10.50 -39.56 -13.73
C ARG F 271 9.23 -38.73 -13.53
N GLU F 272 8.07 -39.32 -13.86
CA GLU F 272 6.79 -38.63 -13.72
C GLU F 272 6.43 -38.42 -12.24
N LYS F 273 6.92 -39.30 -11.38
CA LYS F 273 6.62 -39.27 -9.96
C LYS F 273 7.58 -38.37 -9.16
N THR F 274 8.82 -38.25 -9.60
CA THR F 274 9.86 -37.61 -8.81
C THR F 274 10.37 -36.33 -9.45
N SER F 275 10.59 -35.31 -8.61
CA SER F 275 11.12 -34.05 -9.12
C SER F 275 12.60 -34.19 -9.48
N ILE F 276 13.03 -33.28 -10.35
CA ILE F 276 14.42 -33.25 -10.83
C ILE F 276 15.38 -33.14 -9.66
N ASN F 277 15.08 -32.22 -8.74
CA ASN F 277 15.95 -31.98 -7.59
C ASN F 277 16.02 -33.19 -6.69
N ASP F 278 14.89 -33.88 -6.50
CA ASP F 278 14.89 -35.12 -5.74
C ASP F 278 15.71 -36.19 -6.44
N LEU F 279 15.58 -36.28 -7.77
CA LEU F 279 16.35 -37.27 -8.52
C LEU F 279 17.84 -37.04 -8.38
N LEU F 280 18.27 -35.79 -8.21
CA LEU F 280 19.69 -35.49 -8.09
C LEU F 280 20.24 -35.62 -6.66
N ARG F 281 19.39 -35.80 -5.65
CA ARG F 281 19.89 -35.88 -4.27
C ARG F 281 20.41 -37.29 -3.95
N ASP F 282 19.54 -38.28 -4.04
CA ASP F 282 19.84 -39.66 -3.63
C ASP F 282 20.52 -39.73 -2.26
CL CL G . -3.73 22.12 20.35
CL CL H . -4.16 0.14 18.22
CL CL I . -13.33 27.78 38.36
CL CL J . -16.14 39.38 20.79
CL CL K . 8.48 -3.59 -24.98
CL CL L . 16.72 -12.32 -42.32
CL CL M . 27.32 2.96 -32.07
#